data_6UWZ
#
_entry.id   6UWZ
#
_cell.length_a   1.00
_cell.length_b   1.00
_cell.length_c   1.00
_cell.angle_alpha   90.00
_cell.angle_beta   90.00
_cell.angle_gamma   90.00
#
_symmetry.space_group_name_H-M   'P 1'
#
loop_
_entity.id
_entity.type
_entity.pdbx_description
1 polymer 'Acetylcholine receptor subunit alpha'
2 polymer 'Acetylcholine receptor subunit delta'
3 polymer 'Acetylcholine receptor subunit beta'
4 polymer 'Acetylcholine receptor subunit gamma'
5 polymer Alpha-bungarotoxin
6 branched alpha-D-mannopyranose-(1-2)-alpha-D-mannopyranose-(1-2)-alpha-D-mannopyranose-(1-3)-[alpha-D-mannopyranose-(1-2)-alpha-D-mannopyranose-(1-6)-[alpha-D-mannopyranose-(1-3)]alpha-D-mannopyranose-(1-6)]beta-D-mannopyranose-(1-4)-2-acetamido-2-deoxy-beta-D-glucopyranose-(1-4)-2-acetamido-2-deoxy-beta-D-glucopyranose
7 branched beta-D-mannopyranose-(1-4)-2-acetamido-2-deoxy-beta-D-glucopyranose-(1-4)-2-acetamido-2-deoxy-beta-D-glucopyranose
8 branched alpha-D-mannopyranose-(1-6)-alpha-D-mannopyranose-(1-6)-2-acetamido-2-deoxy-beta-D-glucopyranose-(1-4)-2-acetamido-2-deoxy-beta-D-glucopyranose-(1-4)-2-acetamido-2-deoxy-beta-D-glucopyranose
9 non-polymer '(2S)-3-(hexadecanoyloxy)-2-[(9Z)-octadec-9-enoyloxy]propyl 2-(trimethylammonio)ethyl phosphate'
10 non-polymer 2-acetamido-2-deoxy-beta-D-glucopyranose
11 non-polymer N-OCTANE
12 water water
#
loop_
_entity_poly.entity_id
_entity_poly.type
_entity_poly.pdbx_seq_one_letter_code
_entity_poly.pdbx_strand_id
1 'polypeptide(L)'
;SEHETRLVANLLENYNKVIRPVEHHTHFVDITVGLQLIQLISVDEVNQIVETNVRLRQQWIDVRLRWNPADYGGIKKIRL
PSDDVWLPDLVLYNNADGDFAIVHMTKLLLDYTGKIMWTPPAIFKSYCEIIVTHFPFDQQNCTMKLGIWTYDGTKVSISP
ESDRPDLSTFMESGEWVMKDYRGWKHWVYYTCCPDTPYLDITYHFIMQRIPLYFVVNVIIPCLLFSFLTGLVFYLPTDSG
EKMTLSISVLLSLTVFLLVIVELIPSTSSAVPLIGKYMLFTMIFVISSIIITVVVINTHHRSPSTHTMPQWVRKIFIDTI
PNVMFFSTMKRASKEKQENKIFADDIDISDISGKQVTGEVIFQTPLIKNPDVKSAIEGVKYIAEHMKSDEESSNAAEEWK
YVAMVIDHILLCVFMLICIIGTVSVFAGRLIELSQEG
;
A,D
2 'polypeptide(L)'
;VNEEERLINDLLIVNKYNKHVRPVKHNNEVVNIALSLTLSNLISLKETDETLTSNVWMDHAWYDHRLTWNASEYSDISIL
RLPPELVWIPDIVLQNNNDGQYHVAYFCNVLVRPNGYVTWLPPAIFRSSCPINVLYFPFDWQNCSLKFTALNYDANEITM
DLMTDTIDGKDYPIEWIIIDPEAFTENGEWEIIHKPAKKNIYPDKFPNGTNYQDVTFYLIIRRKPLFYVINFITPCVLIS
FLASLAFYLPAESGEKMSTAISVLLAQAVFLLLTSQRLPETALAVPLIGKYLMFIMSLVTGVIVNCGIVLNFHFRTPSTH
VLSTRVKQIFLEKLPRILHMSRADESEQPDWQNDLKLRRSSSVGYISKAQEYFNIKSRSELMFEKQSERHGLVPRVTPRI
GFGNNNENIAASDQLHDEIKSGIDSTNYIVKQIKEKNAYDEEVGNWNLVGQTIDRLSMFIITPVMVLGTIFIFVMGNFNH
PPAKPFEGDPFDYSSDHPRCA
;
B
3 'polypeptide(L)'
;SVMEDTLLSVLFETYNPKVRPAQTVGDKVTVRVGLTLTNLLILNEKIEEMTTNVFLNLAWTDYRLQWDPAAYEGIKDLRI
PSSDVWQPDIVLMNNNDGSFEITLHVNVLVQHTGAVSWQPSAIYRSSCTIKVMYFPFDWQNCTMVFKSYTYDTSEVTLQH
ALDAKGEREVKEIVINKDAFTENGQWSIEHKPSRKNWRSDDPSYEDVTFYLIIQRKPLFYIVYTIIPCILISILAILVFY
LPPDAGEKMSLSISALLAVTVFLLLLADKVPETSLSVPIIIRYLMFIMILVAFSVILSVVVLNLHHRSPNTHTMPNWIRQ
IFIETLPPFLWIQRPVTTPSPDSKPTIISRANDEYFIRKPAGDFVCPVDNARVAVQPERLFSEMKWHLNGLTQPVTLPQD
LKEAVEAIKYIAEQLESASEFDDLKKDWQYVAMVADRLFLYVFFVICSIGTFSIFLDASHNVPPDNPFA
;
C
4 'polypeptide(L)'
;ENEEGRLIEKLLGDYDKRIIPAKTLDHIIDVTLKLTLTNLISLNEKEEALTTNVWIEIQWNDYRLSWNTSEYEGIDLVRI
PSELLWLPDVVLENNVDGQFEVAYYANVLVYNDGSMYWLPPAIYRSTCPIAVTYFPFDWQNCSLVFRSQTYNAHEVNLQL
SAEEGEAVEWIHIDPEDFTENGEWTIRHRPAKKNYNWQLTKDDTDFQEIIFFLIIQRKPLFYIINIIAPCVLISSLVVLV
YFLPAQAGGQKCTLSISVLLAQTIFLFLIAQKVPETSLNVPLIGKYLIFVMFVSMLIVMNCVIVLNVSLRTPNTHSLSEK
IKHLFLGFLPKYLGMQLEPSEETPEKPQPRRRSSFGIMIKAEEYILKKPRSELMFEEQKDRHGLKRVNKMTSDIDIGTTV
DLYKDLANFAPEIKSCVEACNFIAKSTKEQNDSGSENENWVLIGKVIDKA(P1L)FWIALLLFSIGTLAIFLTGHFNQVP
EFPFPGDPRKYVP
;
E
5 'polypeptide(L)' IVCHTTATSPISAVTCPPGENLCYRKMWCDAFCSSRGKVVELGCAATCPSKKPYEEVTCCSTDKCNPHPKQRPG F,G
#
# COMPACT_ATOMS: atom_id res chain seq x y z
N SER A 1 37.61 -30.59 -21.85
CA SER A 1 38.44 -31.72 -22.37
C SER A 1 38.36 -31.77 -23.88
N GLU A 2 39.46 -32.22 -24.50
CA GLU A 2 39.46 -32.41 -25.94
C GLU A 2 38.38 -33.40 -26.35
N HIS A 3 38.20 -34.45 -25.55
CA HIS A 3 37.21 -35.46 -25.86
C HIS A 3 35.81 -34.89 -25.85
N GLU A 4 35.45 -34.15 -24.79
CA GLU A 4 34.11 -33.61 -24.69
C GLU A 4 33.87 -32.51 -25.71
N THR A 5 34.91 -31.72 -26.01
CA THR A 5 34.79 -30.73 -27.06
C THR A 5 34.48 -31.39 -28.39
N ARG A 6 35.26 -32.41 -28.76
CA ARG A 6 35.02 -33.12 -30.00
C ARG A 6 33.64 -33.75 -30.02
N LEU A 7 33.23 -34.32 -28.90
CA LEU A 7 31.91 -34.96 -28.81
C LEU A 7 30.79 -33.97 -29.04
N VAL A 8 30.84 -32.83 -28.34
CA VAL A 8 29.78 -31.86 -28.46
C VAL A 8 29.79 -31.22 -29.83
N ALA A 9 30.95 -31.19 -30.49
CA ALA A 9 30.99 -30.69 -31.85
C ALA A 9 30.38 -31.69 -32.82
N ASN A 10 30.55 -32.97 -32.57
CA ASN A 10 30.04 -33.99 -33.49
C ASN A 10 28.59 -34.34 -33.24
N LEU A 11 28.06 -34.01 -32.07
CA LEU A 11 26.68 -34.30 -31.76
C LEU A 11 25.73 -33.22 -32.27
N LEU A 12 26.20 -31.98 -32.33
CA LEU A 12 25.40 -30.85 -32.75
C LEU A 12 25.72 -30.41 -34.16
N GLU A 13 26.55 -31.17 -34.88
CA GLU A 13 26.95 -30.79 -36.23
C GLU A 13 25.76 -30.73 -37.16
N ASN A 14 25.02 -31.84 -37.27
CA ASN A 14 23.88 -31.94 -38.16
C ASN A 14 22.56 -32.01 -37.39
N TYR A 15 22.55 -31.52 -36.16
CA TYR A 15 21.39 -31.63 -35.29
C TYR A 15 20.52 -30.40 -35.42
N ASN A 16 19.22 -30.61 -35.57
CA ASN A 16 18.25 -29.54 -35.66
C ASN A 16 17.35 -29.58 -34.44
N LYS A 17 17.40 -28.52 -33.63
CA LYS A 17 16.58 -28.40 -32.44
C LYS A 17 15.13 -28.10 -32.74
N VAL A 18 14.74 -28.13 -34.01
CA VAL A 18 13.38 -27.85 -34.42
C VAL A 18 12.58 -29.12 -34.68
N ILE A 19 13.24 -30.24 -34.89
CA ILE A 19 12.58 -31.51 -35.20
C ILE A 19 12.59 -32.38 -33.94
N ARG A 20 11.49 -33.07 -33.72
CA ARG A 20 11.41 -33.98 -32.60
C ARG A 20 12.46 -35.08 -32.72
N PRO A 21 12.89 -35.64 -31.60
CA PRO A 21 13.78 -36.80 -31.59
C PRO A 21 13.06 -38.12 -31.80
N VAL A 22 12.78 -38.42 -33.06
CA VAL A 22 12.09 -39.65 -33.43
C VAL A 22 12.73 -40.18 -34.72
N GLU A 23 12.75 -41.50 -34.84
CA GLU A 23 13.23 -42.12 -36.06
C GLU A 23 12.22 -42.02 -37.19
N HIS A 24 10.93 -41.91 -36.85
CA HIS A 24 9.86 -41.77 -37.82
C HIS A 24 8.85 -40.79 -37.27
N HIS A 25 8.28 -39.98 -38.17
CA HIS A 25 7.40 -38.90 -37.75
C HIS A 25 6.15 -39.44 -37.06
N THR A 26 5.82 -40.72 -37.28
CA THR A 26 4.60 -41.25 -36.70
C THR A 26 4.77 -41.54 -35.21
N HIS A 27 5.97 -41.92 -34.80
CA HIS A 27 6.20 -42.28 -33.42
C HIS A 27 6.21 -41.05 -32.53
N PHE A 28 6.04 -41.28 -31.24
CA PHE A 28 6.05 -40.23 -30.24
C PHE A 28 7.28 -40.34 -29.37
N VAL A 29 7.63 -39.23 -28.73
CA VAL A 29 8.71 -39.16 -27.77
C VAL A 29 8.08 -38.99 -26.40
N ASP A 30 8.27 -39.98 -25.53
CA ASP A 30 7.69 -39.96 -24.20
C ASP A 30 8.55 -39.11 -23.30
N ILE A 31 7.94 -38.12 -22.66
CA ILE A 31 8.60 -37.21 -21.75
C ILE A 31 8.06 -37.47 -20.35
N THR A 32 8.95 -37.92 -19.47
CA THR A 32 8.59 -38.21 -18.09
C THR A 32 8.65 -36.92 -17.29
N VAL A 33 7.51 -36.45 -16.83
CA VAL A 33 7.39 -35.15 -16.20
C VAL A 33 7.31 -35.33 -14.70
N GLY A 34 7.88 -34.39 -13.98
CA GLY A 34 7.89 -34.43 -12.54
C GLY A 34 8.02 -33.05 -11.95
N LEU A 35 7.18 -32.74 -10.98
CA LEU A 35 7.18 -31.44 -10.33
C LEU A 35 7.81 -31.56 -8.96
N GLN A 36 8.74 -30.66 -8.66
CA GLN A 36 9.40 -30.58 -7.37
C GLN A 36 9.03 -29.25 -6.74
N LEU A 37 8.19 -29.28 -5.73
CA LEU A 37 7.78 -28.06 -5.05
C LEU A 37 8.79 -27.70 -3.98
N ILE A 38 9.11 -26.41 -3.92
CA ILE A 38 10.21 -25.90 -3.10
C ILE A 38 9.71 -24.95 -2.02
N GLN A 39 8.90 -23.97 -2.41
CA GLN A 39 8.19 -23.17 -1.43
C GLN A 39 6.94 -22.61 -2.06
N LEU A 40 5.91 -22.48 -1.24
CA LEU A 40 4.69 -21.77 -1.60
C LEU A 40 4.87 -20.31 -1.20
N ILE A 41 4.95 -19.45 -2.21
CA ILE A 41 5.34 -18.07 -1.97
C ILE A 41 4.16 -17.23 -1.52
N SER A 42 2.98 -17.44 -2.11
CA SER A 42 1.88 -16.53 -1.89
C SER A 42 0.57 -17.24 -2.22
N VAL A 43 -0.50 -16.70 -1.67
CA VAL A 43 -1.85 -17.07 -2.07
C VAL A 43 -2.68 -15.79 -2.04
N ASP A 44 -3.00 -15.26 -3.21
CA ASP A 44 -3.88 -14.11 -3.33
C ASP A 44 -5.31 -14.62 -3.36
N GLU A 45 -6.02 -14.48 -2.25
CA GLU A 45 -7.39 -14.97 -2.14
C GLU A 45 -8.37 -14.08 -2.87
N VAL A 46 -7.93 -12.94 -3.38
CA VAL A 46 -8.78 -12.01 -4.10
C VAL A 46 -8.65 -12.29 -5.59
N ASN A 47 -7.42 -12.17 -6.09
CA ASN A 47 -7.14 -12.47 -7.48
C ASN A 47 -7.15 -13.96 -7.78
N GLN A 48 -7.20 -14.79 -6.75
CA GLN A 48 -7.29 -16.24 -6.91
C GLN A 48 -6.04 -16.79 -7.58
N ILE A 49 -4.89 -16.41 -7.02
CA ILE A 49 -3.59 -16.72 -7.60
C ILE A 49 -2.72 -17.39 -6.54
N VAL A 50 -2.06 -18.47 -6.93
CA VAL A 50 -1.10 -19.16 -6.09
C VAL A 50 0.26 -19.08 -6.76
N GLU A 51 1.26 -18.64 -6.00
CA GLU A 51 2.61 -18.45 -6.51
C GLU A 51 3.54 -19.46 -5.84
N THR A 52 4.22 -20.25 -6.66
CA THR A 52 5.07 -21.34 -6.20
C THR A 52 6.40 -21.30 -6.89
N ASN A 53 7.42 -21.78 -6.20
CA ASN A 53 8.75 -22.00 -6.76
C ASN A 53 8.93 -23.50 -6.96
N VAL A 54 9.14 -23.90 -8.21
CA VAL A 54 9.15 -25.31 -8.56
C VAL A 54 10.35 -25.60 -9.45
N ARG A 55 10.66 -26.88 -9.57
CA ARG A 55 11.53 -27.40 -10.62
C ARG A 55 10.73 -28.39 -11.43
N LEU A 56 10.75 -28.23 -12.75
CA LEU A 56 9.99 -29.06 -13.66
C LEU A 56 10.93 -30.11 -14.24
N ARG A 57 11.05 -31.23 -13.55
CA ARG A 57 11.89 -32.32 -14.02
C ARG A 57 11.30 -32.93 -15.27
N GLN A 58 12.13 -33.08 -16.30
CA GLN A 58 11.71 -33.66 -17.56
C GLN A 58 12.77 -34.62 -18.06
N GLN A 59 12.37 -35.85 -18.35
CA GLN A 59 13.23 -36.85 -18.92
C GLN A 59 12.71 -37.26 -20.28
N TRP A 60 13.62 -37.46 -21.22
CA TRP A 60 13.27 -37.96 -22.53
C TRP A 60 14.53 -38.38 -23.25
N ILE A 61 14.35 -39.17 -24.28
CA ILE A 61 15.45 -39.70 -25.08
C ILE A 61 15.54 -38.92 -26.38
N ASP A 62 16.76 -38.63 -26.79
CA ASP A 62 17.04 -38.00 -28.08
C ASP A 62 17.98 -38.96 -28.83
N VAL A 63 17.41 -39.72 -29.77
CA VAL A 63 18.16 -40.73 -30.47
C VAL A 63 19.33 -40.15 -31.25
N ARG A 64 19.29 -38.86 -31.54
CA ARG A 64 20.35 -38.19 -32.28
C ARG A 64 21.52 -37.78 -31.40
N LEU A 65 21.41 -37.97 -30.10
CA LEU A 65 22.40 -37.47 -29.16
C LEU A 65 23.07 -38.65 -28.45
N ARG A 66 23.47 -39.64 -29.23
CA ARG A 66 24.12 -40.84 -28.70
CA ARG A 66 24.10 -40.85 -28.72
C ARG A 66 25.58 -40.88 -29.12
N TRP A 67 26.34 -41.70 -28.40
CA TRP A 67 27.76 -41.83 -28.66
C TRP A 67 28.28 -43.02 -27.87
N ASN A 68 29.41 -43.57 -28.34
CA ASN A 68 30.09 -44.63 -27.63
C ASN A 68 31.17 -44.03 -26.75
N PRO A 69 31.14 -44.23 -25.43
CA PRO A 69 32.20 -43.67 -24.58
C PRO A 69 33.59 -44.13 -24.96
N ALA A 70 33.72 -45.35 -25.48
CA ALA A 70 35.03 -45.85 -25.87
C ALA A 70 35.71 -44.94 -26.87
N ASP A 71 34.94 -44.29 -27.74
CA ASP A 71 35.47 -43.39 -28.74
C ASP A 71 35.60 -41.96 -28.24
N TYR A 72 35.21 -41.69 -27.00
CA TYR A 72 35.25 -40.35 -26.45
C TYR A 72 35.79 -40.36 -25.04
N GLY A 73 36.77 -41.22 -24.79
CA GLY A 73 37.49 -41.20 -23.54
C GLY A 73 36.74 -41.71 -22.33
N GLY A 74 35.68 -42.47 -22.53
CA GLY A 74 34.91 -42.99 -21.43
C GLY A 74 33.81 -42.08 -20.94
N ILE A 75 33.55 -40.97 -21.62
CA ILE A 75 32.51 -40.05 -21.19
C ILE A 75 31.16 -40.72 -21.27
N LYS A 76 30.36 -40.53 -20.23
CA LYS A 76 29.02 -41.10 -20.17
C LYS A 76 27.97 -40.05 -19.84
N LYS A 77 28.37 -38.82 -19.55
CA LYS A 77 27.44 -37.75 -19.21
C LYS A 77 28.07 -36.44 -19.63
N ILE A 78 27.22 -35.52 -20.07
CA ILE A 78 27.61 -34.14 -20.33
C ILE A 78 26.46 -33.23 -19.92
N ARG A 79 26.71 -31.92 -20.03
CA ARG A 79 25.85 -30.90 -19.45
C ARG A 79 25.51 -29.84 -20.48
N LEU A 80 25.01 -30.28 -21.62
CA LEU A 80 24.72 -29.38 -22.72
C LEU A 80 23.76 -28.27 -22.30
N PRO A 81 23.88 -27.09 -22.91
CA PRO A 81 22.83 -26.09 -22.78
C PRO A 81 21.52 -26.58 -23.38
N SER A 82 20.44 -25.97 -22.93
CA SER A 82 19.10 -26.40 -23.32
C SER A 82 18.62 -25.73 -24.58
N ASP A 83 19.12 -24.54 -24.90
CA ASP A 83 18.79 -23.88 -26.15
C ASP A 83 19.47 -24.54 -27.34
N ASP A 84 20.34 -25.51 -27.10
CA ASP A 84 21.08 -26.17 -28.17
C ASP A 84 20.39 -27.42 -28.67
N VAL A 85 19.44 -27.97 -27.92
CA VAL A 85 18.76 -29.20 -28.28
C VAL A 85 17.26 -28.98 -28.25
N TRP A 86 16.54 -29.93 -28.82
CA TRP A 86 15.09 -29.90 -28.83
C TRP A 86 14.55 -30.07 -27.41
N LEU A 87 13.57 -29.24 -27.07
CA LEU A 87 12.91 -29.28 -25.79
C LEU A 87 11.41 -29.30 -25.97
N PRO A 88 10.68 -29.91 -25.06
CA PRO A 88 9.22 -29.89 -25.14
C PRO A 88 8.62 -28.61 -24.58
N ASP A 89 7.57 -28.14 -25.25
CA ASP A 89 6.88 -26.92 -24.86
C ASP A 89 5.79 -27.27 -23.85
N LEU A 90 6.22 -27.53 -22.63
CA LEU A 90 5.31 -27.73 -21.52
C LEU A 90 4.84 -26.37 -21.01
N VAL A 91 3.52 -26.18 -21.00
CA VAL A 91 2.90 -24.91 -20.66
C VAL A 91 1.98 -25.11 -19.49
N LEU A 92 1.93 -24.12 -18.61
CA LEU A 92 0.99 -24.09 -17.51
C LEU A 92 -0.32 -23.51 -18.02
N TYR A 93 -1.32 -24.38 -18.21
CA TYR A 93 -2.58 -23.95 -18.79
C TYR A 93 -3.32 -23.01 -17.86
N ASN A 94 -3.27 -23.28 -16.56
CA ASN A 94 -3.95 -22.49 -15.56
C ASN A 94 -3.11 -21.34 -15.05
N ASN A 95 -2.20 -20.85 -15.86
CA ASN A 95 -1.37 -19.71 -15.50
C ASN A 95 -2.23 -18.46 -15.38
N ALA A 96 -1.89 -17.63 -14.40
CA ALA A 96 -2.67 -16.43 -14.12
C ALA A 96 -2.01 -15.16 -14.64
N ASP A 97 -0.84 -14.82 -14.13
CA ASP A 97 -0.20 -13.56 -14.47
C ASP A 97 1.31 -13.69 -14.64
N GLY A 98 1.83 -14.91 -14.65
CA GLY A 98 3.24 -15.16 -14.79
C GLY A 98 3.60 -15.68 -16.16
N ASP A 99 4.57 -16.58 -16.18
CA ASP A 99 5.08 -17.15 -17.41
C ASP A 99 4.45 -18.52 -17.65
N PHE A 100 4.05 -18.75 -18.90
CA PHE A 100 3.40 -20.01 -19.25
C PHE A 100 4.39 -21.15 -19.31
N ALA A 101 5.48 -20.95 -20.03
CA ALA A 101 6.47 -21.97 -20.26
C ALA A 101 7.69 -21.73 -19.39
N ILE A 102 8.71 -22.52 -19.61
CA ILE A 102 9.99 -22.32 -18.93
C ILE A 102 10.77 -21.23 -19.64
N VAL A 103 11.36 -20.34 -18.85
CA VAL A 103 12.19 -19.27 -19.39
C VAL A 103 13.62 -19.33 -18.89
N HIS A 104 13.90 -20.05 -17.81
CA HIS A 104 15.26 -20.27 -17.34
C HIS A 104 15.88 -21.38 -18.17
N MET A 105 16.79 -21.01 -19.06
CA MET A 105 17.42 -21.95 -19.98
C MET A 105 18.62 -22.60 -19.31
N THR A 106 18.33 -23.42 -18.32
CA THR A 106 19.37 -24.11 -17.59
C THR A 106 19.91 -25.27 -18.41
N LYS A 107 21.16 -25.61 -18.14
CA LYS A 107 21.79 -26.74 -18.80
C LYS A 107 21.08 -28.02 -18.42
N LEU A 108 21.20 -29.01 -19.30
CA LEU A 108 20.59 -30.31 -19.12
C LEU A 108 21.64 -31.40 -19.14
N LEU A 109 21.28 -32.53 -18.57
CA LEU A 109 22.14 -33.69 -18.47
C LEU A 109 21.84 -34.66 -19.59
N LEU A 110 22.88 -35.13 -20.27
CA LEU A 110 22.75 -35.99 -21.43
C LEU A 110 23.63 -37.22 -21.26
N ASP A 111 23.02 -38.39 -21.25
CA ASP A 111 23.74 -39.65 -21.20
C ASP A 111 24.10 -40.11 -22.60
N TYR A 112 24.90 -41.18 -22.67
CA TYR A 112 25.33 -41.74 -23.94
C TYR A 112 24.22 -42.50 -24.65
N THR A 113 23.15 -42.83 -23.94
CA THR A 113 21.99 -43.46 -24.55
C THR A 113 21.04 -42.46 -25.19
N GLY A 114 21.33 -41.17 -25.09
CA GLY A 114 20.43 -40.14 -25.50
C GLY A 114 19.44 -39.71 -24.44
N LYS A 115 19.52 -40.29 -23.26
CA LYS A 115 18.60 -39.94 -22.19
C LYS A 115 18.94 -38.57 -21.64
N ILE A 116 17.97 -37.68 -21.63
CA ILE A 116 18.13 -36.33 -21.17
C ILE A 116 17.38 -36.15 -19.87
N MET A 117 17.92 -35.30 -19.01
CA MET A 117 17.29 -34.97 -17.73
C MET A 117 17.42 -33.46 -17.53
N TRP A 118 16.36 -32.75 -17.84
CA TRP A 118 16.29 -31.31 -17.69
C TRP A 118 15.43 -30.97 -16.48
N THR A 119 15.95 -30.10 -15.62
CA THR A 119 15.32 -29.80 -14.34
C THR A 119 15.39 -28.30 -14.09
N PRO A 120 14.65 -27.52 -14.85
CA PRO A 120 14.75 -26.09 -14.76
C PRO A 120 13.82 -25.53 -13.70
N PRO A 121 14.15 -24.38 -13.12
CA PRO A 121 13.25 -23.75 -12.17
C PRO A 121 12.17 -22.92 -12.85
N ALA A 122 11.14 -22.61 -12.07
CA ALA A 122 10.02 -21.85 -12.58
C ALA A 122 9.25 -21.27 -11.41
N ILE A 123 8.79 -20.03 -11.57
CA ILE A 123 7.81 -19.43 -10.69
C ILE A 123 6.46 -19.61 -11.36
N PHE A 124 5.70 -20.59 -10.87
CA PHE A 124 4.34 -20.78 -11.33
C PHE A 124 3.42 -19.83 -10.59
N LYS A 125 2.68 -19.02 -11.33
CA LYS A 125 1.59 -18.24 -10.78
C LYS A 125 0.31 -18.81 -11.38
N SER A 126 -0.33 -19.68 -10.63
CA SER A 126 -1.48 -20.45 -11.08
C SER A 126 -2.77 -19.80 -10.63
N TYR A 127 -3.85 -20.16 -11.30
CA TYR A 127 -5.18 -19.69 -10.98
C TYR A 127 -5.92 -20.76 -10.20
N CYS A 128 -6.29 -20.44 -8.97
CA CYS A 128 -6.90 -21.38 -8.05
C CYS A 128 -8.26 -20.85 -7.63
N GLU A 129 -9.28 -21.68 -7.73
CA GLU A 129 -10.58 -21.33 -7.15
C GLU A 129 -10.45 -21.25 -5.64
N ILE A 130 -10.60 -20.05 -5.09
CA ILE A 130 -10.47 -19.81 -3.66
C ILE A 130 -11.86 -19.76 -3.05
N ILE A 131 -12.03 -20.43 -1.92
CA ILE A 131 -13.33 -20.57 -1.27
C ILE A 131 -13.25 -19.80 0.04
N VAL A 132 -13.74 -18.57 0.03
CA VAL A 132 -13.83 -17.78 1.26
C VAL A 132 -15.21 -18.05 1.83
N THR A 133 -15.34 -19.17 2.51
CA THR A 133 -16.55 -19.56 3.21
C THR A 133 -16.30 -19.94 4.64
N HIS A 134 -15.10 -20.39 4.99
CA HIS A 134 -14.72 -20.68 6.35
C HIS A 134 -13.44 -19.95 6.73
N PHE A 135 -13.03 -18.97 5.94
CA PHE A 135 -11.90 -18.14 6.27
C PHE A 135 -11.98 -17.69 7.73
N PRO A 136 -10.87 -17.67 8.47
CA PRO A 136 -9.52 -18.07 8.07
C PRO A 136 -9.26 -19.56 8.25
N PHE A 137 -10.31 -20.33 8.53
CA PHE A 137 -10.23 -21.78 8.69
C PHE A 137 -10.59 -22.50 7.40
N ASP A 138 -9.95 -22.10 6.30
CA ASP A 138 -10.27 -22.60 4.98
C ASP A 138 -9.22 -23.57 4.49
N GLN A 139 -9.64 -24.46 3.60
CA GLN A 139 -8.79 -25.48 3.00
C GLN A 139 -8.88 -25.34 1.49
N GLN A 140 -7.80 -24.89 0.86
CA GLN A 140 -7.77 -24.69 -0.58
C GLN A 140 -7.23 -25.91 -1.30
N ASN A 141 -7.69 -26.08 -2.52
CA ASN A 141 -7.20 -27.12 -3.43
C ASN A 141 -6.77 -26.44 -4.72
N CYS A 142 -5.47 -26.24 -4.86
CA CYS A 142 -4.90 -25.47 -5.96
C CYS A 142 -4.10 -26.36 -6.87
N THR A 143 -4.29 -26.19 -8.17
CA THR A 143 -3.77 -27.11 -9.17
C THR A 143 -2.75 -26.42 -10.07
N MET A 144 -1.91 -27.26 -10.68
CA MET A 144 -1.03 -26.86 -11.77
C MET A 144 -1.29 -27.80 -12.93
N LYS A 145 -1.95 -27.30 -13.96
CA LYS A 145 -2.20 -28.06 -15.16
C LYS A 145 -1.08 -27.83 -16.15
N LEU A 146 -0.42 -28.91 -16.54
CA LEU A 146 0.69 -28.86 -17.47
C LEU A 146 0.40 -29.75 -18.66
N GLY A 147 0.83 -29.29 -19.83
CA GLY A 147 0.68 -30.08 -21.03
C GLY A 147 1.56 -29.52 -22.12
N ILE A 148 1.71 -30.32 -23.16
CA ILE A 148 2.41 -29.88 -24.35
C ILE A 148 1.45 -29.02 -25.18
N TRP A 149 1.93 -27.85 -25.58
CA TRP A 149 1.05 -26.83 -26.14
C TRP A 149 0.78 -27.07 -27.62
N THR A 150 1.81 -27.37 -28.39
CA THR A 150 1.71 -27.44 -29.85
C THR A 150 1.70 -28.86 -30.38
N TYR A 151 1.87 -29.85 -29.53
CA TYR A 151 1.92 -31.24 -29.95
C TYR A 151 0.83 -32.02 -29.25
N ASP A 152 0.38 -33.07 -29.92
CA ASP A 152 -0.62 -33.99 -29.41
C ASP A 152 0.04 -35.27 -28.93
N GLY A 153 -0.72 -36.07 -28.19
CA GLY A 153 -0.20 -37.31 -27.65
C GLY A 153 0.35 -38.26 -28.68
N THR A 154 0.00 -38.06 -29.94
CA THR A 154 0.56 -38.86 -31.01
C THR A 154 2.01 -38.49 -31.30
N LYS A 155 2.38 -37.25 -31.04
CA LYS A 155 3.72 -36.74 -31.33
C LYS A 155 4.57 -36.62 -30.09
N VAL A 156 3.99 -36.15 -28.98
CA VAL A 156 4.69 -35.99 -27.73
C VAL A 156 3.77 -36.47 -26.62
N SER A 157 4.18 -37.52 -25.93
CA SER A 157 3.43 -38.09 -24.82
C SER A 157 4.15 -37.74 -23.53
N ILE A 158 3.39 -37.31 -22.53
CA ILE A 158 3.92 -37.03 -21.21
C ILE A 158 3.39 -38.06 -20.24
N SER A 159 4.16 -38.27 -19.17
CA SER A 159 3.83 -39.24 -18.18
C SER A 159 4.45 -38.76 -16.87
N PRO A 160 3.69 -38.78 -15.77
CA PRO A 160 4.24 -38.26 -14.52
C PRO A 160 5.33 -39.16 -13.97
N GLU A 161 6.34 -38.52 -13.38
CA GLU A 161 7.48 -39.27 -12.85
C GLU A 161 7.08 -40.07 -11.62
N SER A 162 6.08 -39.61 -10.89
CA SER A 162 5.57 -40.33 -9.74
C SER A 162 4.12 -39.93 -9.52
N ASP A 163 3.41 -40.76 -8.76
CA ASP A 163 1.98 -40.52 -8.54
C ASP A 163 1.71 -39.21 -7.84
N ARG A 164 2.71 -38.55 -7.28
CA ARG A 164 2.49 -37.35 -6.51
C ARG A 164 3.76 -36.53 -6.47
N PRO A 165 3.67 -35.21 -6.34
CA PRO A 165 4.85 -34.37 -6.45
C PRO A 165 5.90 -34.71 -5.40
N ASP A 166 7.04 -34.06 -5.54
CA ASP A 166 8.18 -34.21 -4.64
C ASP A 166 8.25 -32.98 -3.75
N LEU A 167 8.05 -33.17 -2.46
CA LEU A 167 8.13 -32.08 -1.48
C LEU A 167 9.25 -32.32 -0.49
N SER A 168 10.34 -32.95 -0.94
CA SER A 168 11.48 -33.20 -0.09
C SER A 168 12.25 -31.94 0.25
N THR A 169 12.18 -30.92 -0.60
CA THR A 169 12.90 -29.67 -0.40
C THR A 169 11.93 -28.52 -0.15
N PHE A 170 10.79 -28.83 0.46
CA PHE A 170 9.74 -27.86 0.67
C PHE A 170 10.03 -26.99 1.89
N MET A 171 10.11 -25.69 1.69
CA MET A 171 10.20 -24.75 2.79
C MET A 171 8.82 -24.55 3.39
N GLU A 172 8.71 -24.76 4.70
CA GLU A 172 7.46 -24.52 5.39
C GLU A 172 7.06 -23.05 5.26
N SER A 173 5.77 -22.81 5.09
CA SER A 173 5.29 -21.49 4.70
C SER A 173 5.13 -20.56 5.88
N GLY A 174 4.54 -21.05 6.97
CA GLY A 174 4.21 -20.21 8.09
C GLY A 174 2.78 -19.72 8.09
N GLU A 175 2.06 -19.87 6.98
CA GLU A 175 0.64 -19.55 6.93
C GLU A 175 -0.16 -20.56 6.13
N TRP A 176 0.46 -21.65 5.68
CA TRP A 176 -0.23 -22.71 4.96
C TRP A 176 0.39 -24.04 5.30
N VAL A 177 -0.46 -25.04 5.50
CA VAL A 177 -0.03 -26.40 5.76
C VAL A 177 -0.54 -27.27 4.62
N MET A 178 0.36 -28.05 4.03
CA MET A 178 0.02 -28.95 2.94
C MET A 178 -0.44 -30.29 3.53
N LYS A 179 -1.71 -30.62 3.32
CA LYS A 179 -2.25 -31.87 3.83
C LYS A 179 -1.91 -33.02 2.89
N ASP A 180 -2.39 -32.95 1.65
CA ASP A 180 -2.14 -33.97 0.66
C ASP A 180 -1.71 -33.32 -0.65
N TYR A 181 -1.16 -34.15 -1.53
CA TYR A 181 -0.74 -33.68 -2.84
C TYR A 181 -0.61 -34.88 -3.76
N ARG A 182 -1.23 -34.79 -4.93
CA ARG A 182 -1.16 -35.84 -5.92
C ARG A 182 -1.09 -35.24 -7.31
N GLY A 183 -0.72 -36.08 -8.26
CA GLY A 183 -0.67 -35.70 -9.65
C GLY A 183 -1.33 -36.72 -10.55
N TRP A 184 -2.21 -36.25 -11.41
CA TRP A 184 -2.96 -37.10 -12.32
C TRP A 184 -2.65 -36.75 -13.77
N LYS A 185 -2.50 -37.78 -14.59
CA LYS A 185 -2.40 -37.62 -16.02
C LYS A 185 -3.77 -37.86 -16.63
N HIS A 186 -4.17 -36.95 -17.53
CA HIS A 186 -5.44 -37.03 -18.20
C HIS A 186 -5.22 -37.04 -19.70
N TRP A 187 -6.20 -37.56 -20.42
CA TRP A 187 -6.28 -37.44 -21.86
C TRP A 187 -7.68 -37.04 -22.24
N VAL A 188 -7.77 -36.29 -23.32
CA VAL A 188 -9.03 -35.77 -23.83
C VAL A 188 -9.08 -36.04 -25.32
N TYR A 189 -10.19 -36.58 -25.78
CA TYR A 189 -10.42 -36.83 -27.18
C TYR A 189 -11.40 -35.82 -27.73
N TYR A 190 -11.20 -35.47 -28.99
CA TYR A 190 -12.01 -34.48 -29.66
C TYR A 190 -12.62 -35.07 -30.93
N THR A 191 -13.68 -34.42 -31.40
CA THR A 191 -14.37 -34.90 -32.59
C THR A 191 -13.50 -34.92 -33.82
N CYS A 192 -12.45 -34.08 -33.86
CA CYS A 192 -11.56 -34.06 -35.01
C CYS A 192 -11.07 -35.47 -35.36
N CYS A 193 -10.34 -36.09 -34.43
CA CYS A 193 -9.76 -37.39 -34.65
C CYS A 193 -9.89 -38.26 -33.41
N PRO A 194 -10.24 -39.54 -33.57
CA PRO A 194 -10.35 -40.42 -32.42
C PRO A 194 -9.00 -41.01 -31.99
N ASP A 195 -8.07 -41.08 -32.92
CA ASP A 195 -6.77 -41.68 -32.67
C ASP A 195 -5.76 -40.69 -32.12
N THR A 196 -6.21 -39.49 -31.71
CA THR A 196 -5.33 -38.43 -31.26
C THR A 196 -5.78 -37.90 -29.90
N PRO A 197 -5.16 -38.33 -28.81
CA PRO A 197 -5.47 -37.75 -27.50
C PRO A 197 -4.58 -36.56 -27.16
N TYR A 198 -5.17 -35.63 -26.43
CA TYR A 198 -4.47 -34.45 -25.95
C TYR A 198 -4.29 -34.59 -24.45
N LEU A 199 -3.05 -34.51 -24.00
CA LEU A 199 -2.67 -34.91 -22.66
C LEU A 199 -2.38 -33.71 -21.78
N ASP A 200 -2.54 -33.93 -20.48
CA ASP A 200 -2.22 -32.92 -19.49
C ASP A 200 -2.02 -33.62 -18.15
N ILE A 201 -0.95 -33.24 -17.45
CA ILE A 201 -0.73 -33.66 -16.08
C ILE A 201 -1.15 -32.53 -15.17
N THR A 202 -1.97 -32.83 -14.18
CA THR A 202 -2.47 -31.85 -13.24
C THR A 202 -2.04 -32.27 -11.84
N TYR A 203 -1.14 -31.49 -11.25
CA TYR A 203 -0.74 -31.64 -9.87
C TYR A 203 -1.56 -30.70 -9.01
N HIS A 204 -2.15 -31.23 -7.95
CA HIS A 204 -2.92 -30.42 -7.01
C HIS A 204 -2.34 -30.56 -5.62
N PHE A 205 -2.58 -29.53 -4.81
CA PHE A 205 -2.03 -29.43 -3.47
C PHE A 205 -3.14 -28.92 -2.56
N ILE A 206 -3.45 -29.70 -1.53
CA ILE A 206 -4.48 -29.36 -0.58
C ILE A 206 -3.81 -28.73 0.63
N MET A 207 -4.03 -27.44 0.80
CA MET A 207 -3.30 -26.63 1.77
C MET A 207 -4.28 -26.07 2.77
N GLN A 208 -4.02 -26.31 4.05
CA GLN A 208 -4.86 -25.82 5.15
C GLN A 208 -4.16 -24.65 5.81
N ARG A 209 -4.93 -23.60 6.07
CA ARG A 209 -4.37 -22.36 6.57
C ARG A 209 -4.21 -22.41 8.08
N ILE A 210 -3.15 -21.76 8.56
CA ILE A 210 -2.91 -21.60 10.00
C ILE A 210 -3.63 -20.33 10.44
N PRO A 211 -4.73 -20.44 11.19
CA PRO A 211 -5.55 -19.27 11.54
C PRO A 211 -5.18 -18.64 12.87
N LEU A 212 -4.06 -17.95 12.91
CA LEU A 212 -3.61 -17.27 14.12
C LEU A 212 -3.46 -15.78 13.92
N TYR A 213 -2.79 -15.38 12.84
CA TYR A 213 -2.75 -13.97 12.46
C TYR A 213 -4.15 -13.37 12.48
N PHE A 214 -5.10 -14.03 11.82
CA PHE A 214 -6.45 -13.53 11.68
C PHE A 214 -7.29 -13.78 12.92
N VAL A 215 -6.83 -14.60 13.86
CA VAL A 215 -7.54 -14.77 15.12
C VAL A 215 -7.16 -13.67 16.10
N VAL A 216 -5.86 -13.38 16.21
CA VAL A 216 -5.42 -12.38 17.16
C VAL A 216 -5.54 -10.96 16.62
N ASN A 217 -5.60 -10.78 15.29
CA ASN A 217 -5.69 -9.45 14.72
C ASN A 217 -7.09 -9.08 14.26
N VAL A 218 -7.99 -10.05 14.10
CA VAL A 218 -9.30 -9.78 13.52
C VAL A 218 -10.47 -10.31 14.35
N ILE A 219 -10.28 -11.32 15.19
CA ILE A 219 -11.40 -11.96 15.88
C ILE A 219 -11.47 -11.54 17.35
N ILE A 220 -10.38 -11.67 18.07
CA ILE A 220 -10.38 -11.35 19.50
C ILE A 220 -10.91 -9.94 19.76
N PRO A 221 -10.48 -8.91 19.03
CA PRO A 221 -11.09 -7.59 19.24
C PRO A 221 -12.60 -7.59 19.07
N CYS A 222 -13.13 -8.36 18.13
CA CYS A 222 -14.57 -8.46 17.99
C CYS A 222 -15.21 -9.05 19.23
N LEU A 223 -14.55 -10.04 19.84
CA LEU A 223 -15.04 -10.59 21.11
C LEU A 223 -15.11 -9.50 22.17
N LEU A 224 -14.03 -8.72 22.29
CA LEU A 224 -14.02 -7.66 23.29
C LEU A 224 -15.15 -6.67 23.05
N PHE A 225 -15.36 -6.29 21.79
CA PHE A 225 -16.39 -5.30 21.47
C PHE A 225 -17.78 -5.85 21.76
N SER A 226 -18.01 -7.13 21.47
CA SER A 226 -19.32 -7.72 21.75
C SER A 226 -19.57 -7.80 23.26
N PHE A 227 -18.54 -8.17 24.02
CA PHE A 227 -18.67 -8.21 25.47
C PHE A 227 -19.03 -6.83 26.02
N LEU A 228 -18.31 -5.80 25.57
CA LEU A 228 -18.62 -4.45 26.05
C LEU A 228 -20.03 -4.02 25.64
N THR A 229 -20.43 -4.37 24.42
CA THR A 229 -21.78 -4.08 23.96
C THR A 229 -22.80 -4.62 24.93
N GLY A 230 -22.72 -5.93 25.23
CA GLY A 230 -23.58 -6.47 26.26
C GLY A 230 -23.38 -5.81 27.62
N LEU A 231 -22.23 -5.21 27.84
CA LEU A 231 -21.88 -4.68 29.15
C LEU A 231 -22.56 -3.37 29.46
N VAL A 232 -22.83 -2.53 28.45
CA VAL A 232 -23.43 -1.24 28.72
C VAL A 232 -24.74 -1.34 29.50
N PHE A 233 -25.36 -2.51 29.54
CA PHE A 233 -26.68 -2.65 30.14
C PHE A 233 -26.65 -2.79 31.64
N TYR A 234 -25.48 -2.78 32.26
CA TYR A 234 -25.35 -2.70 33.71
C TYR A 234 -25.01 -1.30 34.16
N LEU A 235 -25.01 -0.33 33.25
CA LEU A 235 -24.69 1.04 33.56
C LEU A 235 -25.96 1.81 33.77
N PRO A 236 -26.15 2.46 34.92
CA PRO A 236 -27.41 3.17 35.15
C PRO A 236 -27.46 4.49 34.41
N THR A 237 -28.67 4.84 33.97
CA THR A 237 -28.87 6.06 33.22
C THR A 237 -28.52 7.31 34.02
N ASP A 238 -28.48 7.21 35.35
CA ASP A 238 -28.10 8.35 36.17
C ASP A 238 -26.78 8.93 35.70
N SER A 239 -25.83 8.07 35.37
CA SER A 239 -24.59 8.49 34.73
C SER A 239 -24.83 8.68 33.25
N GLY A 240 -24.64 9.89 32.76
CA GLY A 240 -24.86 10.17 31.36
C GLY A 240 -23.77 9.59 30.49
N GLU A 241 -23.58 8.28 30.56
CA GLU A 241 -22.48 7.63 29.87
C GLU A 241 -22.88 6.33 29.18
N LYS A 242 -24.17 5.96 29.17
CA LYS A 242 -24.58 4.79 28.41
C LYS A 242 -24.34 4.99 26.92
N MET A 243 -24.77 6.13 26.40
CA MET A 243 -24.56 6.41 24.99
C MET A 243 -23.09 6.59 24.68
N THR A 244 -22.37 7.29 25.55
CA THR A 244 -20.92 7.39 25.39
C THR A 244 -20.31 6.02 25.19
N LEU A 245 -20.59 5.11 26.11
CA LEU A 245 -20.00 3.78 26.06
C LEU A 245 -20.40 3.03 24.79
N SER A 246 -21.71 2.95 24.53
CA SER A 246 -22.17 2.18 23.37
C SER A 246 -21.62 2.74 22.08
N ILE A 247 -21.68 4.06 21.92
CA ILE A 247 -21.24 4.70 20.68
C ILE A 247 -19.72 4.61 20.53
N SER A 248 -18.98 4.62 21.63
CA SER A 248 -17.54 4.46 21.51
C SER A 248 -17.15 3.02 21.18
N VAL A 249 -17.90 2.05 21.70
CA VAL A 249 -17.74 0.68 21.24
C VAL A 249 -17.98 0.61 19.75
N LEU A 250 -18.99 1.32 19.27
CA LEU A 250 -19.31 1.34 17.84
C LEU A 250 -18.19 1.98 17.03
N LEU A 251 -17.63 3.08 17.53
CA LEU A 251 -16.52 3.74 16.84
C LEU A 251 -15.30 2.83 16.79
N SER A 252 -14.96 2.19 17.90
CA SER A 252 -13.85 1.26 17.92
C SER A 252 -14.09 0.13 16.93
N LEU A 253 -15.32 -0.34 16.83
CA LEU A 253 -15.62 -1.40 15.88
C LEU A 253 -15.56 -0.92 14.44
N THR A 254 -15.86 0.35 14.20
CA THR A 254 -15.72 0.91 12.86
C THR A 254 -14.25 1.03 12.47
N VAL A 255 -13.41 1.48 13.40
CA VAL A 255 -11.96 1.48 13.14
C VAL A 255 -11.45 0.07 12.94
N PHE A 256 -12.02 -0.90 13.66
CA PHE A 256 -11.59 -2.27 13.45
C PHE A 256 -12.06 -2.80 12.11
N LEU A 257 -13.23 -2.38 11.65
CA LEU A 257 -13.62 -2.64 10.27
C LEU A 257 -12.60 -2.06 9.32
N LEU A 258 -12.08 -0.89 9.65
CA LEU A 258 -11.06 -0.25 8.82
C LEU A 258 -9.81 -1.12 8.70
N VAL A 259 -9.37 -1.73 9.80
CA VAL A 259 -8.20 -2.60 9.70
C VAL A 259 -8.57 -3.94 9.05
N ILE A 260 -9.78 -4.43 9.30
CA ILE A 260 -10.25 -5.66 8.69
C ILE A 260 -10.20 -5.55 7.17
N VAL A 261 -10.63 -4.41 6.64
CA VAL A 261 -10.59 -4.18 5.20
C VAL A 261 -9.18 -4.26 4.66
N GLU A 262 -8.17 -4.12 5.52
CA GLU A 262 -6.79 -4.19 5.06
C GLU A 262 -6.19 -5.58 5.24
N LEU A 263 -6.64 -6.33 6.24
CA LEU A 263 -6.11 -7.67 6.48
C LEU A 263 -6.97 -8.78 5.89
N ILE A 264 -8.14 -8.46 5.34
CA ILE A 264 -9.08 -9.47 4.90
C ILE A 264 -9.25 -9.40 3.39
N PRO A 265 -9.44 -10.54 2.70
CA PRO A 265 -9.66 -10.48 1.25
C PRO A 265 -10.83 -9.60 0.88
N SER A 266 -10.66 -8.86 -0.22
CA SER A 266 -11.65 -7.95 -0.75
C SER A 266 -12.47 -8.59 -1.87
N THR A 267 -12.78 -9.87 -1.74
CA THR A 267 -13.50 -10.61 -2.76
C THR A 267 -14.99 -10.67 -2.42
N SER A 268 -15.80 -10.85 -3.46
CA SER A 268 -17.25 -10.84 -3.35
C SER A 268 -17.88 -12.16 -3.73
N SER A 269 -17.12 -13.25 -3.67
CA SER A 269 -17.65 -14.56 -4.01
C SER A 269 -18.52 -15.13 -2.90
N ALA A 270 -18.26 -14.73 -1.66
CA ALA A 270 -18.97 -15.28 -0.52
C ALA A 270 -18.64 -14.43 0.69
N VAL A 271 -19.50 -14.52 1.70
CA VAL A 271 -19.23 -13.89 2.99
C VAL A 271 -18.35 -14.83 3.79
N PRO A 272 -17.15 -14.41 4.18
CA PRO A 272 -16.33 -15.28 5.02
C PRO A 272 -16.95 -15.48 6.40
N LEU A 273 -16.24 -16.22 7.25
CA LEU A 273 -16.71 -16.42 8.62
C LEU A 273 -16.47 -15.17 9.46
N ILE A 274 -15.30 -14.56 9.28
CA ILE A 274 -15.00 -13.30 9.95
C ILE A 274 -15.97 -12.20 9.54
N GLY A 275 -16.42 -12.23 8.28
CA GLY A 275 -17.34 -11.19 7.84
C GLY A 275 -18.70 -11.34 8.47
N LYS A 276 -19.20 -12.57 8.54
CA LYS A 276 -20.44 -12.83 9.28
C LYS A 276 -20.30 -12.41 10.74
N TYR A 277 -19.15 -12.74 11.35
CA TYR A 277 -18.97 -12.38 12.75
C TYR A 277 -18.92 -10.87 12.93
N MET A 278 -18.28 -10.16 12.01
CA MET A 278 -18.18 -8.72 12.08
C MET A 278 -19.56 -8.08 11.93
N LEU A 279 -20.31 -8.50 10.92
CA LEU A 279 -21.68 -8.00 10.76
C LEU A 279 -22.51 -8.30 12.00
N PHE A 280 -22.31 -9.48 12.59
CA PHE A 280 -23.07 -9.84 13.78
C PHE A 280 -22.77 -8.90 14.92
N THR A 281 -21.48 -8.66 15.20
CA THR A 281 -21.13 -7.78 16.31
C THR A 281 -21.56 -6.34 16.04
N MET A 282 -21.57 -5.92 14.77
CA MET A 282 -22.01 -4.56 14.45
C MET A 282 -23.51 -4.41 14.70
N ILE A 283 -24.31 -5.38 14.23
CA ILE A 283 -25.74 -5.34 14.48
C ILE A 283 -26.01 -5.45 15.98
N PHE A 284 -25.19 -6.22 16.68
CA PHE A 284 -25.30 -6.37 18.12
C PHE A 284 -25.07 -5.03 18.82
N VAL A 285 -23.98 -4.35 18.47
CA VAL A 285 -23.69 -3.02 19.02
C VAL A 285 -24.83 -2.05 18.71
N ILE A 286 -25.32 -2.06 17.47
CA ILE A 286 -26.33 -1.09 17.08
C ILE A 286 -27.65 -1.34 17.79
N SER A 287 -28.03 -2.60 17.93
CA SER A 287 -29.22 -2.94 18.69
C SER A 287 -29.07 -2.54 20.15
N SER A 288 -27.88 -2.74 20.71
CA SER A 288 -27.62 -2.28 22.06
C SER A 288 -27.84 -0.78 22.17
N ILE A 289 -27.37 -0.03 21.18
CA ILE A 289 -27.53 1.43 21.22
C ILE A 289 -29.00 1.81 21.15
N ILE A 290 -29.75 1.13 20.28
CA ILE A 290 -31.18 1.44 20.12
C ILE A 290 -31.93 1.17 21.42
N ILE A 291 -31.71 -0.01 22.00
CA ILE A 291 -32.41 -0.35 23.24
C ILE A 291 -31.91 0.50 24.38
N THR A 292 -30.67 0.95 24.33
CA THR A 292 -30.16 1.90 25.30
C THR A 292 -30.91 3.21 25.23
N VAL A 293 -31.19 3.68 24.03
CA VAL A 293 -31.98 4.90 23.87
C VAL A 293 -33.39 4.69 24.42
N VAL A 294 -33.97 3.54 24.15
CA VAL A 294 -35.32 3.26 24.65
C VAL A 294 -35.33 3.24 26.18
N VAL A 295 -34.32 2.61 26.77
CA VAL A 295 -34.19 2.58 28.23
C VAL A 295 -34.04 4.00 28.77
N ILE A 296 -33.16 4.79 28.16
CA ILE A 296 -32.93 6.14 28.64
C ILE A 296 -34.20 6.97 28.59
N ASN A 297 -35.00 6.79 27.55
CA ASN A 297 -36.27 7.50 27.47
C ASN A 297 -37.24 7.01 28.52
N THR A 298 -37.34 5.69 28.71
CA THR A 298 -38.16 5.14 29.77
C THR A 298 -37.74 5.66 31.14
N HIS A 299 -36.48 6.08 31.27
CA HIS A 299 -35.98 6.63 32.52
C HIS A 299 -36.51 8.03 32.75
N HIS A 300 -36.21 8.95 31.82
CA HIS A 300 -36.74 10.30 31.88
C HIS A 300 -38.11 10.39 31.25
N ARG A 301 -39.03 9.52 31.66
CA ARG A 301 -40.39 9.51 31.16
C ARG A 301 -41.24 10.19 32.22
N SER A 302 -41.45 11.49 32.07
CA SER A 302 -42.13 12.26 33.10
C SER A 302 -43.58 11.83 33.24
N PRO A 303 -44.12 11.86 34.46
CA PRO A 303 -45.58 11.69 34.62
C PRO A 303 -46.38 12.83 34.03
N SER A 304 -45.83 14.05 34.00
CA SER A 304 -46.55 15.18 33.46
C SER A 304 -47.04 14.94 32.04
N THR A 305 -46.35 14.10 31.28
CA THR A 305 -46.68 13.84 29.88
C THR A 305 -47.03 12.40 29.57
N HIS A 306 -46.53 11.44 30.33
CA HIS A 306 -46.84 10.03 30.13
C HIS A 306 -47.33 9.46 31.44
N THR A 307 -48.32 8.56 31.36
CA THR A 307 -48.83 7.84 32.51
C THR A 307 -48.52 6.36 32.32
N MET A 308 -47.98 5.73 33.36
CA MET A 308 -47.58 4.34 33.26
C MET A 308 -48.80 3.46 33.02
N PRO A 309 -48.84 2.67 31.95
CA PRO A 309 -50.02 1.82 31.71
C PRO A 309 -50.08 0.64 32.67
N GLN A 310 -50.91 -0.34 32.33
CA GLN A 310 -51.13 -1.48 33.21
C GLN A 310 -50.09 -2.57 32.99
N TRP A 311 -49.77 -2.85 31.72
CA TRP A 311 -48.79 -3.89 31.46
C TRP A 311 -47.40 -3.49 31.92
N VAL A 312 -47.08 -2.19 31.93
CA VAL A 312 -45.75 -1.77 32.31
C VAL A 312 -45.51 -2.00 33.80
N ARG A 313 -46.50 -1.67 34.63
CA ARG A 313 -46.39 -1.93 36.06
C ARG A 313 -46.87 -3.31 36.45
N LYS A 314 -47.30 -4.12 35.49
CA LYS A 314 -47.67 -5.51 35.76
C LYS A 314 -46.55 -6.49 35.44
N ILE A 315 -45.82 -6.26 34.36
CA ILE A 315 -44.70 -7.11 33.98
C ILE A 315 -43.41 -6.67 34.63
N PHE A 316 -43.07 -5.39 34.51
CA PHE A 316 -41.77 -4.91 34.97
C PHE A 316 -41.78 -4.51 36.44
N ILE A 317 -42.90 -4.61 37.14
CA ILE A 317 -42.95 -4.26 38.55
C ILE A 317 -43.56 -5.35 39.43
N ASP A 318 -44.32 -6.30 38.89
CA ASP A 318 -44.98 -7.31 39.70
C ASP A 318 -44.65 -8.75 39.33
N THR A 319 -44.09 -9.00 38.15
CA THR A 319 -43.75 -10.35 37.73
C THR A 319 -42.25 -10.56 37.62
N ILE A 320 -41.57 -9.73 36.84
CA ILE A 320 -40.18 -9.96 36.45
C ILE A 320 -39.25 -9.81 37.65
N PRO A 321 -39.35 -8.74 38.44
CA PRO A 321 -38.47 -8.62 39.61
C PRO A 321 -38.52 -9.81 40.54
N ASN A 322 -39.53 -10.67 40.42
CA ASN A 322 -39.65 -11.84 41.27
C ASN A 322 -38.98 -13.07 40.69
N VAL A 323 -38.61 -13.04 39.42
CA VAL A 323 -37.91 -14.15 38.79
C VAL A 323 -36.53 -13.67 38.33
N MET A 324 -35.97 -12.71 39.04
CA MET A 324 -34.65 -12.17 38.75
C MET A 324 -33.78 -12.41 39.97
N PHE A 325 -33.08 -13.55 39.95
CA PHE A 325 -32.28 -14.00 41.09
C PHE A 325 -30.87 -13.42 41.07
N PHE A 326 -30.29 -13.25 39.88
CA PHE A 326 -28.98 -12.62 39.74
C PHE A 326 -29.03 -11.10 39.88
N SER A 327 -30.16 -10.54 40.29
CA SER A 327 -30.34 -9.09 40.31
C SER A 327 -29.79 -8.45 41.58
N THR A 328 -30.28 -8.89 42.74
CA THR A 328 -29.96 -8.27 44.01
C THR A 328 -30.51 -6.85 44.07
N MET A 329 -31.78 -6.71 43.66
CA MET A 329 -32.48 -5.39 43.65
C MET A 329 -33.74 -5.47 44.53
N LYS A 330 -34.44 -4.34 44.68
CA LYS A 330 -35.68 -4.30 45.51
C LYS A 330 -36.79 -5.09 44.81
N ARG A 331 -37.69 -5.71 45.59
CA ARG A 331 -38.81 -6.50 45.03
C ARG A 331 -40.11 -6.15 45.78
N PRO A 370 -54.21 39.80 58.41
CA PRO A 370 -53.81 40.40 57.13
C PRO A 370 -52.55 39.74 56.54
N ASP A 371 -51.43 39.88 57.24
CA ASP A 371 -50.20 39.20 56.87
C ASP A 371 -49.97 37.92 57.66
N VAL A 372 -50.39 37.91 58.92
CA VAL A 372 -50.49 36.65 59.67
C VAL A 372 -51.36 35.66 58.89
N LYS A 373 -52.41 36.15 58.24
CA LYS A 373 -53.27 35.27 57.46
C LYS A 373 -52.55 34.72 56.24
N SER A 374 -51.85 35.60 55.51
CA SER A 374 -51.10 35.16 54.34
C SER A 374 -50.01 34.14 54.71
N ALA A 375 -49.55 34.17 55.96
CA ALA A 375 -48.47 33.27 56.36
C ALA A 375 -48.94 31.82 56.36
N ILE A 376 -50.08 31.54 56.99
CA ILE A 376 -50.57 30.18 57.04
C ILE A 376 -50.98 29.71 55.66
N GLU A 377 -51.53 30.61 54.85
CA GLU A 377 -51.85 30.25 53.47
C GLU A 377 -50.60 29.87 52.69
N GLY A 378 -49.49 30.59 52.94
CA GLY A 378 -48.25 30.25 52.26
C GLY A 378 -47.68 28.94 52.73
N VAL A 379 -47.76 28.66 54.04
CA VAL A 379 -47.30 27.37 54.55
C VAL A 379 -48.12 26.25 53.92
N LYS A 380 -49.43 26.47 53.77
CA LYS A 380 -50.28 25.46 53.16
C LYS A 380 -49.94 25.30 51.68
N TYR A 381 -49.57 26.38 51.00
CA TYR A 381 -49.13 26.28 49.62
C TYR A 381 -47.85 25.46 49.51
N ILE A 382 -46.92 25.69 50.43
CA ILE A 382 -45.69 24.89 50.47
C ILE A 382 -46.02 23.42 50.62
N ALA A 383 -46.95 23.11 51.54
CA ALA A 383 -47.34 21.71 51.71
C ALA A 383 -47.97 21.15 50.45
N GLU A 384 -48.82 21.94 49.79
CA GLU A 384 -49.43 21.51 48.54
C GLU A 384 -48.37 21.14 47.51
N HIS A 385 -47.42 22.04 47.29
CA HIS A 385 -46.39 21.80 46.29
C HIS A 385 -45.53 20.60 46.67
N MET A 386 -45.22 20.46 47.97
CA MET A 386 -44.44 19.32 48.41
C MET A 386 -45.18 18.01 48.13
N LYS A 387 -46.48 17.97 48.41
CA LYS A 387 -47.27 16.78 48.15
C LYS A 387 -47.26 16.43 46.66
N SER A 388 -47.55 17.42 45.82
CA SER A 388 -47.59 17.17 44.38
C SER A 388 -46.24 16.70 43.88
N ASP A 389 -45.17 17.28 44.42
CA ASP A 389 -43.83 16.91 43.98
C ASP A 389 -43.48 15.49 44.40
N GLU A 390 -43.87 15.10 45.62
CA GLU A 390 -43.63 13.73 46.05
C GLU A 390 -44.39 12.73 45.19
N GLU A 391 -45.62 13.07 44.80
CA GLU A 391 -46.37 12.18 43.92
C GLU A 391 -45.68 12.02 42.58
N SER A 392 -45.36 13.14 41.94
CA SER A 392 -44.66 13.07 40.66
C SER A 392 -43.32 12.35 40.79
N SER A 393 -42.65 12.49 41.93
CA SER A 393 -41.37 11.84 42.12
C SER A 393 -41.53 10.34 42.28
N ASN A 394 -42.58 9.90 42.97
CA ASN A 394 -42.87 8.47 43.04
C ASN A 394 -43.12 7.92 41.65
N ALA A 395 -43.84 8.67 40.82
CA ALA A 395 -44.08 8.24 39.44
C ALA A 395 -42.77 8.10 38.68
N ALA A 396 -41.90 9.11 38.77
CA ALA A 396 -40.63 9.06 38.07
C ALA A 396 -39.78 7.91 38.58
N GLU A 397 -39.85 7.60 39.87
CA GLU A 397 -39.12 6.48 40.41
C GLU A 397 -39.65 5.16 39.87
N GLU A 398 -40.96 5.06 39.68
CA GLU A 398 -41.50 3.87 39.03
C GLU A 398 -40.92 3.70 37.64
N TRP A 399 -40.87 4.80 36.87
CA TRP A 399 -40.31 4.73 35.53
C TRP A 399 -38.84 4.30 35.57
N LYS A 400 -38.09 4.86 36.52
CA LYS A 400 -36.68 4.50 36.64
C LYS A 400 -36.50 3.03 36.99
N TYR A 401 -37.35 2.51 37.87
CA TYR A 401 -37.28 1.10 38.22
C TYR A 401 -37.57 0.22 37.02
N VAL A 402 -38.58 0.60 36.23
CA VAL A 402 -38.87 -0.12 35.00
C VAL A 402 -37.64 -0.13 34.09
N ALA A 403 -37.03 1.03 33.90
CA ALA A 403 -35.83 1.12 33.08
C ALA A 403 -34.73 0.19 33.60
N MET A 404 -34.57 0.13 34.91
CA MET A 404 -33.53 -0.72 35.50
C MET A 404 -33.82 -2.19 35.24
N VAL A 405 -35.07 -2.59 35.36
CA VAL A 405 -35.43 -3.99 35.13
C VAL A 405 -35.18 -4.36 33.67
N ILE A 406 -35.60 -3.49 32.75
CA ILE A 406 -35.32 -3.73 31.34
C ILE A 406 -33.82 -3.83 31.11
N ASP A 407 -33.06 -2.99 31.79
CA ASP A 407 -31.62 -2.97 31.59
C ASP A 407 -30.99 -4.29 32.03
N HIS A 408 -31.44 -4.82 33.16
CA HIS A 408 -30.93 -6.12 33.62
C HIS A 408 -31.31 -7.23 32.65
N ILE A 409 -32.59 -7.28 32.25
CA ILE A 409 -33.03 -8.28 31.28
C ILE A 409 -32.12 -8.25 30.06
N LEU A 410 -31.89 -7.07 29.51
CA LEU A 410 -31.11 -6.98 28.28
C LEU A 410 -29.65 -7.29 28.53
N LEU A 411 -29.12 -6.97 29.70
CA LEU A 411 -27.78 -7.43 30.05
C LEU A 411 -27.67 -8.93 29.87
N CYS A 412 -28.61 -9.65 30.48
CA CYS A 412 -28.59 -11.12 30.39
C CYS A 412 -28.74 -11.57 28.93
N VAL A 413 -29.74 -11.03 28.24
CA VAL A 413 -30.01 -11.41 26.86
C VAL A 413 -28.78 -11.20 25.99
N PHE A 414 -28.09 -10.08 26.16
CA PHE A 414 -26.99 -9.74 25.28
C PHE A 414 -25.73 -10.54 25.62
N MET A 415 -25.48 -10.79 26.90
CA MET A 415 -24.38 -11.70 27.24
C MET A 415 -24.62 -13.07 26.62
N LEU A 416 -25.84 -13.58 26.72
CA LEU A 416 -26.13 -14.89 26.16
C LEU A 416 -26.03 -14.88 24.64
N ILE A 417 -26.44 -13.78 24.00
CA ILE A 417 -26.33 -13.68 22.55
C ILE A 417 -24.87 -13.67 22.13
N CYS A 418 -24.03 -12.93 22.87
CA CYS A 418 -22.61 -12.91 22.57
C CYS A 418 -22.03 -14.31 22.68
N ILE A 419 -22.40 -15.04 23.73
CA ILE A 419 -21.89 -16.40 23.90
C ILE A 419 -22.29 -17.26 22.70
N ILE A 420 -23.59 -17.37 22.45
CA ILE A 420 -24.05 -18.27 21.40
C ILE A 420 -23.63 -17.79 20.02
N GLY A 421 -23.25 -16.53 19.88
CA GLY A 421 -22.84 -16.01 18.59
C GLY A 421 -21.38 -16.28 18.31
N THR A 422 -20.52 -16.08 19.32
CA THR A 422 -19.13 -16.48 19.13
C THR A 422 -18.97 -17.99 19.12
N VAL A 423 -19.97 -18.73 19.58
CA VAL A 423 -19.92 -20.18 19.47
C VAL A 423 -20.48 -20.67 18.14
N SER A 424 -21.62 -20.13 17.71
CA SER A 424 -22.26 -20.61 16.49
C SER A 424 -21.36 -20.38 15.28
N VAL A 425 -20.96 -19.13 15.05
CA VAL A 425 -20.14 -18.81 13.89
C VAL A 425 -18.86 -19.64 13.88
N PHE A 426 -18.35 -20.01 15.04
CA PHE A 426 -17.06 -20.67 15.16
C PHE A 426 -17.17 -22.06 15.77
N ALA A 427 -18.28 -22.76 15.56
CA ALA A 427 -18.44 -24.13 16.05
C ALA A 427 -18.42 -25.14 14.91
N GLY A 428 -19.33 -25.01 13.95
CA GLY A 428 -19.39 -25.97 12.85
C GLY A 428 -18.06 -26.16 12.14
N ARG A 429 -17.41 -25.06 11.78
CA ARG A 429 -16.09 -25.16 11.15
C ARG A 429 -15.07 -25.76 12.10
N LEU A 430 -15.12 -25.37 13.37
CA LEU A 430 -14.12 -25.80 14.35
C LEU A 430 -14.31 -27.25 14.77
N ILE A 431 -15.46 -27.85 14.46
CA ILE A 431 -15.62 -29.29 14.67
C ILE A 431 -15.29 -30.07 13.42
N GLU A 432 -15.43 -29.46 12.24
CA GLU A 432 -14.89 -30.07 11.04
C GLU A 432 -13.38 -30.25 11.15
N LEU A 433 -12.74 -29.39 11.95
CA LEU A 433 -11.32 -29.52 12.24
C LEU A 433 -11.12 -30.56 13.35
N ASN B 2 14.34 -39.24 -40.57
CA ASN B 2 13.12 -38.42 -40.26
C ASN B 2 12.73 -37.60 -41.50
N GLU B 3 11.52 -37.80 -42.00
CA GLU B 3 10.98 -37.10 -43.20
C GLU B 3 10.89 -35.59 -42.93
N GLU B 4 10.56 -35.20 -41.70
CA GLU B 4 10.39 -33.77 -41.31
C GLU B 4 11.71 -33.01 -41.53
N GLU B 5 12.85 -33.64 -41.24
CA GLU B 5 14.17 -32.99 -41.40
C GLU B 5 14.37 -32.58 -42.87
N ARG B 6 13.98 -33.45 -43.81
CA ARG B 6 14.13 -33.18 -45.26
C ARG B 6 13.15 -32.08 -45.70
N LEU B 7 11.90 -32.18 -45.26
CA LEU B 7 10.83 -31.25 -45.60
C LEU B 7 11.15 -29.85 -45.10
N ILE B 8 11.38 -29.71 -43.79
CA ILE B 8 11.66 -28.40 -43.20
C ILE B 8 12.90 -27.79 -43.81
N ASN B 9 13.75 -28.57 -44.47
CA ASN B 9 14.84 -27.99 -45.21
C ASN B 9 14.38 -27.53 -46.60
N ASP B 10 13.62 -28.39 -47.29
CA ASP B 10 13.16 -28.07 -48.63
C ASP B 10 12.23 -26.87 -48.65
N LEU B 11 11.70 -26.47 -47.49
CA LEU B 11 10.77 -25.36 -47.39
C LEU B 11 11.45 -24.05 -47.02
N LEU B 12 12.33 -24.08 -46.02
CA LEU B 12 12.90 -22.88 -45.44
C LEU B 12 14.25 -22.50 -46.03
N ILE B 13 15.10 -23.47 -46.29
CA ILE B 13 16.47 -23.21 -46.73
C ILE B 13 16.62 -23.34 -48.23
N VAL B 14 16.24 -24.49 -48.77
CA VAL B 14 16.34 -24.71 -50.22
C VAL B 14 15.56 -23.63 -50.97
N ASN B 15 14.28 -23.50 -50.66
CA ASN B 15 13.41 -22.57 -51.36
C ASN B 15 13.58 -21.14 -50.87
N LYS B 16 14.62 -20.88 -50.08
CA LYS B 16 15.03 -19.52 -49.71
C LYS B 16 13.84 -18.74 -49.17
N TYR B 17 13.10 -19.37 -48.27
CA TYR B 17 11.98 -18.74 -47.60
C TYR B 17 12.44 -17.53 -46.80
N ASN B 18 11.82 -16.38 -47.05
CA ASN B 18 12.07 -15.16 -46.31
C ASN B 18 10.91 -14.90 -45.37
N LYS B 19 11.21 -14.75 -44.09
CA LYS B 19 10.18 -14.54 -43.09
C LYS B 19 9.78 -13.08 -42.96
N HIS B 20 10.47 -12.18 -43.65
CA HIS B 20 10.12 -10.77 -43.66
C HIS B 20 9.41 -10.37 -44.94
N VAL B 21 8.72 -11.32 -45.56
CA VAL B 21 7.96 -11.09 -46.77
C VAL B 21 6.60 -11.75 -46.60
N ARG B 22 5.55 -11.03 -46.92
CA ARG B 22 4.21 -11.56 -46.84
C ARG B 22 4.07 -12.79 -47.76
N PRO B 23 3.26 -13.75 -47.36
CA PRO B 23 2.92 -14.87 -48.24
C PRO B 23 1.91 -14.50 -49.32
N VAL B 24 2.42 -13.86 -50.36
CA VAL B 24 1.61 -13.48 -51.52
C VAL B 24 2.46 -13.66 -52.76
N LYS B 25 1.83 -14.17 -53.82
CA LYS B 25 2.54 -14.31 -55.10
C LYS B 25 2.82 -12.96 -55.71
N HIS B 26 1.82 -12.08 -55.71
CA HIS B 26 1.97 -10.71 -56.18
C HIS B 26 1.77 -9.77 -55.01
N ASN B 27 2.50 -8.65 -55.01
CA ASN B 27 2.33 -7.68 -53.95
C ASN B 27 1.13 -6.78 -54.22
N ASN B 28 -0.01 -7.40 -54.53
CA ASN B 28 -1.28 -6.72 -54.58
C ASN B 28 -2.39 -7.52 -53.91
N GLU B 29 -2.14 -8.77 -53.57
CA GLU B 29 -3.07 -9.58 -52.82
C GLU B 29 -2.95 -9.26 -51.33
N VAL B 30 -3.98 -9.65 -50.58
CA VAL B 30 -4.01 -9.45 -49.14
C VAL B 30 -3.86 -10.79 -48.45
N VAL B 31 -3.17 -10.78 -47.33
CA VAL B 31 -3.12 -11.92 -46.43
C VAL B 31 -4.26 -11.77 -45.43
N ASN B 32 -5.23 -12.65 -45.51
CA ASN B 32 -6.31 -12.66 -44.53
C ASN B 32 -5.84 -13.40 -43.29
N ILE B 33 -5.86 -12.71 -42.16
CA ILE B 33 -5.54 -13.29 -40.86
C ILE B 33 -6.82 -13.36 -40.07
N ALA B 34 -7.25 -14.58 -39.78
CA ALA B 34 -8.37 -14.82 -38.89
C ALA B 34 -7.84 -15.01 -37.47
N LEU B 35 -8.30 -14.17 -36.55
CA LEU B 35 -7.93 -14.29 -35.16
C LEU B 35 -9.17 -14.36 -34.29
N SER B 36 -9.19 -15.33 -33.39
CA SER B 36 -10.16 -15.43 -32.32
C SER B 36 -9.48 -15.10 -31.01
N LEU B 37 -10.25 -15.18 -29.93
CA LEU B 37 -9.72 -14.95 -28.59
C LEU B 37 -10.39 -15.88 -27.61
N THR B 38 -9.59 -16.60 -26.85
CA THR B 38 -10.06 -17.42 -25.75
C THR B 38 -9.63 -16.79 -24.44
N LEU B 39 -10.59 -16.58 -23.55
CA LEU B 39 -10.32 -16.06 -22.22
C LEU B 39 -10.07 -17.25 -21.29
N SER B 40 -8.82 -17.38 -20.85
CA SER B 40 -8.49 -18.41 -19.88
C SER B 40 -8.93 -17.99 -18.49
N ASN B 41 -8.64 -16.75 -18.10
CA ASN B 41 -9.06 -16.28 -16.79
C ASN B 41 -8.94 -14.76 -16.76
N LEU B 42 -9.86 -14.15 -16.03
CA LEU B 42 -9.90 -12.71 -15.81
C LEU B 42 -9.29 -12.45 -14.44
N ILE B 43 -8.10 -11.85 -14.43
CA ILE B 43 -7.35 -11.73 -13.19
C ILE B 43 -7.84 -10.55 -12.37
N SER B 44 -7.94 -9.37 -12.97
CA SER B 44 -8.23 -8.18 -12.20
C SER B 44 -8.84 -7.11 -13.08
N LEU B 45 -9.52 -6.19 -12.42
CA LEU B 45 -9.97 -4.94 -13.01
C LEU B 45 -9.73 -3.80 -12.02
N LYS B 46 -8.48 -3.68 -11.55
CA LYS B 46 -8.10 -2.59 -10.68
C LYS B 46 -8.70 -1.29 -11.15
N GLU B 47 -9.57 -0.72 -10.33
CA GLU B 47 -10.29 0.50 -10.69
C GLU B 47 -9.43 1.74 -10.49
N THR B 48 -8.45 1.66 -9.58
CA THR B 48 -7.56 2.78 -9.34
C THR B 48 -6.57 2.97 -10.49
N ASP B 49 -5.98 1.87 -10.95
CA ASP B 49 -5.09 1.91 -12.09
C ASP B 49 -5.83 1.83 -13.42
N GLU B 50 -7.13 1.54 -13.38
CA GLU B 50 -7.98 1.51 -14.56
C GLU B 50 -7.43 0.55 -15.61
N THR B 51 -7.17 -0.68 -15.18
CA THR B 51 -6.52 -1.67 -16.01
C THR B 51 -7.17 -3.03 -15.83
N LEU B 52 -7.58 -3.61 -16.94
CA LEU B 52 -8.03 -4.98 -16.99
C LEU B 52 -6.84 -5.90 -17.24
N THR B 53 -6.72 -6.94 -16.43
CA THR B 53 -5.69 -7.94 -16.57
C THR B 53 -6.34 -9.26 -16.98
N SER B 54 -5.89 -9.82 -18.08
CA SER B 54 -6.55 -10.97 -18.68
C SER B 54 -5.51 -11.94 -19.20
N ASN B 55 -5.82 -13.21 -19.10
CA ASN B 55 -5.04 -14.28 -19.70
C ASN B 55 -5.84 -14.78 -20.89
N VAL B 56 -5.32 -14.56 -22.08
CA VAL B 56 -6.03 -14.85 -23.31
C VAL B 56 -5.14 -15.66 -24.22
N TRP B 57 -5.76 -16.44 -25.08
CA TRP B 57 -5.09 -17.20 -26.13
C TRP B 57 -5.52 -16.66 -27.47
N MET B 58 -4.61 -16.01 -28.18
CA MET B 58 -4.87 -15.57 -29.53
C MET B 58 -4.78 -16.77 -30.47
N ASP B 59 -5.74 -16.89 -31.38
CA ASP B 59 -5.75 -17.98 -32.33
C ASP B 59 -5.72 -17.39 -33.73
N HIS B 60 -4.53 -17.31 -34.30
CA HIS B 60 -4.33 -16.84 -35.66
C HIS B 60 -4.53 -17.98 -36.64
N ALA B 61 -4.83 -17.61 -37.87
CA ALA B 61 -4.92 -18.59 -38.95
C ALA B 61 -4.76 -17.86 -40.27
N TRP B 62 -3.84 -18.34 -41.08
CA TRP B 62 -3.51 -17.72 -42.36
C TRP B 62 -2.89 -18.77 -43.25
N TYR B 63 -2.84 -18.46 -44.54
CA TYR B 63 -2.25 -19.34 -45.53
C TYR B 63 -0.91 -18.79 -45.96
N ASP B 64 0.10 -19.66 -46.01
CA ASP B 64 1.40 -19.36 -46.59
C ASP B 64 1.62 -20.35 -47.71
N HIS B 65 1.53 -19.88 -48.95
CA HIS B 65 1.71 -20.75 -50.10
C HIS B 65 3.12 -21.33 -50.16
N ARG B 66 4.07 -20.72 -49.46
CA ARG B 66 5.44 -21.19 -49.47
C ARG B 66 5.64 -22.38 -48.54
N LEU B 67 4.75 -22.56 -47.57
CA LEU B 67 4.76 -23.73 -46.68
C LEU B 67 3.81 -24.80 -47.19
N THR B 68 3.95 -25.17 -48.45
CA THR B 68 3.15 -26.19 -49.09
C THR B 68 4.02 -27.39 -49.41
N TRP B 69 3.39 -28.56 -49.45
CA TRP B 69 4.10 -29.77 -49.83
C TRP B 69 3.10 -30.86 -50.14
N ASN B 70 3.48 -31.72 -51.08
CA ASN B 70 2.71 -32.91 -51.41
C ASN B 70 3.09 -34.01 -50.44
N ALA B 71 2.15 -34.36 -49.56
CA ALA B 71 2.46 -35.28 -48.47
C ALA B 71 2.89 -36.66 -48.97
N SER B 72 2.46 -37.04 -50.17
CA SER B 72 2.87 -38.34 -50.69
C SER B 72 4.27 -38.30 -51.28
N GLU B 73 4.70 -37.15 -51.81
CA GLU B 73 6.09 -37.01 -52.24
C GLU B 73 7.04 -37.25 -51.08
N TYR B 74 6.73 -36.65 -49.94
CA TYR B 74 7.37 -37.01 -48.69
C TYR B 74 6.64 -38.23 -48.15
N SER B 75 6.88 -38.59 -46.90
CA SER B 75 5.98 -39.54 -46.28
C SER B 75 4.68 -38.81 -45.92
N ASP B 76 3.66 -39.56 -45.55
CA ASP B 76 2.37 -38.93 -45.39
C ASP B 76 2.38 -38.03 -44.16
N ILE B 77 3.17 -36.97 -44.24
CA ILE B 77 3.24 -35.93 -43.21
C ILE B 77 2.07 -35.00 -43.42
N SER B 78 1.10 -35.05 -42.51
CA SER B 78 -0.12 -34.28 -42.63
C SER B 78 -0.04 -32.93 -41.93
N ILE B 79 1.02 -32.69 -41.15
CA ILE B 79 1.09 -31.52 -40.30
C ILE B 79 2.53 -31.29 -39.90
N LEU B 80 2.84 -30.08 -39.48
CA LEU B 80 4.19 -29.66 -39.19
C LEU B 80 4.15 -28.59 -38.11
N ARG B 81 5.13 -28.62 -37.21
CA ARG B 81 5.29 -27.60 -36.19
C ARG B 81 6.57 -26.82 -36.47
N LEU B 82 6.46 -25.50 -36.42
CA LEU B 82 7.56 -24.64 -36.76
C LEU B 82 7.59 -23.46 -35.80
N PRO B 83 8.78 -23.10 -35.32
CA PRO B 83 8.89 -21.93 -34.47
C PRO B 83 8.64 -20.66 -35.26
N PRO B 84 7.98 -19.68 -34.66
CA PRO B 84 7.64 -18.45 -35.39
C PRO B 84 8.82 -17.57 -35.71
N GLU B 85 10.00 -17.89 -35.21
CA GLU B 85 11.22 -17.20 -35.60
C GLU B 85 11.78 -17.69 -36.91
N LEU B 86 11.13 -18.66 -37.55
CA LEU B 86 11.51 -19.14 -38.86
C LEU B 86 10.50 -18.80 -39.94
N VAL B 87 9.26 -18.57 -39.59
CA VAL B 87 8.18 -18.34 -40.54
C VAL B 87 7.68 -16.92 -40.37
N TRP B 88 6.98 -16.45 -41.38
CA TRP B 88 6.37 -15.14 -41.34
C TRP B 88 5.24 -15.13 -40.33
N ILE B 89 5.23 -14.12 -39.48
CA ILE B 89 4.23 -14.00 -38.42
C ILE B 89 3.59 -12.63 -38.52
N PRO B 90 2.26 -12.53 -38.46
CA PRO B 90 1.61 -11.24 -38.34
C PRO B 90 1.66 -10.74 -36.90
N ASP B 91 2.46 -9.71 -36.66
CA ASP B 91 2.56 -9.14 -35.33
C ASP B 91 1.30 -8.32 -35.10
N ILE B 92 0.29 -9.01 -34.55
CA ILE B 92 -0.99 -8.40 -34.22
C ILE B 92 -0.96 -8.09 -32.73
N VAL B 93 -1.09 -6.81 -32.39
CA VAL B 93 -0.73 -6.31 -31.08
C VAL B 93 -1.93 -5.68 -30.41
N LEU B 94 -1.92 -5.71 -29.09
CA LEU B 94 -2.88 -4.98 -28.29
C LEU B 94 -2.49 -3.51 -28.27
N GLN B 95 -3.30 -2.69 -28.92
CA GLN B 95 -3.00 -1.27 -29.04
C GLN B 95 -3.45 -0.51 -27.80
N ASN B 96 -4.52 -0.95 -27.16
CA ASN B 96 -5.04 -0.31 -25.96
C ASN B 96 -4.48 -0.96 -24.71
N ASN B 97 -3.17 -1.11 -24.67
CA ASN B 97 -2.48 -1.67 -23.53
C ASN B 97 -1.92 -0.55 -22.65
N ASN B 98 -1.87 -0.83 -21.35
CA ASN B 98 -1.35 0.11 -20.37
C ASN B 98 0.14 -0.09 -20.13
N ASP B 99 0.53 -1.32 -19.81
CA ASP B 99 1.94 -1.67 -19.81
C ASP B 99 2.50 -1.60 -21.22
N GLY B 100 3.81 -1.69 -21.32
CA GLY B 100 4.44 -1.68 -22.62
C GLY B 100 4.52 -3.07 -23.22
N GLN B 101 3.39 -3.79 -23.15
CA GLN B 101 3.31 -5.18 -23.57
C GLN B 101 2.29 -5.28 -24.70
N TYR B 102 2.79 -5.16 -25.92
CA TYR B 102 1.95 -5.18 -27.10
C TYR B 102 1.78 -6.58 -27.66
N HIS B 103 2.65 -7.51 -27.29
CA HIS B 103 2.73 -8.82 -27.90
C HIS B 103 2.27 -9.90 -26.95
N VAL B 104 2.09 -11.09 -27.52
CA VAL B 104 1.79 -12.29 -26.76
C VAL B 104 2.98 -12.64 -25.88
N ALA B 105 2.76 -13.54 -24.93
CA ALA B 105 3.74 -13.85 -23.91
C ALA B 105 4.63 -15.01 -24.28
N TYR B 106 4.08 -16.04 -24.90
CA TYR B 106 4.82 -17.22 -25.31
C TYR B 106 4.69 -17.36 -26.81
N PHE B 107 5.79 -17.15 -27.52
CA PHE B 107 5.82 -17.30 -28.97
C PHE B 107 5.97 -18.78 -29.27
N CYS B 108 4.86 -19.48 -29.11
CA CYS B 108 4.81 -20.91 -29.34
C CYS B 108 4.95 -21.22 -30.83
N ASN B 109 4.96 -22.50 -31.13
CA ASN B 109 5.11 -22.96 -32.49
C ASN B 109 3.82 -22.77 -33.28
N VAL B 110 3.97 -22.65 -34.58
CA VAL B 110 2.84 -22.61 -35.50
C VAL B 110 2.65 -24.01 -36.04
N LEU B 111 1.39 -24.37 -36.27
CA LEU B 111 1.05 -25.62 -36.91
C LEU B 111 0.76 -25.35 -38.37
N VAL B 112 1.35 -26.16 -39.25
CA VAL B 112 1.24 -25.99 -40.68
C VAL B 112 0.66 -27.25 -41.28
N ARG B 113 -0.19 -27.08 -42.27
CA ARG B 113 -0.72 -28.16 -43.06
C ARG B 113 -0.18 -28.06 -44.48
N PRO B 114 -0.20 -29.16 -45.23
CA PRO B 114 0.40 -29.14 -46.57
C PRO B 114 -0.24 -28.15 -47.51
N ASN B 115 -1.48 -27.75 -47.27
CA ASN B 115 -2.10 -26.69 -48.07
C ASN B 115 -1.54 -25.32 -47.76
N GLY B 116 -0.76 -25.18 -46.69
CA GLY B 116 -0.25 -23.91 -46.27
C GLY B 116 -1.01 -23.26 -45.14
N TYR B 117 -2.04 -23.92 -44.62
CA TYR B 117 -2.84 -23.37 -43.54
C TYR B 117 -2.04 -23.37 -42.26
N VAL B 118 -1.65 -22.20 -41.81
CA VAL B 118 -0.89 -22.01 -40.58
C VAL B 118 -1.84 -21.59 -39.49
N THR B 119 -1.76 -22.27 -38.35
CA THR B 119 -2.44 -21.85 -37.14
C THR B 119 -1.41 -21.52 -36.07
N TRP B 120 -1.76 -20.57 -35.22
CA TRP B 120 -0.87 -20.12 -34.16
C TRP B 120 -1.73 -19.73 -32.97
N LEU B 121 -1.58 -20.47 -31.88
CA LEU B 121 -2.33 -20.22 -30.65
C LEU B 121 -1.38 -19.80 -29.54
N PRO B 122 -0.89 -18.57 -29.57
CA PRO B 122 0.00 -18.12 -28.53
C PRO B 122 -0.77 -17.60 -27.34
N PRO B 123 -0.37 -17.98 -26.13
CA PRO B 123 -1.01 -17.43 -24.95
C PRO B 123 -0.43 -16.10 -24.56
N ALA B 124 -1.26 -15.28 -23.93
CA ALA B 124 -0.87 -13.93 -23.58
C ALA B 124 -1.46 -13.53 -22.24
N ILE B 125 -0.80 -12.56 -21.62
CA ILE B 125 -1.27 -11.91 -20.41
C ILE B 125 -1.25 -10.43 -20.72
N PHE B 126 -2.41 -9.86 -20.96
CA PHE B 126 -2.55 -8.48 -21.38
C PHE B 126 -3.02 -7.61 -20.22
N ARG B 127 -2.61 -6.36 -20.26
CA ARG B 127 -3.04 -5.35 -19.30
C ARG B 127 -3.61 -4.20 -20.12
N SER B 128 -4.91 -4.26 -20.36
CA SER B 128 -5.58 -3.29 -21.19
C SER B 128 -6.06 -2.11 -20.36
N SER B 129 -6.19 -0.98 -21.02
CA SER B 129 -6.77 0.22 -20.41
C SER B 129 -8.27 0.21 -20.65
N CYS B 130 -9.05 0.05 -19.59
CA CYS B 130 -10.49 0.17 -19.69
C CYS B 130 -10.97 1.08 -18.58
N PRO B 131 -11.59 2.22 -18.90
CA PRO B 131 -12.01 3.17 -17.87
C PRO B 131 -13.26 2.71 -17.14
N ILE B 132 -13.36 3.14 -15.91
CA ILE B 132 -14.42 2.72 -15.01
C ILE B 132 -15.55 3.73 -15.05
N ASN B 133 -16.78 3.23 -14.99
CA ASN B 133 -17.96 4.07 -14.81
C ASN B 133 -18.39 3.89 -13.36
N VAL B 134 -17.92 4.80 -12.50
CA VAL B 134 -18.13 4.68 -11.06
C VAL B 134 -19.52 5.12 -10.62
N LEU B 135 -20.38 5.52 -11.55
CA LEU B 135 -21.65 6.13 -11.18
C LEU B 135 -22.43 5.26 -10.19
N TYR B 136 -22.63 3.99 -10.53
CA TYR B 136 -23.44 3.09 -9.71
C TYR B 136 -22.59 2.19 -8.83
N PHE B 137 -21.33 2.52 -8.64
CA PHE B 137 -20.47 1.76 -7.74
C PHE B 137 -21.14 1.66 -6.37
N PRO B 138 -21.12 0.48 -5.72
CA PRO B 138 -20.49 -0.78 -6.11
C PRO B 138 -21.42 -1.71 -6.88
N PHE B 139 -22.44 -1.14 -7.50
CA PHE B 139 -23.36 -1.89 -8.36
C PHE B 139 -23.07 -1.58 -9.82
N ASP B 140 -21.80 -1.39 -10.14
CA ASP B 140 -21.39 -0.98 -11.47
C ASP B 140 -21.15 -2.18 -12.38
N TRP B 141 -21.42 -1.96 -13.66
CA TRP B 141 -21.02 -2.88 -14.71
C TRP B 141 -20.11 -2.12 -15.66
N GLN B 142 -19.04 -2.78 -16.08
CA GLN B 142 -18.02 -2.16 -16.89
C GLN B 142 -17.99 -2.77 -18.28
N ASN B 143 -17.55 -1.97 -19.23
CA ASN B 143 -17.47 -2.35 -20.64
C ASN B 143 -16.02 -2.18 -21.05
N CYS B 144 -15.23 -3.22 -20.80
CA CYS B 144 -13.79 -3.18 -20.98
C CYS B 144 -13.42 -3.82 -22.31
N SER B 145 -12.58 -3.14 -23.07
CA SER B 145 -12.26 -3.50 -24.44
C SER B 145 -10.83 -3.98 -24.57
N LEU B 146 -10.63 -4.94 -25.47
CA LEU B 146 -9.31 -5.38 -25.89
C LEU B 146 -9.21 -5.16 -27.40
N LYS B 147 -8.42 -4.18 -27.80
CA LYS B 147 -8.35 -3.74 -29.18
C LYS B 147 -7.07 -4.24 -29.81
N PHE B 148 -7.19 -5.00 -30.88
CA PHE B 148 -6.07 -5.64 -31.55
C PHE B 148 -5.91 -5.07 -32.94
N THR B 149 -4.68 -4.70 -33.28
CA THR B 149 -4.37 -4.09 -34.55
C THR B 149 -3.21 -4.80 -35.22
N ALA B 150 -2.99 -4.45 -36.48
CA ALA B 150 -1.84 -4.89 -37.25
C ALA B 150 -1.10 -3.65 -37.71
N LEU B 151 -0.04 -3.31 -36.99
CA LEU B 151 0.71 -2.09 -37.23
C LEU B 151 1.95 -2.31 -38.08
N ASN B 152 2.10 -3.50 -38.66
CA ASN B 152 3.27 -3.77 -39.49
C ASN B 152 2.87 -3.81 -40.96
N TYR B 153 1.57 -3.88 -41.24
CA TYR B 153 1.08 -3.92 -42.60
C TYR B 153 -0.22 -3.14 -42.67
N ASP B 154 -0.49 -2.58 -43.84
CA ASP B 154 -1.72 -1.86 -44.08
C ASP B 154 -2.82 -2.82 -44.53
N ALA B 155 -4.05 -2.30 -44.56
CA ALA B 155 -5.21 -3.09 -44.91
C ALA B 155 -5.19 -3.58 -46.36
N ASN B 156 -4.34 -3.02 -47.20
CA ASN B 156 -4.17 -3.52 -48.56
C ASN B 156 -3.15 -4.65 -48.62
N GLU B 157 -2.47 -4.93 -47.52
CA GLU B 157 -1.47 -5.99 -47.44
C GLU B 157 -1.92 -7.16 -46.61
N ILE B 158 -2.66 -6.93 -45.53
CA ILE B 158 -3.30 -7.99 -44.78
C ILE B 158 -4.70 -7.53 -44.38
N THR B 159 -5.57 -8.50 -44.15
CA THR B 159 -6.96 -8.25 -43.79
C THR B 159 -7.28 -9.01 -42.51
N MET B 160 -7.48 -8.28 -41.43
CA MET B 160 -7.86 -8.87 -40.16
C MET B 160 -9.32 -9.25 -40.19
N ASP B 161 -9.60 -10.52 -39.99
CA ASP B 161 -10.95 -11.06 -39.97
C ASP B 161 -11.14 -11.87 -38.71
N LEU B 162 -12.40 -12.22 -38.45
CA LEU B 162 -12.72 -13.11 -37.35
C LEU B 162 -12.72 -14.56 -37.81
N MET B 163 -12.37 -15.45 -36.90
CA MET B 163 -12.36 -16.87 -37.20
C MET B 163 -13.76 -17.38 -37.47
N THR B 164 -13.87 -18.26 -38.44
CA THR B 164 -15.13 -18.92 -38.78
C THR B 164 -15.16 -20.32 -38.19
N ASP B 165 -16.37 -20.87 -38.12
CA ASP B 165 -16.61 -22.19 -37.57
C ASP B 165 -17.78 -22.81 -38.32
N THR B 166 -18.11 -24.05 -37.97
CA THR B 166 -19.19 -24.78 -38.61
C THR B 166 -20.00 -25.53 -37.58
N ILE B 167 -21.30 -25.65 -37.85
CA ILE B 167 -22.17 -26.51 -37.04
C ILE B 167 -22.96 -27.45 -37.94
N ASP B 168 -23.63 -26.89 -38.95
CA ASP B 168 -24.58 -27.62 -39.78
C ASP B 168 -24.23 -27.46 -41.26
N GLY B 169 -22.96 -27.65 -41.59
CA GLY B 169 -22.52 -27.42 -42.95
C GLY B 169 -22.46 -25.96 -43.35
N LYS B 170 -22.69 -25.04 -42.43
CA LYS B 170 -22.65 -23.61 -42.69
C LYS B 170 -21.48 -22.99 -41.94
N ASP B 171 -20.80 -22.06 -42.60
CA ASP B 171 -19.75 -21.29 -41.97
C ASP B 171 -20.35 -20.11 -41.21
N TYR B 172 -19.92 -19.94 -39.96
CA TYR B 172 -20.34 -18.80 -39.17
C TYR B 172 -19.14 -18.20 -38.45
N PRO B 173 -19.06 -16.88 -38.37
CA PRO B 173 -17.94 -16.24 -37.67
C PRO B 173 -18.08 -16.29 -36.16
N ILE B 174 -16.93 -16.28 -35.50
CA ILE B 174 -16.88 -16.31 -34.05
C ILE B 174 -16.86 -14.86 -33.59
N GLU B 175 -18.05 -14.31 -33.37
CA GLU B 175 -18.25 -12.93 -32.96
C GLU B 175 -18.24 -12.76 -31.46
N TRP B 176 -17.56 -13.65 -30.75
CA TRP B 176 -17.52 -13.61 -29.30
C TRP B 176 -16.17 -14.10 -28.82
N ILE B 177 -15.82 -13.68 -27.61
CA ILE B 177 -14.72 -14.29 -26.89
C ILE B 177 -15.09 -15.72 -26.54
N ILE B 178 -14.15 -16.63 -26.69
CA ILE B 178 -14.36 -18.03 -26.36
C ILE B 178 -14.01 -18.25 -24.90
N ILE B 179 -14.88 -18.95 -24.19
CA ILE B 179 -14.69 -19.24 -22.77
C ILE B 179 -15.11 -20.67 -22.53
N ASP B 180 -14.17 -21.50 -22.09
CA ASP B 180 -14.46 -22.87 -21.73
C ASP B 180 -15.47 -22.90 -20.60
N PRO B 181 -16.62 -23.55 -20.77
CA PRO B 181 -17.66 -23.46 -19.73
C PRO B 181 -17.36 -24.31 -18.51
N GLU B 182 -16.42 -25.25 -18.59
CA GLU B 182 -16.02 -26.06 -17.45
C GLU B 182 -14.72 -25.57 -16.82
N ALA B 183 -13.73 -25.26 -17.64
CA ALA B 183 -12.41 -24.88 -17.17
C ALA B 183 -12.29 -23.41 -16.83
N PHE B 184 -13.38 -22.65 -16.88
CA PHE B 184 -13.34 -21.23 -16.54
C PHE B 184 -13.70 -21.06 -15.07
N THR B 185 -12.73 -20.60 -14.29
CA THR B 185 -12.95 -20.22 -12.90
C THR B 185 -13.40 -18.77 -12.89
N GLU B 186 -14.64 -18.53 -12.50
CA GLU B 186 -15.17 -17.17 -12.48
C GLU B 186 -14.42 -16.34 -11.45
N ASN B 187 -14.14 -15.10 -11.80
CA ASN B 187 -13.49 -14.20 -10.86
C ASN B 187 -14.43 -13.91 -9.70
N GLY B 188 -13.84 -13.67 -8.54
CA GLY B 188 -14.61 -13.48 -7.33
C GLY B 188 -15.24 -12.12 -7.17
N GLU B 189 -14.99 -11.21 -8.09
CA GLU B 189 -15.55 -9.87 -8.03
C GLU B 189 -16.30 -9.46 -9.28
N TRP B 190 -16.11 -10.15 -10.40
CA TRP B 190 -16.68 -9.74 -11.67
C TRP B 190 -17.32 -10.93 -12.37
N GLU B 191 -18.52 -10.71 -12.89
CA GLU B 191 -19.27 -11.70 -13.64
C GLU B 191 -19.39 -11.21 -15.08
N ILE B 192 -19.19 -12.13 -16.02
CA ILE B 192 -19.24 -11.79 -17.45
C ILE B 192 -20.66 -11.94 -17.94
N ILE B 193 -21.22 -10.84 -18.44
CA ILE B 193 -22.57 -10.82 -18.99
C ILE B 193 -22.48 -11.06 -20.49
N HIS B 194 -21.80 -10.16 -21.17
CA HIS B 194 -21.60 -10.23 -22.61
C HIS B 194 -20.11 -10.28 -22.92
N LYS B 195 -19.79 -10.87 -24.07
CA LYS B 195 -18.40 -11.00 -24.52
C LYS B 195 -18.35 -10.96 -26.04
N PRO B 196 -18.64 -9.82 -26.63
CA PRO B 196 -18.65 -9.73 -28.09
C PRO B 196 -17.26 -9.59 -28.68
N ALA B 197 -17.21 -9.81 -29.99
CA ALA B 197 -16.02 -9.55 -30.78
C ALA B 197 -16.45 -8.92 -32.09
N LYS B 198 -15.72 -7.89 -32.50
CA LYS B 198 -16.07 -7.10 -33.66
C LYS B 198 -14.84 -6.85 -34.51
N LYS B 199 -15.01 -6.92 -35.82
CA LYS B 199 -14.05 -6.36 -36.76
C LYS B 199 -14.53 -4.95 -37.09
N ASN B 200 -13.71 -3.97 -36.79
CA ASN B 200 -14.06 -2.58 -36.93
C ASN B 200 -13.25 -1.95 -38.04
N ILE B 201 -13.94 -1.30 -38.97
CA ILE B 201 -13.32 -0.54 -40.03
C ILE B 201 -13.60 0.93 -39.79
N TYR B 202 -12.59 1.76 -40.01
CA TYR B 202 -12.67 3.19 -39.78
C TYR B 202 -12.59 3.91 -41.12
N PRO B 203 -13.71 4.17 -41.78
CA PRO B 203 -13.64 4.66 -43.17
C PRO B 203 -13.15 6.09 -43.27
N ASP B 204 -13.12 6.82 -42.16
CA ASP B 204 -12.46 8.13 -42.17
C ASP B 204 -11.00 8.00 -42.55
N LYS B 205 -10.41 6.83 -42.25
CA LYS B 205 -9.01 6.60 -42.56
C LYS B 205 -8.87 5.85 -43.88
N PHE B 206 -7.67 5.83 -44.42
CA PHE B 206 -7.43 5.17 -45.68
C PHE B 206 -6.92 3.76 -45.48
N PRO B 207 -7.20 2.85 -46.42
CA PRO B 207 -6.72 1.47 -46.26
C PRO B 207 -5.21 1.37 -46.19
N ASN B 208 -4.49 2.16 -46.97
CA ASN B 208 -3.08 2.33 -46.70
C ASN B 208 -2.90 3.06 -45.39
N GLY B 209 -2.28 2.40 -44.44
CA GLY B 209 -2.32 2.84 -43.07
C GLY B 209 -2.78 1.73 -42.15
N THR B 210 -2.33 1.82 -40.91
CA THR B 210 -2.57 0.81 -39.91
C THR B 210 -3.71 1.17 -38.97
N ASN B 211 -4.49 2.18 -39.30
CA ASN B 211 -5.60 2.65 -38.48
C ASN B 211 -6.95 2.42 -39.13
N TYR B 212 -6.99 1.73 -40.25
CA TYR B 212 -8.22 1.37 -40.95
C TYR B 212 -8.79 0.05 -40.46
N GLN B 213 -8.03 -0.68 -39.66
CA GLN B 213 -8.35 -2.04 -39.24
C GLN B 213 -8.43 -2.11 -37.73
N ASP B 214 -9.30 -2.99 -37.25
CA ASP B 214 -9.34 -3.28 -35.83
C ASP B 214 -10.23 -4.48 -35.61
N VAL B 215 -9.72 -5.44 -34.83
CA VAL B 215 -10.53 -6.52 -34.29
C VAL B 215 -10.56 -6.31 -32.79
N THR B 216 -11.73 -6.02 -32.26
CA THR B 216 -11.89 -5.64 -30.88
C THR B 216 -12.76 -6.65 -30.15
N PHE B 217 -12.34 -6.99 -28.93
CA PHE B 217 -13.01 -7.96 -28.09
C PHE B 217 -13.48 -7.24 -26.83
N TYR B 218 -14.78 -7.26 -26.60
CA TYR B 218 -15.39 -6.48 -25.53
C TYR B 218 -15.81 -7.40 -24.40
N LEU B 219 -15.57 -6.94 -23.18
CA LEU B 219 -16.03 -7.62 -21.97
C LEU B 219 -16.96 -6.69 -21.23
N ILE B 220 -18.26 -7.00 -21.24
CA ILE B 220 -19.21 -6.33 -20.38
C ILE B 220 -19.36 -7.20 -19.14
N ILE B 221 -18.82 -6.71 -18.02
CA ILE B 221 -18.70 -7.48 -16.80
C ILE B 221 -19.43 -6.74 -15.69
N ARG B 222 -20.11 -7.51 -14.85
CA ARG B 222 -20.91 -6.99 -13.76
C ARG B 222 -20.21 -7.29 -12.44
N ARG B 223 -20.22 -6.32 -11.54
CA ARG B 223 -19.60 -6.49 -10.24
C ARG B 223 -20.50 -7.29 -9.32
N LYS B 224 -19.87 -8.13 -8.52
CA LYS B 224 -20.56 -8.85 -7.46
C LYS B 224 -20.54 -7.98 -6.20
N PRO B 225 -21.65 -7.34 -5.85
CA PRO B 225 -21.65 -6.39 -4.72
C PRO B 225 -21.97 -7.03 -3.37
N LEU B 226 -20.98 -7.68 -2.81
CA LEU B 226 -21.13 -8.36 -1.53
C LEU B 226 -20.12 -7.91 -0.49
N PHE B 227 -18.86 -7.74 -0.88
CA PHE B 227 -17.86 -7.24 0.06
C PHE B 227 -18.24 -5.84 0.55
N TYR B 228 -18.71 -5.00 -0.36
CA TYR B 228 -19.09 -3.65 -0.01
C TYR B 228 -20.42 -3.62 0.74
N VAL B 229 -21.39 -4.42 0.30
CA VAL B 229 -22.66 -4.49 1.00
C VAL B 229 -22.49 -4.99 2.42
N ILE B 230 -21.50 -5.86 2.65
CA ILE B 230 -21.27 -6.40 3.97
C ILE B 230 -20.32 -5.57 4.82
N ASN B 231 -19.51 -4.71 4.20
CA ASN B 231 -18.50 -3.97 4.93
C ASN B 231 -18.61 -2.47 4.78
N PHE B 232 -19.37 -1.97 3.82
CA PHE B 232 -19.50 -0.52 3.62
C PHE B 232 -20.93 -0.02 3.77
N ILE B 233 -21.89 -0.63 3.08
CA ILE B 233 -23.22 -0.05 2.99
C ILE B 233 -24.03 -0.34 4.24
N THR B 234 -24.12 -1.62 4.61
CA THR B 234 -24.98 -1.99 5.74
C THR B 234 -24.58 -1.28 7.03
N PRO B 235 -23.32 -1.30 7.44
CA PRO B 235 -22.95 -0.60 8.68
C PRO B 235 -23.25 0.88 8.65
N CYS B 236 -22.92 1.56 7.55
CA CYS B 236 -23.17 3.00 7.46
C CYS B 236 -24.65 3.31 7.49
N VAL B 237 -25.46 2.49 6.82
CA VAL B 237 -26.90 2.68 6.84
C VAL B 237 -27.43 2.60 8.27
N LEU B 238 -27.02 1.56 8.99
CA LEU B 238 -27.54 1.39 10.34
C LEU B 238 -27.02 2.47 11.29
N ILE B 239 -25.80 2.95 11.09
CA ILE B 239 -25.24 3.98 11.95
C ILE B 239 -25.94 5.32 11.70
N SER B 240 -26.27 5.60 10.44
CA SER B 240 -27.05 6.79 10.13
C SER B 240 -28.46 6.68 10.70
N PHE B 241 -29.03 5.48 10.70
CA PHE B 241 -30.31 5.28 11.36
C PHE B 241 -30.21 5.61 12.84
N LEU B 242 -29.09 5.23 13.47
CA LEU B 242 -28.84 5.64 14.84
C LEU B 242 -28.90 7.16 14.98
N ALA B 243 -28.22 7.87 14.07
CA ALA B 243 -28.25 9.33 14.12
C ALA B 243 -29.69 9.83 14.10
N SER B 244 -30.50 9.30 13.19
CA SER B 244 -31.91 9.69 13.14
C SER B 244 -32.59 9.45 14.48
N LEU B 245 -32.40 8.25 15.04
CA LEU B 245 -33.02 7.88 16.31
C LEU B 245 -32.54 8.75 17.46
N ALA B 246 -31.45 9.49 17.28
CA ALA B 246 -31.01 10.41 18.32
C ALA B 246 -32.10 11.37 18.79
N PHE B 247 -33.17 11.54 18.00
CA PHE B 247 -34.22 12.47 18.37
C PHE B 247 -35.10 11.94 19.50
N TYR B 248 -35.03 10.65 19.79
CA TYR B 248 -35.78 10.06 20.89
C TYR B 248 -35.04 10.18 22.21
N LEU B 249 -33.86 10.78 22.21
CA LEU B 249 -33.04 10.90 23.40
C LEU B 249 -33.39 12.20 24.12
N PRO B 250 -33.79 12.15 25.39
CA PRO B 250 -34.14 13.40 26.08
C PRO B 250 -32.91 14.23 26.40
N ALA B 251 -33.11 15.56 26.37
CA ALA B 251 -32.01 16.47 26.63
C ALA B 251 -31.51 16.39 28.06
N GLU B 252 -32.33 15.87 28.97
CA GLU B 252 -31.86 15.63 30.33
C GLU B 252 -30.70 14.65 30.34
N SER B 253 -30.50 13.91 29.26
CA SER B 253 -29.30 13.10 29.07
C SER B 253 -28.38 13.83 28.12
N GLY B 254 -27.20 14.21 28.61
CA GLY B 254 -26.25 14.91 27.77
C GLY B 254 -25.60 13.98 26.78
N GLU B 255 -26.39 13.43 25.85
CA GLU B 255 -25.91 12.42 24.93
C GLU B 255 -26.48 12.57 23.53
N LYS B 256 -27.22 13.64 23.24
CA LYS B 256 -27.72 13.84 21.89
C LYS B 256 -26.60 14.18 20.93
N MET B 257 -25.88 15.27 21.21
CA MET B 257 -24.82 15.71 20.31
C MET B 257 -23.71 14.68 20.24
N SER B 258 -23.37 14.06 21.37
CA SER B 258 -22.38 12.99 21.35
C SER B 258 -22.79 11.91 20.35
N THR B 259 -24.02 11.42 20.48
CA THR B 259 -24.55 10.41 19.58
C THR B 259 -24.39 10.84 18.12
N ALA B 260 -24.93 12.00 17.79
CA ALA B 260 -24.98 12.43 16.40
C ALA B 260 -23.59 12.66 15.83
N ILE B 261 -22.71 13.33 16.57
CA ILE B 261 -21.40 13.66 16.04
C ILE B 261 -20.51 12.42 15.98
N SER B 262 -20.72 11.44 16.86
CA SER B 262 -20.00 10.19 16.74
C SER B 262 -20.47 9.40 15.53
N VAL B 263 -21.77 9.46 15.24
CA VAL B 263 -22.27 8.87 14.01
C VAL B 263 -21.59 9.52 12.81
N LEU B 264 -21.43 10.84 12.85
CA LEU B 264 -20.76 11.52 11.75
C LEU B 264 -19.29 11.14 11.66
N LEU B 265 -18.64 10.87 12.80
CA LEU B 265 -17.27 10.39 12.77
C LEU B 265 -17.19 9.03 12.10
N ALA B 266 -18.11 8.13 12.44
CA ALA B 266 -18.17 6.84 11.76
C ALA B 266 -18.36 7.02 10.26
N GLN B 267 -19.24 7.94 9.87
CA GLN B 267 -19.45 8.21 8.45
C GLN B 267 -18.18 8.75 7.80
N ALA B 268 -17.41 9.54 8.53
CA ALA B 268 -16.14 10.02 8.01
C ALA B 268 -15.17 8.88 7.80
N VAL B 269 -15.16 7.92 8.72
CA VAL B 269 -14.32 6.73 8.55
C VAL B 269 -14.73 5.96 7.30
N PHE B 270 -16.04 5.81 7.09
CA PHE B 270 -16.50 5.11 5.89
C PHE B 270 -16.15 5.87 4.63
N LEU B 271 -16.25 7.19 4.67
CA LEU B 271 -15.80 8.01 3.55
C LEU B 271 -14.32 7.80 3.27
N LEU B 272 -13.53 7.66 4.33
CA LEU B 272 -12.11 7.39 4.16
C LEU B 272 -11.88 6.06 3.46
N LEU B 273 -12.54 5.01 3.94
CA LEU B 273 -12.43 3.70 3.30
C LEU B 273 -12.88 3.74 1.85
N THR B 274 -13.90 4.54 1.54
CA THR B 274 -14.41 4.62 0.17
C THR B 274 -13.45 5.36 -0.74
N SER B 275 -12.83 6.43 -0.24
CA SER B 275 -11.98 7.27 -1.09
C SER B 275 -10.80 6.51 -1.66
N GLN B 276 -10.39 5.41 -1.02
CA GLN B 276 -9.27 4.61 -1.50
C GLN B 276 -9.74 3.33 -2.16
N ARG B 277 -10.88 3.38 -2.84
CA ARG B 277 -11.41 2.25 -3.59
C ARG B 277 -11.70 2.58 -5.04
N LEU B 278 -11.78 3.85 -5.41
CA LEU B 278 -12.12 4.29 -6.75
C LEU B 278 -11.02 5.17 -7.30
N PRO B 279 -10.94 5.34 -8.62
CA PRO B 279 -10.03 6.32 -9.18
C PRO B 279 -10.55 7.73 -8.99
N GLU B 280 -9.64 8.69 -9.01
CA GLU B 280 -9.99 10.08 -8.76
C GLU B 280 -10.58 10.71 -10.01
N THR B 281 -11.58 10.06 -10.60
CA THR B 281 -12.20 10.56 -11.80
C THR B 281 -13.34 11.52 -11.46
N ALA B 282 -13.83 12.21 -12.48
CA ALA B 282 -14.79 13.29 -12.27
C ALA B 282 -15.93 13.28 -13.28
N LEU B 283 -16.17 12.17 -13.94
CA LEU B 283 -17.29 12.07 -14.86
C LEU B 283 -18.58 11.69 -14.15
N ALA B 284 -18.51 11.37 -12.86
CA ALA B 284 -19.67 10.99 -12.09
C ALA B 284 -19.27 10.89 -10.63
N VAL B 285 -20.25 11.09 -9.75
CA VAL B 285 -20.08 10.84 -8.32
C VAL B 285 -20.50 9.40 -8.05
N PRO B 286 -19.65 8.57 -7.45
CA PRO B 286 -20.07 7.21 -7.13
C PRO B 286 -21.29 7.19 -6.22
N LEU B 287 -22.24 6.33 -6.57
CA LEU B 287 -23.44 6.12 -5.78
C LEU B 287 -23.14 6.09 -4.30
N ILE B 288 -22.05 5.41 -3.91
CA ILE B 288 -21.72 5.30 -2.50
C ILE B 288 -21.25 6.64 -1.96
N GLY B 289 -20.48 7.39 -2.75
CA GLY B 289 -20.10 8.73 -2.33
C GLY B 289 -21.26 9.69 -2.34
N LYS B 290 -22.18 9.54 -3.29
CA LYS B 290 -23.43 10.27 -3.27
C LYS B 290 -24.18 10.04 -1.96
N TYR B 291 -24.34 8.78 -1.59
CA TYR B 291 -25.05 8.46 -0.36
C TYR B 291 -24.30 8.97 0.85
N LEU B 292 -22.97 8.91 0.82
CA LEU B 292 -22.19 9.41 1.94
C LEU B 292 -22.37 10.91 2.11
N MET B 293 -22.36 11.67 1.02
CA MET B 293 -22.57 13.10 1.14
C MET B 293 -23.98 13.40 1.63
N PHE B 294 -24.97 12.72 1.06
CA PHE B 294 -26.35 12.89 1.50
C PHE B 294 -26.49 12.63 3.00
N ILE B 295 -25.94 11.52 3.47
CA ILE B 295 -26.14 11.11 4.84
C ILE B 295 -25.30 11.92 5.81
N MET B 296 -24.11 12.35 5.40
CA MET B 296 -23.31 13.23 6.23
C MET B 296 -23.97 14.60 6.37
N SER B 297 -24.55 15.12 5.29
CA SER B 297 -25.29 16.36 5.38
C SER B 297 -26.52 16.22 6.25
N LEU B 298 -27.23 15.11 6.12
CA LEU B 298 -28.42 14.89 6.92
C LEU B 298 -28.07 14.77 8.40
N VAL B 299 -26.91 14.17 8.71
CA VAL B 299 -26.51 14.02 10.10
C VAL B 299 -26.02 15.36 10.65
N THR B 300 -25.34 16.16 9.83
CA THR B 300 -25.01 17.52 10.22
C THR B 300 -26.27 18.32 10.52
N GLY B 301 -27.32 18.11 9.74
CA GLY B 301 -28.59 18.76 10.02
C GLY B 301 -29.23 18.25 11.30
N VAL B 302 -29.14 16.94 11.54
CA VAL B 302 -29.59 16.38 12.80
C VAL B 302 -28.88 17.02 13.97
N ILE B 303 -27.57 17.25 13.82
CA ILE B 303 -26.79 17.88 14.88
C ILE B 303 -27.24 19.31 15.10
N VAL B 304 -27.42 20.06 14.02
CA VAL B 304 -27.92 21.43 14.13
C VAL B 304 -29.27 21.45 14.84
N ASN B 305 -30.13 20.49 14.51
CA ASN B 305 -31.47 20.44 15.11
C ASN B 305 -31.41 20.09 16.58
N CYS B 306 -30.55 19.14 16.95
CA CYS B 306 -30.39 18.82 18.36
C CYS B 306 -29.81 20.00 19.12
N GLY B 307 -28.95 20.79 18.47
CA GLY B 307 -28.46 22.00 19.10
C GLY B 307 -29.55 23.02 19.34
N ILE B 308 -30.43 23.18 18.36
CA ILE B 308 -31.58 24.06 18.54
C ILE B 308 -32.45 23.58 19.69
N VAL B 309 -32.73 22.27 19.71
CA VAL B 309 -33.56 21.70 20.77
C VAL B 309 -32.93 21.97 22.13
N LEU B 310 -31.61 21.79 22.24
CA LEU B 310 -30.95 22.04 23.51
C LEU B 310 -31.03 23.51 23.88
N ASN B 311 -30.79 24.40 22.92
CA ASN B 311 -30.91 25.83 23.18
C ASN B 311 -32.26 26.16 23.77
N PHE B 312 -33.33 25.65 23.15
CA PHE B 312 -34.67 25.90 23.67
C PHE B 312 -34.87 25.28 25.04
N HIS B 313 -34.37 24.06 25.22
CA HIS B 313 -34.56 23.33 26.46
C HIS B 313 -33.93 24.05 27.65
N PHE B 314 -32.81 24.71 27.44
CA PHE B 314 -32.04 25.32 28.51
C PHE B 314 -32.27 26.82 28.60
N ARG B 315 -33.41 27.31 28.13
CA ARG B 315 -33.75 28.71 28.30
C ARG B 315 -34.42 28.93 29.64
N THR B 316 -34.29 30.14 30.15
CA THR B 316 -34.82 30.51 31.46
C THR B 316 -35.37 31.93 31.39
N PRO B 317 -36.31 32.27 32.27
CA PRO B 317 -36.83 33.64 32.28
C PRO B 317 -35.74 34.68 32.46
N SER B 318 -34.61 34.26 33.04
CA SER B 318 -33.50 35.18 33.25
C SER B 318 -32.79 35.53 31.97
N THR B 319 -33.00 34.78 30.89
CA THR B 319 -32.28 35.00 29.65
C THR B 319 -33.21 35.05 28.44
N HIS B 320 -34.39 34.46 28.54
CA HIS B 320 -35.28 34.37 27.40
C HIS B 320 -36.73 34.60 27.83
N VAL B 321 -37.57 34.87 26.83
CA VAL B 321 -38.99 35.14 27.03
C VAL B 321 -39.78 34.09 26.25
N LEU B 322 -40.81 33.54 26.90
CA LEU B 322 -41.66 32.52 26.28
C LEU B 322 -42.82 33.21 25.58
N SER B 323 -42.56 33.65 24.36
CA SER B 323 -43.56 34.37 23.58
C SER B 323 -44.82 33.53 23.41
N THR B 324 -45.97 34.21 23.42
CA THR B 324 -47.24 33.50 23.25
C THR B 324 -47.31 32.82 21.89
N ARG B 325 -46.61 33.35 20.89
CA ARG B 325 -46.53 32.69 19.60
C ARG B 325 -45.88 31.32 19.74
N VAL B 326 -44.74 31.26 20.44
CA VAL B 326 -44.02 30.01 20.61
C VAL B 326 -44.86 29.02 21.41
N LYS B 327 -45.58 29.51 22.42
CA LYS B 327 -46.47 28.65 23.18
C LYS B 327 -47.55 28.06 22.27
N GLN B 328 -48.28 28.93 21.58
CA GLN B 328 -49.30 28.47 20.65
C GLN B 328 -48.75 27.41 19.70
N ILE B 329 -47.54 27.62 19.21
CA ILE B 329 -46.99 26.76 18.17
C ILE B 329 -46.56 25.42 18.76
N PHE B 330 -45.66 25.45 19.74
CA PHE B 330 -44.95 24.26 20.20
C PHE B 330 -45.51 23.67 21.49
N LEU B 331 -46.67 24.13 21.95
CA LEU B 331 -47.28 23.55 23.15
C LEU B 331 -48.74 23.21 22.91
N GLU B 332 -49.37 23.94 22.00
CA GLU B 332 -50.79 23.79 21.73
C GLU B 332 -51.09 23.15 20.38
N LYS B 333 -50.54 23.71 19.30
CA LYS B 333 -50.93 23.29 17.97
C LYS B 333 -50.21 22.03 17.52
N LEU B 334 -48.88 22.10 17.41
CA LEU B 334 -48.13 21.02 16.79
C LEU B 334 -48.18 19.72 17.58
N PRO B 335 -48.09 19.76 18.92
CA PRO B 335 -48.25 18.51 19.68
C PRO B 335 -49.52 17.77 19.35
N ARG B 336 -50.63 18.49 19.19
CA ARG B 336 -51.87 17.88 18.76
C ARG B 336 -51.73 17.24 17.39
N ILE B 337 -50.98 17.89 16.50
CA ILE B 337 -50.76 17.34 15.17
C ILE B 337 -49.88 16.10 15.24
N LEU B 338 -48.69 16.23 15.82
CA LEU B 338 -47.77 15.11 15.92
C LEU B 338 -48.30 13.96 16.75
N HIS B 339 -49.47 14.11 17.39
CA HIS B 339 -50.08 13.06 18.20
C HIS B 339 -49.15 12.65 19.34
N MET B 340 -48.90 13.61 20.23
CA MET B 340 -48.02 13.43 21.37
C MET B 340 -48.82 13.14 22.64
N SER B 341 -48.16 12.52 23.61
CA SER B 341 -48.81 12.12 24.84
C SER B 341 -49.06 13.34 25.72
N ARG B 342 -50.33 13.64 25.98
CA ARG B 342 -50.71 14.79 26.79
C ARG B 342 -49.98 16.06 26.37
N HIS B 416 -45.20 43.14 69.79
CA HIS B 416 -45.11 41.79 69.25
C HIS B 416 -44.29 41.78 67.97
N ASP B 417 -43.28 42.64 67.90
CA ASP B 417 -42.45 42.72 66.71
C ASP B 417 -41.78 41.38 66.42
N GLU B 418 -41.61 40.55 67.45
CA GLU B 418 -40.96 39.26 67.25
C GLU B 418 -41.83 38.33 66.42
N ILE B 419 -43.09 38.15 66.84
CA ILE B 419 -44.02 37.35 66.04
C ILE B 419 -44.21 37.99 64.68
N LYS B 420 -44.28 39.31 64.63
CA LYS B 420 -44.41 39.99 63.34
C LYS B 420 -43.19 39.73 62.48
N SER B 421 -42.01 39.69 63.09
CA SER B 421 -40.80 39.35 62.34
C SER B 421 -40.91 37.95 61.75
N GLY B 422 -41.33 36.99 62.55
CA GLY B 422 -41.50 35.64 62.04
C GLY B 422 -42.53 35.57 60.93
N ILE B 423 -43.61 36.35 61.05
CA ILE B 423 -44.66 36.34 60.05
C ILE B 423 -44.15 36.90 58.73
N ASP B 424 -43.45 38.04 58.79
CA ASP B 424 -42.88 38.61 57.59
C ASP B 424 -41.84 37.67 56.98
N SER B 425 -41.12 36.92 57.82
CA SER B 425 -40.12 36.00 57.30
C SER B 425 -40.77 34.85 56.56
N THR B 426 -41.83 34.27 57.12
CA THR B 426 -42.52 33.20 56.41
C THR B 426 -43.17 33.72 55.14
N ASN B 427 -43.68 34.95 55.16
CA ASN B 427 -44.24 35.55 53.95
C ASN B 427 -43.16 35.68 52.87
N TYR B 428 -41.97 36.11 53.26
CA TYR B 428 -40.86 36.22 52.32
C TYR B 428 -40.48 34.87 51.75
N ILE B 429 -40.41 33.85 52.61
CA ILE B 429 -40.10 32.50 52.14
C ILE B 429 -41.14 32.04 51.12
N VAL B 430 -42.42 32.27 51.41
CA VAL B 430 -43.47 31.86 50.49
C VAL B 430 -43.34 32.60 49.17
N LYS B 431 -43.07 33.90 49.23
CA LYS B 431 -42.88 34.67 48.00
C LYS B 431 -41.78 34.06 47.15
N GLN B 432 -40.64 33.78 47.76
CA GLN B 432 -39.52 33.24 47.00
C GLN B 432 -39.85 31.86 46.44
N ILE B 433 -40.58 31.04 47.20
CA ILE B 433 -40.90 29.70 46.73
C ILE B 433 -41.87 29.76 45.55
N LYS B 434 -42.83 30.69 45.61
CA LYS B 434 -43.74 30.85 44.48
C LYS B 434 -42.99 31.34 43.24
N GLU B 435 -42.05 32.28 43.42
CA GLU B 435 -41.24 32.73 42.30
C GLU B 435 -40.47 31.57 41.69
N LYS B 436 -39.87 30.74 42.55
CA LYS B 436 -39.10 29.59 42.07
C LYS B 436 -39.98 28.62 41.30
N ASN B 437 -41.21 28.42 41.79
CA ASN B 437 -42.10 27.47 41.11
C ASN B 437 -42.54 28.01 39.76
N ALA B 438 -42.78 29.32 39.66
CA ALA B 438 -43.07 29.91 38.36
C ALA B 438 -41.88 29.73 37.41
N TYR B 439 -40.67 30.01 37.90
CA TYR B 439 -39.47 29.73 37.15
C TYR B 439 -39.47 28.32 36.60
N ASP B 440 -39.65 27.33 37.47
CA ASP B 440 -39.60 25.93 37.06
C ASP B 440 -40.72 25.59 36.08
N GLU B 441 -41.89 26.22 36.24
CA GLU B 441 -42.99 25.98 35.31
C GLU B 441 -42.62 26.44 33.91
N GLU B 442 -42.07 27.65 33.79
CA GLU B 442 -41.67 28.12 32.47
C GLU B 442 -40.53 27.27 31.91
N VAL B 443 -39.64 26.78 32.78
CA VAL B 443 -38.58 25.88 32.31
C VAL B 443 -39.18 24.60 31.75
N GLY B 444 -40.21 24.07 32.41
CA GLY B 444 -40.87 22.88 31.90
C GLY B 444 -41.56 23.14 30.57
N ASN B 445 -42.11 24.34 30.40
CA ASN B 445 -42.73 24.67 29.12
C ASN B 445 -41.68 24.74 28.02
N TRP B 446 -40.52 25.33 28.32
CA TRP B 446 -39.42 25.32 27.35
C TRP B 446 -39.00 23.90 27.01
N ASN B 447 -39.00 23.01 28.00
CA ASN B 447 -38.66 21.63 27.74
C ASN B 447 -39.67 20.96 26.82
N LEU B 448 -40.95 21.24 27.03
CA LEU B 448 -41.97 20.72 26.12
C LEU B 448 -41.78 21.26 24.71
N VAL B 449 -41.41 22.54 24.59
CA VAL B 449 -41.10 23.10 23.28
C VAL B 449 -39.99 22.32 22.62
N GLY B 450 -38.93 22.01 23.37
CA GLY B 450 -37.86 21.19 22.85
C GLY B 450 -38.32 19.83 22.39
N GLN B 451 -39.16 19.16 23.20
CA GLN B 451 -39.68 17.85 22.82
C GLN B 451 -40.47 17.93 21.52
N THR B 452 -41.21 19.02 21.33
CA THR B 452 -42.00 19.17 20.12
C THR B 452 -41.10 19.35 18.91
N ILE B 453 -40.12 20.25 19.01
CA ILE B 453 -39.13 20.38 17.95
C ILE B 453 -38.51 19.04 17.64
N ASP B 454 -38.27 18.24 18.68
CA ASP B 454 -37.62 16.94 18.50
C ASP B 454 -38.48 15.99 17.69
N ARG B 455 -39.75 15.83 18.07
CA ARG B 455 -40.63 14.93 17.33
C ARG B 455 -40.84 15.43 15.90
N LEU B 456 -40.92 16.75 15.73
CA LEU B 456 -41.04 17.31 14.39
C LEU B 456 -39.84 16.93 13.53
N SER B 457 -38.64 17.18 14.04
CA SER B 457 -37.43 16.85 13.29
C SER B 457 -37.36 15.36 12.99
N MET B 458 -37.78 14.53 13.93
CA MET B 458 -37.83 13.10 13.68
C MET B 458 -38.74 12.79 12.50
N PHE B 459 -40.01 13.20 12.60
CA PHE B 459 -40.98 12.90 11.57
C PHE B 459 -40.67 13.56 10.24
N ILE B 460 -39.72 14.50 10.21
CA ILE B 460 -39.32 15.12 8.94
C ILE B 460 -38.08 14.45 8.37
N ILE B 461 -37.20 13.95 9.22
CA ILE B 461 -35.89 13.48 8.80
C ILE B 461 -35.91 11.96 8.60
N THR B 462 -36.27 11.23 9.64
CA THR B 462 -36.26 9.77 9.55
C THR B 462 -36.92 9.26 8.27
N PRO B 463 -38.11 9.74 7.88
CA PRO B 463 -38.62 9.38 6.56
C PRO B 463 -37.67 9.75 5.45
N VAL B 464 -37.10 10.95 5.50
CA VAL B 464 -36.17 11.39 4.48
C VAL B 464 -34.96 10.46 4.41
N MET B 465 -34.40 10.13 5.57
CA MET B 465 -33.24 9.24 5.59
C MET B 465 -33.58 7.90 4.95
N VAL B 466 -34.64 7.25 5.44
CA VAL B 466 -35.00 5.94 4.95
C VAL B 466 -35.27 5.99 3.45
N LEU B 467 -36.09 6.95 3.02
CA LEU B 467 -36.51 7.00 1.63
C LEU B 467 -35.34 7.33 0.71
N GLY B 468 -34.45 8.21 1.12
CA GLY B 468 -33.29 8.50 0.30
C GLY B 468 -32.36 7.30 0.19
N THR B 469 -32.14 6.60 1.30
CA THR B 469 -31.34 5.38 1.26
C THR B 469 -31.94 4.37 0.29
N ILE B 470 -33.25 4.13 0.41
CA ILE B 470 -33.91 3.15 -0.44
C ILE B 470 -33.85 3.58 -1.90
N PHE B 471 -34.19 4.84 -2.17
CA PHE B 471 -34.12 5.37 -3.52
C PHE B 471 -32.75 5.13 -4.13
N ILE B 472 -31.71 5.56 -3.42
CA ILE B 472 -30.35 5.44 -3.93
C ILE B 472 -29.99 3.98 -4.22
N PHE B 473 -30.29 3.10 -3.27
CA PHE B 473 -29.77 1.74 -3.40
C PHE B 473 -30.64 0.86 -4.28
N VAL B 474 -31.88 1.24 -4.57
CA VAL B 474 -32.61 0.57 -5.64
C VAL B 474 -32.17 1.10 -7.00
N MET B 475 -31.99 2.42 -7.11
CA MET B 475 -31.42 2.97 -8.33
C MET B 475 -30.09 2.29 -8.66
N GLY B 476 -29.35 1.88 -7.63
CA GLY B 476 -28.12 1.13 -7.83
C GLY B 476 -28.34 -0.34 -8.12
N ASN B 477 -29.26 -0.98 -7.39
CA ASN B 477 -29.53 -2.39 -7.60
C ASN B 477 -30.26 -2.66 -8.90
N PHE B 478 -30.96 -1.68 -9.45
CA PHE B 478 -31.67 -1.81 -10.72
C PHE B 478 -30.84 -1.27 -11.88
N ASN B 479 -29.53 -1.39 -11.80
CA ASN B 479 -28.61 -0.97 -12.85
C ASN B 479 -28.06 -2.17 -13.59
N HIS B 480 -28.90 -3.16 -13.82
CA HIS B 480 -28.46 -4.31 -14.59
C HIS B 480 -28.03 -3.86 -15.98
N PRO B 481 -27.00 -4.47 -16.56
CA PRO B 481 -26.57 -4.05 -17.89
C PRO B 481 -27.66 -4.26 -18.92
N PRO B 482 -27.50 -3.70 -20.11
CA PRO B 482 -28.64 -3.54 -21.03
C PRO B 482 -29.16 -4.83 -21.63
N ALA B 483 -28.57 -5.98 -21.31
CA ALA B 483 -29.08 -7.25 -21.80
C ALA B 483 -28.79 -7.45 -23.28
N LYS B 484 -28.28 -6.42 -23.93
CA LYS B 484 -27.92 -6.48 -25.32
C LYS B 484 -26.88 -5.41 -25.62
N PRO B 485 -25.66 -5.78 -25.97
CA PRO B 485 -24.65 -4.78 -26.30
C PRO B 485 -24.94 -4.15 -27.66
N PHE B 486 -24.15 -3.13 -27.99
CA PHE B 486 -24.20 -2.54 -29.32
C PHE B 486 -25.62 -2.08 -29.66
N GLU B 487 -26.01 -1.02 -28.95
CA GLU B 487 -27.40 -0.57 -28.85
C GLU B 487 -28.21 -0.80 -30.11
N GLY B 488 -27.68 -0.41 -31.26
CA GLY B 488 -28.40 -0.60 -32.51
C GLY B 488 -28.12 -1.93 -33.17
N ASP B 489 -28.05 -3.00 -32.39
CA ASP B 489 -27.75 -4.33 -32.90
C ASP B 489 -28.62 -5.33 -32.17
N PRO B 490 -29.59 -5.97 -32.84
CA PRO B 490 -30.42 -6.98 -32.17
C PRO B 490 -29.67 -8.27 -31.87
N PHE B 491 -28.42 -8.37 -32.30
CA PHE B 491 -27.64 -9.58 -32.13
C PHE B 491 -27.12 -9.66 -30.71
N ASP B 492 -27.21 -10.86 -30.13
CA ASP B 492 -26.78 -11.10 -28.76
C ASP B 492 -25.31 -11.45 -28.64
N TYR B 493 -24.65 -11.77 -29.75
CA TYR B 493 -23.23 -12.12 -29.75
C TYR B 493 -22.96 -13.25 -28.76
N SER B 494 -23.76 -14.30 -28.87
CA SER B 494 -23.68 -15.46 -27.98
C SER B 494 -23.24 -16.68 -28.76
N SER B 495 -22.45 -17.52 -28.10
CA SER B 495 -22.01 -18.76 -28.71
C SER B 495 -23.15 -19.71 -29.02
N ASP B 496 -24.26 -19.58 -28.30
CA ASP B 496 -25.39 -20.50 -28.49
C ASP B 496 -26.07 -20.25 -29.83
N HIS B 497 -26.58 -19.03 -30.03
CA HIS B 497 -27.25 -18.68 -31.27
C HIS B 497 -26.35 -17.82 -32.14
N PRO B 498 -25.56 -18.41 -33.01
CA PRO B 498 -24.89 -17.63 -34.06
C PRO B 498 -25.88 -17.19 -35.12
N ARG B 499 -25.40 -16.58 -36.20
CA ARG B 499 -26.26 -16.04 -37.23
C ARG B 499 -26.23 -16.84 -38.53
N CYS B 500 -25.04 -17.12 -39.05
CA CYS B 500 -24.91 -17.81 -40.34
C CYS B 500 -24.24 -19.17 -40.17
N SER C 1 6.41 -13.36 -52.09
CA SER C 1 6.52 -12.68 -53.41
C SER C 1 7.96 -12.69 -53.86
N VAL C 2 8.19 -13.11 -55.10
CA VAL C 2 9.55 -13.28 -55.59
C VAL C 2 10.17 -11.95 -55.95
N MET C 3 9.38 -10.99 -56.43
CA MET C 3 9.93 -9.66 -56.72
C MET C 3 10.30 -8.93 -55.44
N GLU C 4 9.55 -9.15 -54.36
CA GLU C 4 9.90 -8.52 -53.10
C GLU C 4 11.22 -9.04 -52.56
N ASP C 5 11.42 -10.36 -52.62
CA ASP C 5 12.69 -10.94 -52.20
C ASP C 5 13.83 -10.40 -53.04
N THR C 6 13.65 -10.36 -54.36
CA THR C 6 14.69 -9.85 -55.25
C THR C 6 15.04 -8.41 -54.93
N LEU C 7 14.01 -7.58 -54.77
CA LEU C 7 14.21 -6.17 -54.48
C LEU C 7 14.91 -5.98 -53.15
N LEU C 8 14.50 -6.71 -52.12
CA LEU C 8 15.16 -6.61 -50.83
C LEU C 8 16.61 -7.04 -50.92
N SER C 9 16.89 -8.13 -51.63
CA SER C 9 18.26 -8.55 -51.82
C SER C 9 19.07 -7.47 -52.48
N VAL C 10 18.49 -6.80 -53.48
CA VAL C 10 19.18 -5.72 -54.18
C VAL C 10 19.49 -4.59 -53.23
N LEU C 11 18.45 -4.02 -52.62
CA LEU C 11 18.60 -2.84 -51.77
C LEU C 11 19.65 -3.06 -50.69
N PHE C 12 19.61 -4.21 -50.04
CA PHE C 12 20.39 -4.45 -48.83
C PHE C 12 21.66 -5.27 -49.07
N GLU C 13 22.20 -5.23 -50.28
CA GLU C 13 23.51 -5.83 -50.52
C GLU C 13 24.58 -5.15 -49.69
N THR C 14 24.80 -3.86 -49.93
CA THR C 14 25.84 -3.08 -49.28
C THR C 14 25.27 -2.04 -48.33
N TYR C 15 23.97 -2.13 -48.03
CA TYR C 15 23.32 -1.17 -47.15
C TYR C 15 23.67 -1.46 -45.70
N ASN C 16 24.21 -0.46 -45.01
CA ASN C 16 24.53 -0.58 -43.60
C ASN C 16 23.64 0.33 -42.79
N PRO C 17 22.86 -0.20 -41.85
CA PRO C 17 21.98 0.66 -41.05
C PRO C 17 22.67 1.44 -39.95
N LYS C 18 23.95 1.19 -39.69
CA LYS C 18 24.70 2.03 -38.78
C LYS C 18 25.08 3.37 -39.37
N VAL C 19 24.85 3.55 -40.67
CA VAL C 19 25.34 4.71 -41.39
C VAL C 19 24.18 5.63 -41.70
N ARG C 20 24.35 6.88 -41.39
CA ARG C 20 23.36 7.91 -41.65
C ARG C 20 23.38 8.26 -43.13
N PRO C 21 22.23 8.28 -43.80
CA PRO C 21 22.22 8.57 -45.22
C PRO C 21 22.56 10.00 -45.57
N ALA C 22 23.75 10.21 -46.10
CA ALA C 22 24.17 11.49 -46.66
C ALA C 22 24.79 11.20 -48.01
N GLN C 23 24.00 11.36 -49.07
CA GLN C 23 24.48 11.08 -50.42
C GLN C 23 25.74 11.87 -50.73
N THR C 24 25.96 12.97 -50.02
CA THR C 24 27.16 13.79 -50.19
C THR C 24 27.65 14.17 -48.80
N VAL C 25 28.94 13.97 -48.56
CA VAL C 25 29.50 14.26 -47.24
C VAL C 25 29.22 15.71 -46.87
N GLY C 26 28.56 15.91 -45.75
CA GLY C 26 28.19 17.22 -45.27
C GLY C 26 26.70 17.46 -45.26
N ASP C 27 25.92 16.62 -45.95
CA ASP C 27 24.48 16.79 -45.98
C ASP C 27 23.88 16.49 -44.62
N LYS C 28 22.66 16.98 -44.43
CA LYS C 28 21.87 16.69 -43.25
C LYS C 28 20.64 15.90 -43.64
N VAL C 29 20.24 14.99 -42.78
CA VAL C 29 19.02 14.22 -42.97
C VAL C 29 17.87 14.97 -42.31
N THR C 30 16.76 15.07 -43.00
CA THR C 30 15.60 15.80 -42.52
C THR C 30 14.61 14.81 -41.94
N VAL C 31 14.38 14.91 -40.64
CA VAL C 31 13.48 14.02 -39.91
C VAL C 31 12.29 14.84 -39.43
N ARG C 32 11.09 14.37 -39.75
CA ARG C 32 9.86 15.00 -39.34
C ARG C 32 9.30 14.24 -38.15
N VAL C 33 9.13 14.92 -37.03
CA VAL C 33 8.73 14.30 -35.79
C VAL C 33 7.32 14.77 -35.45
N GLY C 34 6.37 13.85 -35.54
CA GLY C 34 5.03 14.08 -35.06
C GLY C 34 4.70 13.11 -33.93
N LEU C 35 3.56 13.35 -33.30
CA LEU C 35 3.12 12.54 -32.18
C LEU C 35 1.63 12.35 -32.25
N THR C 36 1.20 11.10 -32.15
CA THR C 36 -0.21 10.75 -32.04
C THR C 36 -0.46 10.22 -30.63
N LEU C 37 -1.30 10.92 -29.89
CA LEU C 37 -1.67 10.50 -28.55
C LEU C 37 -2.85 9.54 -28.62
N THR C 38 -2.68 8.37 -28.03
CA THR C 38 -3.73 7.38 -27.96
C THR C 38 -4.40 7.32 -26.60
N ASN C 39 -3.68 7.65 -25.54
CA ASN C 39 -4.27 7.74 -24.22
C ASN C 39 -3.34 8.44 -23.24
N LEU C 40 -3.87 9.42 -22.52
CA LEU C 40 -3.20 9.95 -21.34
C LEU C 40 -3.64 9.09 -20.17
N LEU C 41 -2.74 8.22 -19.72
CA LEU C 41 -3.08 7.24 -18.71
C LEU C 41 -3.09 7.84 -17.33
N ILE C 42 -1.96 8.39 -16.90
CA ILE C 42 -1.75 8.74 -15.50
C ILE C 42 -0.88 9.98 -15.47
N LEU C 43 -1.09 10.80 -14.44
CA LEU C 43 -0.25 11.94 -14.13
C LEU C 43 0.06 11.98 -12.64
N ASN C 44 0.53 10.86 -12.13
CA ASN C 44 0.92 10.74 -10.73
C ASN C 44 1.72 11.96 -10.29
N GLU C 45 1.19 12.68 -9.31
CA GLU C 45 1.82 13.88 -8.81
C GLU C 45 2.73 13.61 -7.63
N LYS C 46 2.68 12.41 -7.05
CA LYS C 46 3.58 12.07 -5.96
C LYS C 46 5.01 11.92 -6.44
N ILE C 47 5.19 11.48 -7.70
CA ILE C 47 6.51 11.28 -8.28
C ILE C 47 6.76 12.17 -9.47
N GLU C 48 5.81 13.04 -9.83
CA GLU C 48 5.96 13.96 -10.95
C GLU C 48 6.24 13.19 -12.24
N GLU C 49 5.29 12.35 -12.61
CA GLU C 49 5.41 11.48 -13.75
C GLU C 49 4.13 11.52 -14.56
N MET C 50 4.28 11.27 -15.86
CA MET C 50 3.20 11.38 -16.83
C MET C 50 3.32 10.20 -17.79
N THR C 51 2.30 9.36 -17.82
CA THR C 51 2.32 8.12 -18.58
C THR C 51 1.36 8.24 -19.75
N THR C 52 1.85 7.95 -20.95
CA THR C 52 1.07 8.08 -22.18
C THR C 52 1.36 6.91 -23.09
N ASN C 53 0.37 6.59 -23.91
CA ASN C 53 0.50 5.66 -25.02
C ASN C 53 0.42 6.48 -26.29
N VAL C 54 1.53 6.58 -27.00
CA VAL C 54 1.64 7.46 -28.15
C VAL C 54 2.25 6.72 -29.32
N PHE C 55 1.86 7.14 -30.52
CA PHE C 55 2.56 6.80 -31.74
C PHE C 55 3.45 7.97 -32.12
N LEU C 56 4.74 7.73 -32.24
CA LEU C 56 5.59 8.67 -32.94
C LEU C 56 5.35 8.53 -34.44
N ASN C 57 5.46 9.65 -35.15
CA ASN C 57 5.26 9.69 -36.59
C ASN C 57 6.52 10.29 -37.18
N LEU C 58 7.45 9.43 -37.56
CA LEU C 58 8.74 9.83 -38.09
C LEU C 58 8.78 9.62 -39.59
N ALA C 59 9.48 10.51 -40.26
CA ALA C 59 9.63 10.44 -41.70
C ALA C 59 10.98 11.00 -42.08
N TRP C 60 11.65 10.33 -43.00
CA TRP C 60 12.95 10.75 -43.47
C TRP C 60 13.19 10.12 -44.82
N THR C 61 14.31 10.49 -45.43
CA THR C 61 14.67 10.05 -46.77
C THR C 61 16.02 9.37 -46.74
N ASP C 62 16.06 8.13 -47.19
CA ASP C 62 17.29 7.37 -47.37
C ASP C 62 17.51 7.16 -48.85
N TYR C 63 18.52 7.84 -49.40
CA TYR C 63 18.80 7.78 -50.82
C TYR C 63 19.11 6.37 -51.30
N ARG C 64 19.42 5.46 -50.38
CA ARG C 64 19.81 4.11 -50.76
C ARG C 64 18.62 3.21 -51.01
N LEU C 65 17.46 3.56 -50.48
CA LEU C 65 16.26 2.75 -50.64
C LEU C 65 15.37 3.30 -51.75
N GLN C 66 15.93 3.29 -52.95
CA GLN C 66 15.23 3.72 -54.15
C GLN C 66 15.21 2.59 -55.17
N TRP C 67 14.22 2.62 -56.03
CA TRP C 67 14.08 1.60 -57.06
C TRP C 67 13.01 2.05 -58.04
N ASP C 68 13.08 1.49 -59.25
CA ASP C 68 12.04 1.70 -60.23
C ASP C 68 10.99 0.62 -60.09
N PRO C 69 9.74 0.97 -59.78
CA PRO C 69 8.72 -0.08 -59.67
C PRO C 69 8.43 -0.82 -60.96
N ALA C 70 8.67 -0.19 -62.11
CA ALA C 70 8.49 -0.90 -63.37
C ALA C 70 9.39 -2.12 -63.48
N ALA C 71 10.51 -2.11 -62.76
CA ALA C 71 11.43 -3.25 -62.75
C ALA C 71 11.07 -4.28 -61.70
N TYR C 72 10.07 -4.02 -60.86
CA TYR C 72 9.72 -4.92 -59.77
C TYR C 72 8.21 -5.07 -59.66
N GLU C 73 7.55 -5.30 -60.79
CA GLU C 73 6.11 -5.59 -60.83
C GLU C 73 5.30 -4.51 -60.13
N GLY C 74 5.72 -3.27 -60.27
CA GLY C 74 4.95 -2.16 -59.75
C GLY C 74 4.97 -2.00 -58.26
N ILE C 75 5.95 -2.59 -57.57
CA ILE C 75 6.09 -2.41 -56.13
C ILE C 75 6.48 -0.96 -55.87
N LYS C 76 5.57 -0.19 -55.30
CA LYS C 76 5.79 1.21 -55.00
C LYS C 76 6.07 1.47 -53.53
N ASP C 77 5.90 0.48 -52.67
CA ASP C 77 6.06 0.66 -51.24
C ASP C 77 6.37 -0.69 -50.61
N LEU C 78 7.31 -0.69 -49.67
CA LEU C 78 7.71 -1.87 -48.94
C LEU C 78 7.56 -1.65 -47.45
N ARG C 79 7.22 -2.72 -46.74
CA ARG C 79 7.20 -2.74 -45.29
C ARG C 79 8.37 -3.58 -44.83
N ILE C 80 9.32 -2.95 -44.15
CA ILE C 80 10.62 -3.53 -43.85
C ILE C 80 10.83 -3.44 -42.35
N PRO C 81 11.29 -4.50 -41.69
CA PRO C 81 11.60 -4.41 -40.26
C PRO C 81 12.51 -3.23 -39.97
N SER C 82 12.23 -2.57 -38.85
CA SER C 82 12.94 -1.34 -38.51
C SER C 82 14.42 -1.59 -38.26
N SER C 83 14.77 -2.80 -37.81
CA SER C 83 16.15 -3.11 -37.50
C SER C 83 17.02 -3.20 -38.75
N ASP C 84 16.41 -3.24 -39.92
CA ASP C 84 17.15 -3.44 -41.16
C ASP C 84 17.52 -2.14 -41.86
N VAL C 85 16.85 -1.05 -41.52
CA VAL C 85 17.16 0.25 -42.09
C VAL C 85 17.79 1.13 -41.02
N TRP C 86 18.43 2.19 -41.48
CA TRP C 86 18.91 3.22 -40.57
C TRP C 86 17.73 4.02 -40.05
N GLN C 87 17.67 4.20 -38.74
CA GLN C 87 16.67 5.02 -38.13
C GLN C 87 17.33 5.97 -37.15
N PRO C 88 16.84 7.20 -37.04
CA PRO C 88 17.42 8.12 -36.08
C PRO C 88 17.01 7.77 -34.67
N ASP C 89 17.88 8.08 -33.73
CA ASP C 89 17.66 7.71 -32.34
C ASP C 89 16.74 8.73 -31.66
N ILE C 90 15.58 8.92 -32.27
CA ILE C 90 14.57 9.83 -31.73
C ILE C 90 13.99 9.21 -30.48
N VAL C 91 14.19 9.88 -29.35
CA VAL C 91 13.87 9.33 -28.05
C VAL C 91 13.24 10.41 -27.19
N LEU C 92 12.59 9.97 -26.11
CA LEU C 92 12.08 10.88 -25.10
C LEU C 92 13.19 11.18 -24.12
N MET C 93 13.66 12.43 -24.14
CA MET C 93 14.74 12.82 -23.26
C MET C 93 14.25 13.08 -21.84
N ASN C 94 13.09 13.71 -21.71
CA ASN C 94 12.52 14.03 -20.41
C ASN C 94 11.70 12.88 -19.87
N ASN C 95 12.28 11.69 -19.90
CA ASN C 95 11.69 10.57 -19.21
C ASN C 95 12.10 10.58 -17.74
N ASN C 96 11.27 9.94 -16.92
CA ASN C 96 11.56 9.80 -15.50
C ASN C 96 12.10 8.43 -15.18
N ASP C 97 11.69 7.42 -15.92
CA ASP C 97 12.36 6.12 -15.92
C ASP C 97 13.60 6.24 -16.80
N GLY C 98 14.20 5.11 -17.13
CA GLY C 98 15.34 5.11 -18.03
C GLY C 98 15.02 4.61 -19.41
N SER C 99 13.79 4.81 -19.86
CA SER C 99 13.32 4.28 -21.14
C SER C 99 13.27 5.43 -22.13
N PHE C 100 14.36 5.61 -22.86
CA PHE C 100 14.43 6.64 -23.88
C PHE C 100 13.73 6.18 -25.15
N GLU C 101 14.06 4.98 -25.62
CA GLU C 101 13.59 4.48 -26.88
C GLU C 101 12.16 3.98 -26.78
N ILE C 102 11.58 3.77 -27.96
CA ILE C 102 10.21 3.27 -28.09
C ILE C 102 10.12 1.83 -27.63
N THR C 103 8.90 1.33 -27.52
CA THR C 103 8.62 -0.03 -27.08
C THR C 103 8.34 -0.96 -28.24
N LEU C 104 7.44 -0.59 -29.13
CA LEU C 104 7.01 -1.44 -30.23
C LEU C 104 7.72 -1.03 -31.51
N HIS C 105 8.52 -1.94 -32.05
CA HIS C 105 9.30 -1.68 -33.25
C HIS C 105 8.54 -2.18 -34.47
N VAL C 106 7.49 -1.45 -34.80
CA VAL C 106 6.76 -1.76 -36.00
C VAL C 106 7.69 -1.58 -37.20
N ASN C 107 7.35 -2.24 -38.28
CA ASN C 107 8.21 -2.21 -39.44
C ASN C 107 7.96 -0.95 -40.26
N VAL C 108 9.05 -0.37 -40.77
CA VAL C 108 9.00 0.92 -41.44
C VAL C 108 8.26 0.79 -42.77
N LEU C 109 7.89 1.92 -43.33
CA LEU C 109 7.28 2.01 -44.64
C LEU C 109 8.25 2.74 -45.55
N VAL C 110 8.78 2.02 -46.53
CA VAL C 110 9.76 2.55 -47.47
C VAL C 110 9.08 2.69 -48.82
N GLN C 111 9.16 3.88 -49.40
CA GLN C 111 8.68 4.15 -50.74
C GLN C 111 9.85 4.15 -51.70
N HIS C 112 9.52 3.96 -52.98
CA HIS C 112 10.56 3.82 -54.00
C HIS C 112 11.37 5.08 -54.18
N THR C 113 10.98 6.18 -53.54
CA THR C 113 11.74 7.42 -53.57
C THR C 113 12.80 7.47 -52.48
N GLY C 114 12.81 6.52 -51.57
CA GLY C 114 13.64 6.61 -50.40
C GLY C 114 12.96 7.19 -49.19
N ALA C 115 11.67 7.49 -49.29
CA ALA C 115 10.93 8.08 -48.19
C ALA C 115 10.57 6.98 -47.20
N VAL C 116 11.08 7.10 -45.97
CA VAL C 116 10.89 6.11 -44.93
C VAL C 116 9.96 6.72 -43.90
N SER C 117 8.82 6.08 -43.68
CA SER C 117 7.87 6.47 -42.66
C SER C 117 7.83 5.39 -41.59
N TRP C 118 7.99 5.81 -40.35
CA TRP C 118 7.96 4.90 -39.21
C TRP C 118 6.99 5.48 -38.19
N GLN C 119 5.95 4.71 -37.87
CA GLN C 119 4.94 5.12 -36.90
C GLN C 119 4.96 4.15 -35.72
N PRO C 120 6.02 4.18 -34.93
CA PRO C 120 6.13 3.26 -33.80
C PRO C 120 5.35 3.76 -32.59
N SER C 121 5.18 2.84 -31.64
CA SER C 121 4.36 3.06 -30.47
C SER C 121 5.19 2.96 -29.22
N ALA C 122 4.74 3.63 -28.17
CA ALA C 122 5.47 3.66 -26.93
C ALA C 122 4.54 3.98 -25.77
N ILE C 123 4.77 3.29 -24.66
CA ILE C 123 4.25 3.69 -23.36
C ILE C 123 5.35 4.50 -22.70
N TYR C 124 5.24 5.82 -22.77
CA TYR C 124 6.28 6.71 -22.30
C TYR C 124 5.92 7.27 -20.94
N ARG C 125 6.90 7.31 -20.05
CA ARG C 125 6.77 7.89 -18.73
C ARG C 125 7.65 9.13 -18.67
N SER C 126 7.03 10.29 -18.80
CA SER C 126 7.73 11.56 -18.89
C SER C 126 7.67 12.29 -17.56
N SER C 127 8.69 13.09 -17.31
CA SER C 127 8.76 13.91 -16.10
C SER C 127 8.18 15.29 -16.38
N CYS C 128 7.23 15.71 -15.56
CA CYS C 128 6.75 17.07 -15.59
C CYS C 128 6.62 17.61 -14.18
N THR C 129 7.01 18.88 -14.01
CA THR C 129 6.88 19.54 -12.72
C THR C 129 5.41 19.82 -12.43
N ILE C 130 5.00 19.50 -11.22
CA ILE C 130 3.65 19.76 -10.76
C ILE C 130 3.66 21.06 -9.97
N LYS C 131 2.72 21.94 -10.29
CA LYS C 131 2.58 23.22 -9.62
C LYS C 131 1.56 23.05 -8.50
N VAL C 132 2.04 22.89 -7.28
CA VAL C 132 1.16 22.65 -6.12
C VAL C 132 0.88 24.01 -5.50
N MET C 133 -0.07 24.70 -6.08
CA MET C 133 -0.59 25.92 -5.47
C MET C 133 -2.10 25.93 -5.46
N TYR C 134 -2.74 25.42 -6.52
CA TYR C 134 -4.18 25.38 -6.64
C TYR C 134 -4.71 23.96 -6.77
N PHE C 135 -3.88 22.98 -6.50
CA PHE C 135 -4.34 21.60 -6.44
C PHE C 135 -5.52 21.50 -5.47
N PRO C 136 -6.58 20.76 -5.82
CA PRO C 136 -6.82 20.01 -7.05
C PRO C 136 -7.46 20.82 -8.17
N PHE C 137 -7.52 22.13 -8.01
CA PHE C 137 -8.05 23.01 -9.05
C PHE C 137 -6.92 23.56 -9.92
N ASP C 138 -6.09 22.65 -10.39
CA ASP C 138 -4.84 22.98 -11.05
C ASP C 138 -4.86 22.59 -12.51
N TRP C 139 -4.00 23.26 -13.28
CA TRP C 139 -3.75 22.95 -14.67
C TRP C 139 -2.27 22.72 -14.85
N GLN C 140 -1.92 21.63 -15.52
CA GLN C 140 -0.53 21.22 -15.69
C GLN C 140 -0.12 21.38 -17.14
N ASN C 141 1.18 21.67 -17.33
CA ASN C 141 1.82 21.87 -18.65
C ASN C 141 2.20 20.48 -19.16
N CYS C 142 3.21 19.87 -18.53
CA CYS C 142 3.60 18.48 -18.79
C CYS C 142 3.99 18.19 -20.23
N THR C 143 5.15 18.68 -20.65
CA THR C 143 5.66 18.52 -21.99
C THR C 143 6.19 17.11 -22.24
N MET C 144 6.52 16.85 -23.50
CA MET C 144 7.25 15.65 -23.91
C MET C 144 8.32 16.08 -24.91
N VAL C 145 9.57 15.96 -24.53
CA VAL C 145 10.70 16.42 -25.34
C VAL C 145 11.21 15.27 -26.19
N PHE C 146 11.48 15.56 -27.45
CA PHE C 146 11.90 14.56 -28.41
C PHE C 146 13.05 15.08 -29.24
N LYS C 147 14.10 14.28 -29.34
CA LYS C 147 15.22 14.58 -30.20
C LYS C 147 16.02 13.31 -30.40
N SER C 148 16.97 13.38 -31.31
CA SER C 148 17.88 12.27 -31.51
C SER C 148 18.94 12.28 -30.43
N TYR C 149 19.10 11.13 -29.76
CA TYR C 149 20.04 11.08 -28.65
C TYR C 149 21.45 11.40 -29.11
N THR C 150 21.87 10.86 -30.24
CA THR C 150 23.26 10.96 -30.67
C THR C 150 23.48 11.85 -31.88
N TYR C 151 22.51 11.94 -32.79
CA TYR C 151 22.66 12.78 -33.97
C TYR C 151 22.26 14.21 -33.66
N ASP C 152 23.04 15.16 -34.18
CA ASP C 152 22.87 16.57 -33.90
C ASP C 152 22.55 17.34 -35.17
N THR C 153 22.52 18.67 -35.05
CA THR C 153 22.12 19.52 -36.16
C THR C 153 23.00 19.32 -37.39
N SER C 154 24.30 19.11 -37.17
CA SER C 154 25.20 18.86 -38.29
C SER C 154 24.85 17.61 -39.06
N GLU C 155 23.97 16.77 -38.51
CA GLU C 155 23.69 15.46 -39.05
C GLU C 155 22.23 15.28 -39.45
N VAL C 156 21.30 15.71 -38.59
CA VAL C 156 19.89 15.62 -38.90
C VAL C 156 19.23 16.96 -38.61
N THR C 157 18.23 17.29 -39.42
CA THR C 157 17.43 18.49 -39.25
C THR C 157 16.02 18.07 -38.86
N LEU C 158 15.62 18.44 -37.66
CA LEU C 158 14.30 18.09 -37.17
C LEU C 158 13.27 19.11 -37.65
N GLN C 159 12.15 18.59 -38.12
CA GLN C 159 11.05 19.40 -38.60
C GLN C 159 9.76 18.94 -37.94
N HIS C 160 8.63 19.48 -38.38
CA HIS C 160 7.33 19.03 -37.93
C HIS C 160 6.75 18.06 -38.96
N ALA C 161 5.84 17.22 -38.49
CA ALA C 161 5.19 16.27 -39.36
C ALA C 161 4.13 16.98 -40.20
N LEU C 162 3.86 16.40 -41.36
CA LEU C 162 2.86 16.95 -42.26
C LEU C 162 1.49 16.35 -41.95
N ASP C 163 0.46 17.09 -42.34
CA ASP C 163 -0.91 16.64 -42.16
C ASP C 163 -1.17 15.42 -43.05
N ALA C 164 -2.40 14.89 -42.95
CA ALA C 164 -2.76 13.72 -43.73
C ALA C 164 -2.51 13.95 -45.22
N LYS C 165 -3.21 14.92 -45.80
CA LYS C 165 -2.93 15.36 -47.16
C LYS C 165 -1.79 16.35 -47.08
N GLY C 166 -0.58 15.83 -47.22
CA GLY C 166 0.60 16.63 -46.95
C GLY C 166 0.72 17.87 -47.82
N GLU C 167 0.39 19.01 -47.26
CA GLU C 167 0.79 20.31 -47.77
C GLU C 167 1.42 21.17 -46.70
N ARG C 168 0.95 21.08 -45.46
CA ARG C 168 1.39 21.96 -44.39
C ARG C 168 1.72 21.16 -43.15
N GLU C 169 2.64 21.70 -42.36
CA GLU C 169 3.10 21.03 -41.16
C GLU C 169 2.01 21.02 -40.10
N VAL C 170 2.08 20.03 -39.23
CA VAL C 170 1.18 19.89 -38.09
C VAL C 170 1.96 20.27 -36.84
N LYS C 171 1.62 21.42 -36.27
CA LYS C 171 2.30 21.94 -35.09
C LYS C 171 1.52 21.66 -33.82
N GLU C 172 0.85 20.51 -33.77
CA GLU C 172 0.13 20.09 -32.58
C GLU C 172 0.20 18.58 -32.48
N ILE C 173 -0.06 18.08 -31.28
CA ILE C 173 -0.26 16.66 -31.09
C ILE C 173 -1.51 16.23 -31.82
N VAL C 174 -1.41 15.12 -32.55
CA VAL C 174 -2.53 14.58 -33.29
C VAL C 174 -3.30 13.63 -32.38
N ILE C 175 -4.61 13.76 -32.37
CA ILE C 175 -5.49 12.85 -31.64
C ILE C 175 -6.46 12.26 -32.63
N ASN C 176 -6.54 10.94 -32.66
CA ASN C 176 -7.47 10.21 -33.50
C ASN C 176 -8.65 9.78 -32.63
N LYS C 177 -9.83 10.30 -32.94
CA LYS C 177 -11.01 10.01 -32.12
C LYS C 177 -11.35 8.53 -32.19
N ASP C 178 -11.09 7.90 -33.33
CA ASP C 178 -11.32 6.47 -33.45
C ASP C 178 -10.52 5.70 -32.41
N ALA C 179 -9.38 6.25 -31.99
CA ALA C 179 -8.53 5.66 -30.96
C ALA C 179 -8.07 6.77 -30.01
N PHE C 180 -8.89 7.05 -29.00
CA PHE C 180 -8.47 7.95 -27.93
C PHE C 180 -9.40 7.77 -26.76
N THR C 181 -8.85 7.38 -25.62
CA THR C 181 -9.58 7.23 -24.38
C THR C 181 -9.33 8.49 -23.55
N GLU C 182 -10.39 9.26 -23.33
CA GLU C 182 -10.31 10.37 -22.40
C GLU C 182 -10.04 9.84 -20.99
N ASN C 183 -9.29 10.61 -20.20
CA ASN C 183 -8.83 10.12 -18.92
C ASN C 183 -9.96 10.07 -17.90
N GLY C 184 -10.75 11.12 -17.81
CA GLY C 184 -11.75 11.25 -16.79
C GLY C 184 -11.37 12.17 -15.65
N GLN C 185 -10.07 12.37 -15.45
CA GLN C 185 -9.56 13.30 -14.47
C GLN C 185 -8.87 14.50 -15.08
N TRP C 186 -8.59 14.48 -16.38
CA TRP C 186 -7.78 15.49 -17.03
C TRP C 186 -8.39 15.85 -18.37
N SER C 187 -8.67 17.13 -18.57
CA SER C 187 -9.14 17.65 -19.84
C SER C 187 -7.97 18.30 -20.57
N ILE C 188 -7.79 17.90 -21.83
CA ILE C 188 -6.72 18.46 -22.65
C ILE C 188 -7.22 19.76 -23.29
N GLU C 189 -6.70 20.88 -22.81
CA GLU C 189 -7.08 22.18 -23.32
C GLU C 189 -6.24 22.59 -24.53
N HIS C 190 -4.94 22.35 -24.48
CA HIS C 190 -4.05 22.65 -25.59
C HIS C 190 -3.07 21.51 -25.76
N LYS C 191 -2.54 21.40 -26.96
CA LYS C 191 -1.56 20.38 -27.28
C LYS C 191 -0.69 20.83 -28.44
N PRO C 192 0.11 21.85 -28.25
CA PRO C 192 0.96 22.37 -29.32
C PRO C 192 2.25 21.58 -29.48
N SER C 193 3.09 22.05 -30.39
CA SER C 193 4.38 21.43 -30.67
C SER C 193 5.24 22.46 -31.38
N ARG C 194 6.42 22.75 -30.83
CA ARG C 194 7.35 23.65 -31.47
C ARG C 194 8.76 23.12 -31.29
N LYS C 195 9.64 23.57 -32.18
CA LYS C 195 11.05 23.29 -32.06
C LYS C 195 11.71 24.27 -31.12
N ASN C 196 12.56 23.75 -30.24
CA ASN C 196 13.25 24.55 -29.25
C ASN C 196 14.75 24.35 -29.40
N TRP C 197 15.50 25.44 -29.26
CA TRP C 197 16.94 25.43 -29.37
C TRP C 197 17.57 25.84 -28.04
N ARG C 198 18.90 25.93 -28.06
CA ARG C 198 19.67 26.39 -26.91
C ARG C 198 20.79 27.27 -27.43
N SER C 199 20.72 28.57 -27.16
CA SER C 199 21.71 29.50 -27.67
C SER C 199 23.12 29.12 -27.25
N ASP C 200 23.27 28.54 -26.06
CA ASP C 200 24.58 28.10 -25.62
C ASP C 200 25.03 26.83 -26.34
N ASP C 201 24.10 26.05 -26.87
CA ASP C 201 24.40 24.81 -27.58
C ASP C 201 23.85 24.88 -29.00
N PRO C 202 24.68 25.21 -29.99
CA PRO C 202 24.20 25.26 -31.38
C PRO C 202 23.85 23.89 -31.94
N SER C 203 24.30 22.81 -31.32
CA SER C 203 24.04 21.47 -31.80
C SER C 203 22.73 20.90 -31.28
N TYR C 204 22.02 21.64 -30.44
CA TYR C 204 20.79 21.17 -29.86
C TYR C 204 19.60 21.62 -30.70
N GLU C 205 18.66 20.70 -30.88
CA GLU C 205 17.38 20.99 -31.50
C GLU C 205 16.43 19.90 -31.06
N ASP C 206 15.32 20.28 -30.46
CA ASP C 206 14.31 19.35 -30.02
C ASP C 206 12.97 19.72 -30.64
N VAL C 207 12.11 18.73 -30.74
CA VAL C 207 10.71 18.94 -31.09
C VAL C 207 9.93 18.58 -29.83
N THR C 208 9.45 19.60 -29.14
CA THR C 208 8.77 19.41 -27.88
C THR C 208 7.27 19.42 -28.09
N PHE C 209 6.59 18.52 -27.39
CA PHE C 209 5.14 18.42 -27.42
C PHE C 209 4.61 18.77 -26.04
N TYR C 210 3.64 19.66 -25.99
CA TYR C 210 3.08 20.16 -24.75
C TYR C 210 1.65 19.70 -24.60
N LEU C 211 1.25 19.48 -23.35
CA LEU C 211 -0.10 19.03 -23.01
C LEU C 211 -0.59 19.88 -21.85
N ILE C 212 -1.28 20.97 -22.17
CA ILE C 212 -1.94 21.80 -21.17
C ILE C 212 -3.21 21.07 -20.75
N ILE C 213 -3.23 20.58 -19.52
CA ILE C 213 -4.31 19.72 -19.03
C ILE C 213 -4.89 20.34 -17.77
N GLN C 214 -6.20 20.48 -17.75
CA GLN C 214 -6.93 20.98 -16.58
C GLN C 214 -7.54 19.81 -15.83
N ARG C 215 -7.41 19.83 -14.51
CA ARG C 215 -7.94 18.76 -13.68
C ARG C 215 -9.42 18.97 -13.41
N LYS C 216 -10.12 17.85 -13.26
CA LYS C 216 -11.50 17.81 -12.82
C LYS C 216 -11.54 17.34 -11.37
N PRO C 217 -11.76 18.23 -10.42
CA PRO C 217 -11.59 17.89 -8.99
C PRO C 217 -12.83 17.37 -8.29
N LEU C 218 -13.88 16.98 -9.01
CA LEU C 218 -15.11 16.53 -8.37
C LEU C 218 -14.84 15.54 -7.25
N PHE C 219 -13.90 14.63 -7.46
CA PHE C 219 -13.57 13.64 -6.44
C PHE C 219 -13.10 14.32 -5.17
N TYR C 220 -12.11 15.19 -5.29
CA TYR C 220 -11.61 15.91 -4.13
C TYR C 220 -12.68 16.82 -3.57
N ILE C 221 -13.43 17.49 -4.43
CA ILE C 221 -14.55 18.32 -3.98
C ILE C 221 -15.38 17.54 -2.98
N VAL C 222 -15.96 16.43 -3.43
CA VAL C 222 -16.79 15.64 -2.53
C VAL C 222 -15.98 15.31 -1.29
N TYR C 223 -14.95 14.46 -1.48
CA TYR C 223 -14.35 13.68 -0.40
C TYR C 223 -13.58 14.51 0.59
N THR C 224 -13.30 15.76 0.29
CA THR C 224 -12.56 16.57 1.25
C THR C 224 -13.23 17.88 1.56
N ILE C 225 -13.88 18.52 0.58
CA ILE C 225 -14.43 19.83 0.80
C ILE C 225 -15.81 19.75 1.41
N ILE C 226 -16.66 18.81 0.96
CA ILE C 226 -18.02 18.85 1.49
C ILE C 226 -17.98 18.49 2.96
N PRO C 227 -17.27 17.42 3.34
CA PRO C 227 -17.12 17.13 4.77
C PRO C 227 -16.57 18.30 5.55
N CYS C 228 -15.63 19.06 4.98
CA CYS C 228 -15.10 20.21 5.70
C CYS C 228 -16.09 21.36 5.78
N ILE C 229 -16.93 21.54 4.77
CA ILE C 229 -18.02 22.50 4.89
C ILE C 229 -18.89 22.13 6.08
N LEU C 230 -19.25 20.85 6.20
CA LEU C 230 -20.10 20.43 7.31
C LEU C 230 -19.40 20.60 8.65
N ILE C 231 -18.10 20.29 8.71
CA ILE C 231 -17.34 20.45 9.95
C ILE C 231 -17.30 21.92 10.35
N SER C 232 -17.11 22.80 9.37
CA SER C 232 -17.06 24.23 9.67
C SER C 232 -18.41 24.73 10.13
N ILE C 233 -19.48 24.18 9.57
CA ILE C 233 -20.82 24.47 10.08
C ILE C 233 -20.91 24.09 11.55
N LEU C 234 -20.50 22.87 11.88
CA LEU C 234 -20.53 22.43 13.28
C LEU C 234 -19.73 23.37 14.17
N ALA C 235 -18.57 23.82 13.70
CA ALA C 235 -17.73 24.71 14.48
C ALA C 235 -18.37 26.08 14.71
N ILE C 236 -19.50 26.37 14.09
CA ILE C 236 -20.22 27.61 14.30
C ILE C 236 -21.40 27.33 15.21
N LEU C 237 -21.97 26.14 15.10
CA LEU C 237 -23.13 25.77 15.90
C LEU C 237 -22.79 25.74 17.38
N VAL C 238 -21.59 25.29 17.72
CA VAL C 238 -21.22 25.05 19.11
C VAL C 238 -21.40 26.32 19.92
N PHE C 239 -21.44 27.46 19.26
CA PHE C 239 -21.70 28.73 19.92
C PHE C 239 -23.18 29.02 20.09
N TYR C 240 -24.05 28.24 19.44
CA TYR C 240 -25.48 28.31 19.68
C TYR C 240 -25.91 27.39 20.81
N LEU C 241 -25.05 26.50 21.25
CA LEU C 241 -25.35 25.59 22.33
C LEU C 241 -25.27 26.29 23.68
N PRO C 242 -26.08 25.87 24.63
CA PRO C 242 -25.96 26.39 25.98
C PRO C 242 -24.97 25.58 26.79
N PRO C 243 -24.13 26.23 27.59
CA PRO C 243 -23.16 25.48 28.39
C PRO C 243 -23.79 24.53 29.38
N ASP C 244 -25.05 24.76 29.78
CA ASP C 244 -25.73 23.86 30.71
C ASP C 244 -25.91 22.46 30.15
N ALA C 245 -25.67 22.26 28.85
CA ALA C 245 -25.84 20.95 28.25
C ALA C 245 -24.62 20.06 28.47
N GLY C 246 -23.42 20.62 28.40
CA GLY C 246 -22.21 19.83 28.50
C GLY C 246 -21.86 19.07 27.25
N GLU C 247 -22.51 19.39 26.13
CA GLU C 247 -22.23 18.75 24.84
C GLU C 247 -21.44 19.66 23.92
N LYS C 248 -20.68 20.59 24.50
CA LYS C 248 -19.98 21.61 23.71
C LYS C 248 -18.58 21.14 23.33
N MET C 249 -17.81 20.66 24.31
CA MET C 249 -16.51 20.10 24.00
C MET C 249 -16.63 18.90 23.08
N SER C 250 -17.61 18.03 23.33
CA SER C 250 -17.85 16.90 22.45
C SER C 250 -17.91 17.37 21.01
N LEU C 251 -18.80 18.32 20.74
CA LEU C 251 -18.98 18.82 19.39
C LEU C 251 -17.68 19.38 18.82
N SER C 252 -17.09 20.36 19.51
CA SER C 252 -15.91 21.04 19.00
C SER C 252 -14.77 20.05 18.71
N ILE C 253 -14.42 19.25 19.70
CA ILE C 253 -13.24 18.40 19.58
C ILE C 253 -13.51 17.22 18.67
N SER C 254 -14.76 16.77 18.55
CA SER C 254 -15.08 15.76 17.55
C SER C 254 -14.97 16.32 16.14
N ALA C 255 -15.36 17.58 15.96
CA ALA C 255 -15.12 18.24 14.67
C ALA C 255 -13.63 18.29 14.35
N LEU C 256 -12.82 18.60 15.36
CA LEU C 256 -11.37 18.60 15.14
C LEU C 256 -10.87 17.22 14.75
N LEU C 257 -11.31 16.20 15.47
CA LEU C 257 -10.92 14.83 15.14
C LEU C 257 -11.36 14.47 13.72
N ALA C 258 -12.52 14.95 13.30
CA ALA C 258 -13.01 14.65 11.96
C ALA C 258 -12.17 15.32 10.89
N VAL C 259 -11.78 16.58 11.12
CA VAL C 259 -10.93 17.23 10.13
C VAL C 259 -9.56 16.57 10.11
N THR C 260 -9.14 15.99 11.24
CA THR C 260 -7.92 15.19 11.25
C THR C 260 -8.09 13.92 10.42
N VAL C 261 -9.27 13.31 10.49
CA VAL C 261 -9.56 12.14 9.66
C VAL C 261 -9.51 12.51 8.19
N PHE C 262 -10.03 13.68 7.83
CA PHE C 262 -9.95 14.14 6.45
C PHE C 262 -8.51 14.38 6.04
N LEU C 263 -7.70 14.91 6.95
CA LEU C 263 -6.29 15.07 6.67
C LEU C 263 -5.63 13.72 6.37
N LEU C 264 -5.95 12.71 7.18
CA LEU C 264 -5.45 11.36 6.90
C LEU C 264 -5.89 10.90 5.52
N LEU C 265 -7.18 10.95 5.24
CA LEU C 265 -7.71 10.68 3.91
C LEU C 265 -6.85 11.31 2.81
N LEU C 266 -6.57 12.59 2.97
CA LEU C 266 -5.91 13.37 1.93
C LEU C 266 -4.41 13.13 1.88
N ALA C 267 -3.83 12.53 2.92
CA ALA C 267 -2.39 12.33 2.98
C ALA C 267 -1.87 11.62 1.73
N ASP C 268 -2.53 10.54 1.32
CA ASP C 268 -2.04 9.71 0.23
C ASP C 268 -2.41 10.26 -1.14
N LYS C 269 -2.75 11.54 -1.26
CA LYS C 269 -3.26 12.07 -2.51
C LYS C 269 -2.74 13.46 -2.82
N VAL C 270 -1.72 13.95 -2.12
CA VAL C 270 -1.21 15.30 -2.30
C VAL C 270 0.26 15.20 -2.66
N PRO C 271 0.73 15.92 -3.68
CA PRO C 271 2.15 15.88 -4.02
C PRO C 271 3.02 16.23 -2.82
N GLU C 272 4.12 15.50 -2.68
CA GLU C 272 5.05 15.68 -1.56
C GLU C 272 6.16 16.65 -1.91
N THR C 273 5.79 17.80 -2.45
CA THR C 273 6.73 18.84 -2.82
C THR C 273 6.58 20.03 -1.89
N SER C 274 7.65 20.78 -1.74
CA SER C 274 7.75 21.83 -0.75
C SER C 274 7.99 23.19 -1.38
N LEU C 275 7.56 23.37 -2.62
CA LEU C 275 7.66 24.66 -3.28
C LEU C 275 6.43 25.52 -3.06
N SER C 276 5.40 24.98 -2.44
CA SER C 276 4.15 25.68 -2.20
C SER C 276 3.24 24.73 -1.43
N VAL C 277 2.12 25.28 -0.97
CA VAL C 277 1.09 24.52 -0.27
C VAL C 277 -0.16 24.53 -1.14
N PRO C 278 -0.75 23.39 -1.45
CA PRO C 278 -1.97 23.41 -2.26
C PRO C 278 -3.13 24.03 -1.52
N ILE C 279 -3.95 24.75 -2.27
CA ILE C 279 -5.12 25.44 -1.74
C ILE C 279 -5.99 24.49 -0.91
N ILE C 280 -5.94 23.20 -1.22
CA ILE C 280 -6.72 22.22 -0.46
C ILE C 280 -6.17 22.06 0.95
N ILE C 281 -4.85 22.01 1.07
CA ILE C 281 -4.25 21.84 2.39
C ILE C 281 -4.33 23.14 3.17
N ARG C 282 -4.25 24.28 2.48
CA ARG C 282 -4.48 25.56 3.14
C ARG C 282 -5.91 25.64 3.67
N TYR C 283 -6.88 25.16 2.90
CA TYR C 283 -8.26 25.14 3.37
C TYR C 283 -8.42 24.22 4.57
N LEU C 284 -7.81 23.04 4.52
CA LEU C 284 -7.91 22.12 5.65
C LEU C 284 -7.26 22.69 6.90
N MET C 285 -6.11 23.35 6.76
CA MET C 285 -5.47 23.96 7.92
C MET C 285 -6.29 25.13 8.44
N PHE C 286 -6.90 25.89 7.54
CA PHE C 286 -7.82 26.95 7.95
C PHE C 286 -8.94 26.39 8.81
N ILE C 287 -9.61 25.35 8.32
CA ILE C 287 -10.72 24.75 9.08
C ILE C 287 -10.22 24.14 10.38
N MET C 288 -9.01 23.58 10.37
CA MET C 288 -8.47 22.96 11.58
C MET C 288 -8.20 24.02 12.65
N ILE C 289 -7.58 25.13 12.25
CA ILE C 289 -7.31 26.20 13.21
C ILE C 289 -8.60 26.87 13.63
N LEU C 290 -9.60 26.92 12.75
CA LEU C 290 -10.88 27.49 13.12
C LEU C 290 -11.58 26.63 14.15
N VAL C 291 -11.54 25.31 13.99
CA VAL C 291 -12.07 24.40 14.99
C VAL C 291 -11.30 24.52 16.29
N ALA C 292 -9.98 24.67 16.21
CA ALA C 292 -9.18 24.88 17.42
C ALA C 292 -9.64 26.12 18.17
N PHE C 293 -9.84 27.23 17.45
CA PHE C 293 -10.28 28.45 18.10
C PHE C 293 -11.70 28.34 18.62
N SER C 294 -12.56 27.60 17.92
CA SER C 294 -13.88 27.26 18.45
C SER C 294 -13.76 26.55 19.79
N VAL C 295 -12.82 25.60 19.89
CA VAL C 295 -12.59 24.90 21.15
C VAL C 295 -12.16 25.87 22.23
N ILE C 296 -11.17 26.71 21.91
CA ILE C 296 -10.68 27.69 22.88
C ILE C 296 -11.83 28.54 23.40
N LEU C 297 -12.62 29.10 22.49
CA LEU C 297 -13.66 30.04 22.87
C LEU C 297 -14.82 29.34 23.57
N SER C 298 -15.08 28.08 23.24
CA SER C 298 -16.06 27.33 24.00
C SER C 298 -15.57 27.08 25.42
N VAL C 299 -14.28 26.81 25.57
CA VAL C 299 -13.71 26.70 26.91
C VAL C 299 -13.88 28.00 27.68
N VAL C 300 -13.65 29.13 27.00
CA VAL C 300 -13.80 30.43 27.63
C VAL C 300 -15.25 30.66 28.05
N VAL C 301 -16.19 30.32 27.17
CA VAL C 301 -17.60 30.49 27.47
C VAL C 301 -18.01 29.64 28.66
N LEU C 302 -17.53 28.40 28.70
CA LEU C 302 -17.86 27.52 29.82
C LEU C 302 -17.23 28.02 31.12
N ASN C 303 -16.02 28.57 31.03
CA ASN C 303 -15.41 29.17 32.21
C ASN C 303 -16.25 30.31 32.74
N LEU C 304 -16.64 31.23 31.86
CA LEU C 304 -17.48 32.35 32.28
C LEU C 304 -18.81 31.87 32.83
N HIS C 305 -19.37 30.80 32.27
CA HIS C 305 -20.69 30.34 32.66
C HIS C 305 -20.67 29.69 34.03
N HIS C 306 -19.58 29.02 34.39
CA HIS C 306 -19.45 28.34 35.66
C HIS C 306 -18.72 29.19 36.69
N ARG C 307 -18.66 30.50 36.48
CA ARG C 307 -18.07 31.42 37.42
C ARG C 307 -19.10 31.86 38.46
N SER C 308 -18.60 32.20 39.63
CA SER C 308 -19.48 32.59 40.73
C SER C 308 -18.71 33.53 41.65
N PRO C 309 -19.40 34.18 42.58
CA PRO C 309 -18.72 35.09 43.52
C PRO C 309 -17.74 34.39 44.43
N ASN C 310 -17.97 33.11 44.75
CA ASN C 310 -17.05 32.38 45.61
C ASN C 310 -15.69 32.17 44.97
N THR C 311 -15.57 32.40 43.66
CA THR C 311 -14.33 32.12 42.95
C THR C 311 -13.85 33.33 42.19
N HIS C 312 -14.78 34.18 41.75
CA HIS C 312 -14.44 35.29 40.87
C HIS C 312 -15.19 36.55 41.30
N THR C 313 -14.52 37.67 41.14
CA THR C 313 -15.12 38.99 41.32
C THR C 313 -15.30 39.60 39.94
N MET C 314 -16.53 39.91 39.58
CA MET C 314 -16.80 40.46 38.27
C MET C 314 -16.20 41.85 38.17
N PRO C 315 -15.27 42.10 37.27
CA PRO C 315 -14.72 43.44 37.13
C PRO C 315 -15.70 44.35 36.42
N ASN C 316 -15.30 45.58 36.14
CA ASN C 316 -16.19 46.55 35.53
C ASN C 316 -16.13 46.56 34.02
N TRP C 317 -14.99 46.19 33.43
CA TRP C 317 -14.90 46.20 31.97
C TRP C 317 -15.70 45.07 31.36
N ILE C 318 -15.64 43.87 31.96
CA ILE C 318 -16.49 42.78 31.51
C ILE C 318 -17.95 43.18 31.61
N ARG C 319 -18.38 43.64 32.79
CA ARG C 319 -19.75 44.07 32.96
C ARG C 319 -20.15 45.06 31.87
N GLN C 320 -19.40 46.16 31.75
CA GLN C 320 -19.70 47.16 30.75
C GLN C 320 -19.84 46.54 29.36
N ILE C 321 -18.76 45.95 28.86
CA ILE C 321 -18.73 45.46 27.48
C ILE C 321 -19.86 44.47 27.23
N PHE C 322 -20.00 43.47 28.09
CA PHE C 322 -20.83 42.31 27.81
C PHE C 322 -22.23 42.39 28.39
N ILE C 323 -22.60 43.48 29.05
CA ILE C 323 -23.95 43.60 29.60
C ILE C 323 -24.57 44.94 29.25
N GLU C 324 -23.76 45.89 28.78
CA GLU C 324 -24.25 47.23 28.47
C GLU C 324 -24.09 47.61 27.01
N THR C 325 -22.99 47.21 26.38
CA THR C 325 -22.63 47.65 25.03
C THR C 325 -23.05 46.68 23.95
N LEU C 326 -22.75 45.39 24.12
CA LEU C 326 -22.94 44.40 23.07
C LEU C 326 -24.37 43.90 22.94
N PRO C 327 -25.06 43.57 24.02
CA PRO C 327 -26.35 42.88 23.92
C PRO C 327 -27.31 43.59 22.98
N PRO C 328 -27.32 44.93 22.96
CA PRO C 328 -28.18 45.60 21.98
C PRO C 328 -27.87 45.24 20.55
N PHE C 329 -26.59 45.26 20.17
CA PHE C 329 -26.20 44.88 18.83
C PHE C 329 -26.66 43.47 18.50
N LEU C 330 -26.33 42.51 19.36
CA LEU C 330 -26.54 41.10 19.09
C LEU C 330 -27.98 40.65 19.29
N TRP C 331 -28.88 41.56 19.67
CA TRP C 331 -30.30 41.24 19.81
C TRP C 331 -30.53 40.18 20.88
N ILE C 332 -30.19 40.53 22.12
CA ILE C 332 -30.37 39.63 23.25
C ILE C 332 -31.28 40.27 24.29
N GLN C 333 -30.81 41.36 24.90
CA GLN C 333 -31.62 42.20 25.77
C GLN C 333 -32.28 41.42 26.91
N ARG C 334 -31.73 40.28 27.28
CA ARG C 334 -32.27 39.47 28.38
C ARG C 334 -33.73 39.10 28.15
N PRO C 398 -42.47 31.21 75.72
CA PRO C 398 -41.95 31.93 74.56
C PRO C 398 -40.55 31.48 74.14
N GLN C 399 -39.94 30.59 74.91
CA GLN C 399 -38.60 30.11 74.56
C GLN C 399 -38.64 29.24 73.31
N ASP C 400 -39.46 28.19 73.33
CA ASP C 400 -39.68 27.40 72.12
C ASP C 400 -40.04 28.29 70.94
N LEU C 401 -41.00 29.18 71.13
CA LEU C 401 -41.38 30.12 70.08
C LEU C 401 -40.19 30.97 69.65
N LYS C 402 -39.35 31.36 70.61
CA LYS C 402 -38.17 32.15 70.27
C LYS C 402 -37.22 31.35 69.39
N GLU C 403 -36.97 30.10 69.75
CA GLU C 403 -36.16 29.22 68.92
C GLU C 403 -36.72 29.12 67.51
N ALA C 404 -38.03 28.85 67.41
CA ALA C 404 -38.65 28.71 66.10
C ALA C 404 -38.50 29.98 65.27
N VAL C 405 -38.71 31.14 65.88
CA VAL C 405 -38.62 32.40 65.15
C VAL C 405 -37.20 32.64 64.68
N GLU C 406 -36.22 32.35 65.53
CA GLU C 406 -34.83 32.51 65.12
C GLU C 406 -34.48 31.57 63.98
N ALA C 407 -35.00 30.34 64.02
CA ALA C 407 -34.73 29.38 62.96
C ALA C 407 -35.32 29.84 61.63
N ILE C 408 -36.55 30.32 61.66
CA ILE C 408 -37.19 30.77 60.43
C ILE C 408 -36.50 32.03 59.90
N LYS C 409 -36.03 32.89 60.80
CA LYS C 409 -35.26 34.05 60.36
C LYS C 409 -33.97 33.61 59.67
N TYR C 410 -33.28 32.62 60.24
CA TYR C 410 -32.08 32.11 59.60
C TYR C 410 -32.40 31.54 58.22
N ILE C 411 -33.52 30.83 58.11
CA ILE C 411 -33.92 30.28 56.82
C ILE C 411 -34.13 31.40 55.80
N ALA C 412 -34.86 32.44 56.20
CA ALA C 412 -35.15 33.53 55.27
C ALA C 412 -33.87 34.24 54.84
N GLU C 413 -32.94 34.44 55.77
CA GLU C 413 -31.71 35.14 55.42
C GLU C 413 -30.85 34.28 54.50
N GLN C 414 -30.80 32.97 54.75
CA GLN C 414 -30.09 32.10 53.83
C GLN C 414 -30.70 32.15 52.44
N LEU C 415 -32.03 32.18 52.37
CA LEU C 415 -32.69 32.20 51.06
C LEU C 415 -32.39 33.49 50.31
N GLU C 416 -32.41 34.63 51.00
CA GLU C 416 -32.12 35.89 50.31
C GLU C 416 -30.66 35.97 49.90
N SER C 417 -29.75 35.47 50.75
CA SER C 417 -28.35 35.39 50.37
C SER C 417 -28.18 34.55 49.11
N ALA C 418 -28.86 33.39 49.05
CA ALA C 418 -28.74 32.54 47.88
C ALA C 418 -29.36 33.20 46.66
N SER C 419 -30.41 33.99 46.85
CA SER C 419 -30.97 34.74 45.73
C SER C 419 -29.96 35.71 45.15
N GLU C 420 -29.22 36.40 46.01
CA GLU C 420 -28.18 37.31 45.51
C GLU C 420 -27.07 36.55 44.80
N PHE C 421 -26.61 35.45 45.41
CA PHE C 421 -25.61 34.60 44.78
C PHE C 421 -26.07 34.15 43.40
N ASP C 422 -27.33 33.76 43.28
CA ASP C 422 -27.87 33.33 42.00
C ASP C 422 -27.95 34.48 41.01
N ASP C 423 -28.24 35.68 41.50
CA ASP C 423 -28.27 36.84 40.61
C ASP C 423 -26.89 37.06 39.99
N LEU C 424 -25.83 36.93 40.79
CA LEU C 424 -24.50 37.11 40.25
C LEU C 424 -24.11 35.97 39.32
N LYS C 425 -24.46 34.74 39.69
CA LYS C 425 -24.29 33.62 38.77
C LYS C 425 -24.96 33.91 37.43
N LYS C 426 -26.17 34.44 37.47
CA LYS C 426 -26.91 34.71 36.24
C LYS C 426 -26.25 35.82 35.44
N ASP C 427 -25.64 36.79 36.11
CA ASP C 427 -24.89 37.81 35.39
C ASP C 427 -23.72 37.20 34.65
N TRP C 428 -23.00 36.28 35.31
CA TRP C 428 -21.91 35.60 34.63
C TRP C 428 -22.41 34.77 33.45
N GLN C 429 -23.52 34.06 33.64
CA GLN C 429 -24.07 33.25 32.57
C GLN C 429 -24.55 34.10 31.40
N TYR C 430 -25.07 35.29 31.69
CA TYR C 430 -25.44 36.21 30.62
C TYR C 430 -24.22 36.71 29.88
N VAL C 431 -23.13 37.02 30.60
CA VAL C 431 -21.88 37.34 29.94
C VAL C 431 -21.49 36.23 28.99
N ALA C 432 -21.66 34.98 29.44
CA ALA C 432 -21.29 33.83 28.61
C ALA C 432 -22.16 33.76 27.37
N MET C 433 -23.47 33.95 27.53
CA MET C 433 -24.37 33.95 26.38
C MET C 433 -23.98 35.01 25.37
N VAL C 434 -23.65 36.20 25.85
CA VAL C 434 -23.32 37.31 24.96
C VAL C 434 -22.02 37.03 24.22
N ALA C 435 -21.00 36.57 24.94
CA ALA C 435 -19.76 36.19 24.28
C ALA C 435 -20.00 35.08 23.27
N ASP C 436 -20.90 34.14 23.60
CA ASP C 436 -21.18 33.03 22.69
C ASP C 436 -21.81 33.54 21.40
N ARG C 437 -22.76 34.47 21.51
CA ARG C 437 -23.41 34.98 20.31
C ARG C 437 -22.45 35.83 19.48
N LEU C 438 -21.61 36.62 20.15
CA LEU C 438 -20.60 37.38 19.43
C LEU C 438 -19.67 36.44 18.67
N PHE C 439 -19.22 35.38 19.33
CA PHE C 439 -18.36 34.41 18.68
C PHE C 439 -19.07 33.73 17.53
N LEU C 440 -20.36 33.44 17.68
CA LEU C 440 -21.12 32.85 16.59
C LEU C 440 -21.07 33.73 15.36
N TYR C 441 -21.43 35.01 15.51
CA TYR C 441 -21.42 35.91 14.36
C TYR C 441 -20.02 36.03 13.79
N VAL C 442 -19.03 36.23 14.66
CA VAL C 442 -17.65 36.37 14.20
C VAL C 442 -17.20 35.15 13.42
N PHE C 443 -17.53 33.96 13.90
CA PHE C 443 -17.07 32.74 13.25
C PHE C 443 -17.79 32.50 11.94
N PHE C 444 -19.09 32.79 11.90
CA PHE C 444 -19.80 32.72 10.62
C PHE C 444 -19.12 33.61 9.61
N VAL C 445 -18.81 34.85 10.00
CA VAL C 445 -18.21 35.80 9.08
C VAL C 445 -16.85 35.31 8.62
N ILE C 446 -16.01 34.90 9.58
CA ILE C 446 -14.65 34.48 9.25
C ILE C 446 -14.67 33.26 8.35
N CYS C 447 -15.41 32.22 8.74
CA CYS C 447 -15.49 31.02 7.94
C CYS C 447 -15.98 31.32 6.53
N SER C 448 -17.08 32.05 6.42
CA SER C 448 -17.62 32.36 5.11
C SER C 448 -16.62 33.12 4.25
N ILE C 449 -16.01 34.16 4.81
CA ILE C 449 -15.08 34.98 4.05
C ILE C 449 -13.89 34.17 3.60
N GLY C 450 -13.31 33.39 4.51
CA GLY C 450 -12.14 32.60 4.15
C GLY C 450 -12.46 31.53 3.12
N THR C 451 -13.55 30.80 3.34
CA THR C 451 -13.97 29.77 2.40
C THR C 451 -14.19 30.34 1.01
N PHE C 452 -14.87 31.49 0.93
CA PHE C 452 -15.17 32.06 -0.38
C PHE C 452 -13.98 32.73 -1.01
N SER C 453 -13.04 33.22 -0.21
CA SER C 453 -11.81 33.78 -0.76
C SER C 453 -10.88 32.68 -1.25
N ILE C 454 -10.97 31.49 -0.65
CA ILE C 454 -10.19 30.36 -1.11
C ILE C 454 -10.81 29.74 -2.35
N PHE C 455 -12.13 29.66 -2.41
CA PHE C 455 -12.78 29.08 -3.58
C PHE C 455 -12.71 30.00 -4.79
N LEU C 456 -12.78 31.32 -4.57
CA LEU C 456 -12.63 32.25 -5.69
C LEU C 456 -11.20 32.24 -6.22
N ASP C 457 -10.22 32.12 -5.32
CA ASP C 457 -8.84 31.99 -5.78
C ASP C 457 -8.64 30.75 -6.63
N ALA C 458 -9.44 29.72 -6.38
CA ALA C 458 -9.30 28.46 -7.09
C ALA C 458 -10.05 28.46 -8.41
N SER C 459 -11.16 29.19 -8.49
CA SER C 459 -11.93 29.25 -9.72
C SER C 459 -11.25 30.12 -10.78
N HIS C 460 -10.38 31.03 -10.36
CA HIS C 460 -9.68 31.92 -11.27
C HIS C 460 -8.32 31.37 -11.68
N ASN C 461 -8.07 30.09 -11.46
CA ASN C 461 -6.88 29.41 -11.96
C ASN C 461 -7.33 28.60 -13.17
N VAL C 462 -7.29 29.24 -14.33
CA VAL C 462 -7.71 28.62 -15.58
C VAL C 462 -6.51 28.66 -16.52
N PRO C 463 -6.25 27.60 -17.28
CA PRO C 463 -5.12 27.63 -18.19
C PRO C 463 -5.19 28.82 -19.12
N PRO C 464 -4.05 29.40 -19.49
CA PRO C 464 -4.08 30.55 -20.40
C PRO C 464 -4.74 30.20 -21.71
N ASP C 465 -5.10 31.25 -22.46
CA ASP C 465 -5.73 31.05 -23.75
C ASP C 465 -4.71 30.68 -24.81
N ASN C 466 -3.49 31.18 -24.69
CA ASN C 466 -2.39 30.81 -25.55
C ASN C 466 -1.36 30.07 -24.72
N PRO C 467 -0.93 28.88 -25.13
CA PRO C 467 -0.02 28.09 -24.30
C PRO C 467 1.40 28.62 -24.28
N PHE C 468 1.67 29.75 -24.93
CA PHE C 468 3.03 30.27 -25.09
C PHE C 468 3.91 29.28 -25.82
N ALA C 469 3.31 28.42 -26.64
CA ALA C 469 4.03 27.36 -27.30
C ALA C 469 3.13 26.62 -28.28
N SER D 1 25.61 7.14 -46.86
CA SER D 1 26.90 7.57 -47.44
C SER D 1 27.73 6.35 -47.80
N GLU D 2 28.37 6.41 -48.96
CA GLU D 2 29.18 5.29 -49.40
C GLU D 2 30.57 5.34 -48.77
N HIS D 3 31.13 6.54 -48.68
CA HIS D 3 32.39 6.72 -47.98
C HIS D 3 32.31 6.18 -46.56
N GLU D 4 31.29 6.59 -45.83
CA GLU D 4 31.13 6.15 -44.44
C GLU D 4 30.86 4.66 -44.35
N THR D 5 30.19 4.09 -45.35
CA THR D 5 29.97 2.65 -45.35
C THR D 5 31.28 1.89 -45.50
N ARG D 6 32.09 2.29 -46.50
CA ARG D 6 33.38 1.66 -46.68
C ARG D 6 34.25 1.84 -45.45
N LEU D 7 34.16 3.01 -44.82
CA LEU D 7 34.94 3.28 -43.62
C LEU D 7 34.52 2.37 -42.47
N VAL D 8 33.22 2.30 -42.21
CA VAL D 8 32.74 1.47 -41.11
C VAL D 8 33.05 0.01 -41.36
N ALA D 9 33.18 -0.38 -42.62
CA ALA D 9 33.60 -1.74 -42.92
C ALA D 9 35.09 -1.93 -42.68
N ASN D 10 35.89 -0.93 -43.01
CA ASN D 10 37.34 -1.06 -42.89
C ASN D 10 37.82 -0.91 -41.45
N LEU D 11 37.07 -0.19 -40.63
CA LEU D 11 37.46 -0.02 -39.22
C LEU D 11 37.24 -1.30 -38.44
N LEU D 12 36.05 -1.89 -38.58
CA LEU D 12 35.65 -3.06 -37.83
C LEU D 12 36.02 -4.37 -38.48
N GLU D 13 36.93 -4.36 -39.46
CA GLU D 13 37.23 -5.57 -40.21
C GLU D 13 37.98 -6.57 -39.33
N ASN D 14 39.20 -6.20 -38.90
CA ASN D 14 40.01 -7.05 -38.04
C ASN D 14 40.11 -6.46 -36.63
N TYR D 15 39.08 -5.72 -36.23
CA TYR D 15 39.03 -5.08 -34.93
C TYR D 15 38.33 -6.00 -33.93
N ASN D 16 39.01 -6.25 -32.81
CA ASN D 16 38.43 -7.02 -31.72
C ASN D 16 38.17 -6.11 -30.54
N LYS D 17 36.94 -6.14 -30.03
CA LYS D 17 36.51 -5.26 -28.96
C LYS D 17 36.77 -5.85 -27.58
N VAL D 18 37.41 -7.01 -27.51
CA VAL D 18 37.80 -7.57 -26.22
C VAL D 18 39.15 -7.04 -25.75
N ILE D 19 39.88 -6.36 -26.62
CA ILE D 19 41.25 -5.96 -26.38
C ILE D 19 41.29 -4.46 -26.17
N ARG D 20 42.00 -4.04 -25.12
CA ARG D 20 42.21 -2.63 -24.82
C ARG D 20 42.76 -1.88 -26.02
N PRO D 21 42.41 -0.62 -26.16
CA PRO D 21 43.01 0.25 -27.17
C PRO D 21 44.35 0.86 -26.77
N VAL D 22 45.41 0.09 -26.96
CA VAL D 22 46.76 0.55 -26.68
C VAL D 22 47.69 -0.04 -27.73
N GLU D 23 48.67 0.77 -28.16
CA GLU D 23 49.67 0.29 -29.09
C GLU D 23 50.56 -0.77 -28.45
N HIS D 24 50.65 -0.79 -27.12
CA HIS D 24 51.47 -1.75 -26.40
C HIS D 24 50.83 -1.99 -25.05
N HIS D 25 50.78 -3.26 -24.65
CA HIS D 25 50.04 -3.64 -23.45
C HIS D 25 50.55 -2.98 -22.19
N THR D 26 51.71 -2.34 -22.23
CA THR D 26 52.23 -1.64 -21.07
C THR D 26 51.61 -0.25 -20.92
N HIS D 27 51.20 0.34 -22.02
CA HIS D 27 50.55 1.64 -21.98
C HIS D 27 49.20 1.51 -21.27
N PHE D 28 48.62 2.66 -20.95
CA PHE D 28 47.34 2.72 -20.28
C PHE D 28 46.33 3.49 -21.12
N VAL D 29 45.06 3.25 -20.84
CA VAL D 29 43.95 3.94 -21.47
C VAL D 29 43.52 5.05 -20.53
N ASP D 30 43.60 6.29 -20.99
CA ASP D 30 43.17 7.44 -20.19
C ASP D 30 41.77 7.81 -20.60
N ILE D 31 40.81 7.53 -19.72
CA ILE D 31 39.40 7.79 -19.96
C ILE D 31 39.01 9.00 -19.14
N THR D 32 38.66 10.08 -19.83
CA THR D 32 38.18 11.29 -19.18
C THR D 32 36.71 11.12 -18.87
N VAL D 33 36.41 10.90 -17.61
CA VAL D 33 35.04 10.63 -17.17
C VAL D 33 34.39 11.94 -16.76
N GLY D 34 33.11 12.05 -17.05
CA GLY D 34 32.33 13.18 -16.64
C GLY D 34 30.92 12.75 -16.30
N LEU D 35 30.31 13.45 -15.37
CA LEU D 35 28.96 13.14 -14.91
C LEU D 35 28.09 14.38 -15.10
N GLN D 36 27.00 14.21 -15.83
CA GLN D 36 26.01 15.25 -16.03
C GLN D 36 24.74 14.81 -15.32
N LEU D 37 24.44 15.45 -14.20
CA LEU D 37 23.22 15.17 -13.46
C LEU D 37 22.06 15.92 -14.08
N ILE D 38 20.97 15.19 -14.32
CA ILE D 38 19.81 15.72 -15.03
C ILE D 38 18.66 15.98 -14.06
N GLN D 39 18.37 15.02 -13.19
CA GLN D 39 17.35 15.24 -12.18
C GLN D 39 17.58 14.25 -11.05
N LEU D 40 17.23 14.69 -9.84
CA LEU D 40 17.18 13.82 -8.68
C LEU D 40 15.79 13.25 -8.57
N ILE D 41 15.68 11.92 -8.66
CA ILE D 41 14.39 11.26 -8.77
C ILE D 41 13.81 10.96 -7.40
N SER D 42 14.65 10.60 -6.43
CA SER D 42 14.15 10.10 -5.17
C SER D 42 15.28 10.08 -4.17
N VAL D 43 14.92 10.18 -2.89
CA VAL D 43 15.82 9.94 -1.78
C VAL D 43 15.05 9.08 -0.80
N ASP D 44 15.27 7.77 -0.84
CA ASP D 44 14.67 6.85 0.12
C ASP D 44 15.47 6.93 1.42
N GLU D 45 14.88 7.51 2.44
CA GLU D 45 15.54 7.64 3.72
C GLU D 45 15.52 6.35 4.52
N VAL D 46 14.60 5.45 4.20
CA VAL D 46 14.52 4.18 4.90
C VAL D 46 15.62 3.24 4.43
N ASN D 47 15.62 2.92 3.14
CA ASN D 47 16.61 2.02 2.58
C ASN D 47 17.89 2.72 2.20
N GLN D 48 17.93 4.05 2.30
CA GLN D 48 19.14 4.83 2.13
C GLN D 48 19.63 4.76 0.69
N ILE D 49 18.72 5.03 -0.24
CA ILE D 49 18.96 4.94 -1.66
C ILE D 49 18.62 6.26 -2.32
N VAL D 50 19.45 6.66 -3.28
CA VAL D 50 19.27 7.90 -4.03
C VAL D 50 19.25 7.55 -5.51
N GLU D 51 18.12 7.84 -6.16
CA GLU D 51 18.02 7.68 -7.61
C GLU D 51 18.37 9.00 -8.29
N THR D 52 19.16 8.89 -9.35
CA THR D 52 19.58 10.03 -10.13
C THR D 52 19.53 9.67 -11.60
N ASN D 53 19.16 10.64 -12.42
CA ASN D 53 19.26 10.52 -13.87
C ASN D 53 20.53 11.24 -14.30
N VAL D 54 21.52 10.47 -14.74
CA VAL D 54 22.82 11.01 -15.10
C VAL D 54 23.17 10.61 -16.52
N ARG D 55 24.02 11.41 -17.13
CA ARG D 55 24.71 11.04 -18.36
C ARG D 55 26.18 10.87 -18.01
N LEU D 56 26.72 9.68 -18.26
CA LEU D 56 28.09 9.35 -17.88
C LEU D 56 28.99 9.56 -19.08
N ARG D 57 29.44 10.80 -19.26
CA ARG D 57 30.31 11.13 -20.37
C ARG D 57 31.65 10.43 -20.22
N GLN D 58 32.11 9.81 -21.30
CA GLN D 58 33.37 9.10 -21.32
C GLN D 58 34.10 9.41 -22.62
N GLN D 59 35.38 9.75 -22.50
CA GLN D 59 36.23 10.05 -23.64
C GLN D 59 37.50 9.24 -23.55
N TRP D 60 37.93 8.72 -24.69
CA TRP D 60 39.19 8.01 -24.78
C TRP D 60 39.56 7.87 -26.24
N ILE D 61 40.73 7.28 -26.48
CA ILE D 61 41.28 7.11 -27.82
C ILE D 61 41.41 5.63 -28.12
N ASP D 62 40.99 5.24 -29.31
CA ASP D 62 41.19 3.91 -29.86
C ASP D 62 41.97 4.07 -31.14
N VAL D 63 43.29 3.84 -31.08
CA VAL D 63 44.15 4.03 -32.24
C VAL D 63 43.87 3.03 -33.35
N ARG D 64 43.06 2.02 -33.08
CA ARG D 64 42.62 1.10 -34.11
C ARG D 64 41.50 1.67 -34.95
N LEU D 65 40.88 2.76 -34.52
CA LEU D 65 39.72 3.35 -35.18
C LEU D 65 40.05 4.73 -35.75
N ARG D 66 41.26 4.89 -36.28
CA ARG D 66 41.68 6.13 -36.89
C ARG D 66 41.74 5.94 -38.41
N TRP D 67 41.52 7.03 -39.12
CA TRP D 67 41.49 7.00 -40.58
C TRP D 67 41.88 8.35 -41.13
N ASN D 68 42.18 8.37 -42.42
CA ASN D 68 42.51 9.58 -43.12
C ASN D 68 41.27 10.11 -43.81
N PRO D 69 40.78 11.31 -43.47
CA PRO D 69 39.57 11.81 -44.14
C PRO D 69 39.71 11.92 -45.65
N ALA D 70 40.90 12.30 -46.13
CA ALA D 70 41.10 12.45 -47.56
C ALA D 70 40.78 11.18 -48.33
N ASP D 71 40.84 10.02 -47.67
CA ASP D 71 40.54 8.75 -48.29
C ASP D 71 39.08 8.34 -48.11
N TYR D 72 38.29 9.17 -47.44
CA TYR D 72 36.88 8.83 -47.20
C TYR D 72 35.96 10.02 -47.43
N GLY D 73 36.36 10.98 -48.24
CA GLY D 73 35.47 12.05 -48.63
C GLY D 73 35.31 13.18 -47.63
N GLY D 74 36.28 13.38 -46.75
CA GLY D 74 36.22 14.45 -45.79
C GLY D 74 35.54 14.11 -44.50
N ILE D 75 35.19 12.84 -44.28
CA ILE D 75 34.56 12.44 -43.04
C ILE D 75 35.55 12.59 -41.90
N LYS D 76 35.09 13.18 -40.81
CA LYS D 76 35.89 13.34 -39.62
C LYS D 76 35.16 12.90 -38.36
N LYS D 77 33.92 12.45 -38.48
CA LYS D 77 33.10 12.07 -37.35
C LYS D 77 32.07 11.06 -37.81
N ILE D 78 31.89 10.00 -37.03
CA ILE D 78 30.84 9.02 -37.25
C ILE D 78 30.24 8.64 -35.90
N ARG D 79 29.20 7.82 -35.94
CA ARG D 79 28.34 7.54 -34.80
C ARG D 79 28.17 6.04 -34.63
N LEU D 80 29.27 5.32 -34.58
CA LEU D 80 29.29 3.90 -34.34
C LEU D 80 28.47 3.48 -33.14
N PRO D 81 27.96 2.26 -33.12
CA PRO D 81 27.37 1.73 -31.89
C PRO D 81 28.40 1.32 -30.86
N SER D 82 27.99 1.38 -29.60
CA SER D 82 28.90 1.09 -28.50
C SER D 82 29.27 -0.38 -28.47
N ASP D 83 28.30 -1.27 -28.70
CA ASP D 83 28.54 -2.70 -28.66
C ASP D 83 29.55 -3.16 -29.70
N ASP D 84 29.90 -2.31 -30.67
CA ASP D 84 30.80 -2.70 -31.73
C ASP D 84 32.25 -2.40 -31.41
N VAL D 85 32.54 -1.61 -30.38
CA VAL D 85 33.89 -1.22 -30.03
C VAL D 85 34.12 -1.53 -28.55
N TRP D 86 35.38 -1.38 -28.15
CA TRP D 86 35.76 -1.60 -26.76
C TRP D 86 35.19 -0.51 -25.88
N LEU D 87 34.65 -0.91 -24.73
CA LEU D 87 34.11 0.01 -23.76
C LEU D 87 34.73 -0.25 -22.40
N PRO D 88 34.98 0.80 -21.63
CA PRO D 88 35.52 0.61 -20.27
C PRO D 88 34.44 0.17 -19.30
N ASP D 89 34.81 -0.78 -18.46
CA ASP D 89 33.89 -1.37 -17.48
C ASP D 89 33.76 -0.47 -16.25
N LEU D 90 33.28 0.74 -16.48
CA LEU D 90 32.97 1.64 -15.39
C LEU D 90 31.77 1.12 -14.61
N VAL D 91 31.90 1.12 -13.29
CA VAL D 91 30.94 0.49 -12.40
C VAL D 91 30.70 1.42 -11.22
N LEU D 92 29.44 1.52 -10.82
CA LEU D 92 29.07 2.24 -9.62
C LEU D 92 29.25 1.31 -8.42
N TYR D 93 30.24 1.60 -7.58
CA TYR D 93 30.55 0.73 -6.47
C TYR D 93 29.45 0.77 -5.43
N ASN D 94 29.04 1.97 -5.04
CA ASN D 94 27.99 2.15 -4.05
C ASN D 94 26.61 2.10 -4.68
N ASN D 95 26.39 1.05 -5.48
CA ASN D 95 25.10 0.79 -6.08
C ASN D 95 24.30 -0.08 -5.14
N ALA D 96 23.08 0.36 -4.82
CA ALA D 96 22.24 -0.36 -3.88
C ALA D 96 21.47 -1.49 -4.56
N ASP D 97 20.57 -1.12 -5.47
CA ASP D 97 19.65 -2.07 -6.05
C ASP D 97 19.45 -1.88 -7.55
N GLY D 98 20.17 -0.97 -8.17
CA GLY D 98 20.06 -0.69 -9.58
C GLY D 98 21.08 -1.45 -10.40
N ASP D 99 21.48 -0.85 -11.51
CA ASP D 99 22.48 -1.43 -12.38
C ASP D 99 23.87 -0.93 -11.98
N PHE D 100 24.83 -1.85 -11.97
CA PHE D 100 26.18 -1.50 -11.57
C PHE D 100 26.92 -0.78 -12.69
N ALA D 101 26.68 -1.18 -13.93
CA ALA D 101 27.32 -0.60 -15.08
C ALA D 101 26.27 0.05 -15.97
N ILE D 102 26.74 0.55 -17.10
CA ILE D 102 25.84 1.13 -18.10
C ILE D 102 25.19 0.01 -18.90
N VAL D 103 23.90 0.18 -19.17
CA VAL D 103 23.11 -0.78 -19.92
C VAL D 103 22.47 -0.17 -21.15
N HIS D 104 22.64 1.14 -21.36
CA HIS D 104 22.15 1.83 -22.54
C HIS D 104 23.35 2.16 -23.41
N MET D 105 23.41 1.52 -24.58
CA MET D 105 24.58 1.65 -25.44
C MET D 105 24.66 3.05 -26.07
N THR D 106 23.62 3.46 -26.78
CA THR D 106 23.51 4.87 -27.16
C THR D 106 24.70 5.32 -27.99
N LYS D 107 24.70 4.97 -29.27
CA LYS D 107 25.84 5.08 -30.17
C LYS D 107 26.76 6.23 -29.83
N LEU D 108 28.06 5.93 -29.81
CA LEU D 108 29.10 6.88 -29.48
C LEU D 108 29.57 7.64 -30.71
N LEU D 109 30.41 8.63 -30.47
CA LEU D 109 30.96 9.49 -31.50
C LEU D 109 32.46 9.23 -31.63
N LEU D 110 32.93 9.12 -32.86
CA LEU D 110 34.29 8.73 -33.15
C LEU D 110 34.89 9.70 -34.16
N ASP D 111 36.01 10.33 -33.80
CA ASP D 111 36.75 11.19 -34.68
C ASP D 111 37.80 10.39 -35.45
N TYR D 112 38.39 11.03 -36.46
CA TYR D 112 39.39 10.39 -37.30
C TYR D 112 40.68 10.10 -36.56
N THR D 113 40.86 10.66 -35.37
CA THR D 113 42.03 10.40 -34.56
C THR D 113 41.84 9.22 -33.62
N GLY D 114 40.67 8.59 -33.64
CA GLY D 114 40.33 7.60 -32.66
C GLY D 114 39.76 8.16 -31.39
N LYS D 115 39.63 9.48 -31.29
CA LYS D 115 39.07 10.13 -30.12
C LYS D 115 37.59 9.82 -30.03
N ILE D 116 37.21 9.03 -29.04
CA ILE D 116 35.85 8.58 -28.86
C ILE D 116 35.18 9.42 -27.78
N MET D 117 33.89 9.68 -27.97
CA MET D 117 33.07 10.35 -26.97
C MET D 117 31.79 9.55 -26.82
N TRP D 118 31.57 9.00 -25.64
CA TRP D 118 30.42 8.16 -25.34
C TRP D 118 29.76 8.71 -24.10
N THR D 119 28.54 9.20 -24.26
CA THR D 119 27.80 9.85 -23.18
C THR D 119 26.46 9.16 -23.02
N PRO D 120 26.45 7.98 -22.43
CA PRO D 120 25.22 7.23 -22.29
C PRO D 120 24.47 7.63 -21.03
N PRO D 121 23.20 7.27 -20.94
CA PRO D 121 22.42 7.55 -19.73
C PRO D 121 22.50 6.42 -18.73
N ALA D 122 22.06 6.74 -17.51
CA ALA D 122 22.05 5.76 -16.45
C ALA D 122 21.14 6.26 -15.34
N ILE D 123 20.42 5.34 -14.72
CA ILE D 123 19.71 5.60 -13.48
C ILE D 123 20.56 5.00 -12.37
N PHE D 124 21.27 5.86 -11.65
CA PHE D 124 22.11 5.44 -10.54
C PHE D 124 21.27 5.43 -9.27
N LYS D 125 21.09 4.25 -8.70
CA LYS D 125 20.48 4.08 -7.39
C LYS D 125 21.62 3.78 -6.42
N SER D 126 22.09 4.83 -5.76
CA SER D 126 23.27 4.77 -4.93
C SER D 126 22.92 4.74 -3.45
N TYR D 127 23.73 4.06 -2.68
CA TYR D 127 23.58 4.00 -1.23
C TYR D 127 24.12 5.29 -0.61
N CYS D 128 23.27 5.97 0.15
CA CYS D 128 23.61 7.23 0.78
C CYS D 128 23.36 7.11 2.27
N GLU D 129 24.35 7.44 3.07
CA GLU D 129 24.15 7.51 4.51
C GLU D 129 23.21 8.65 4.81
N ILE D 130 21.97 8.33 5.14
CA ILE D 130 20.94 9.31 5.44
C ILE D 130 20.96 9.61 6.93
N ILE D 131 21.08 10.89 7.28
CA ILE D 131 21.12 11.32 8.67
C ILE D 131 19.80 11.98 9.03
N VAL D 132 18.88 11.19 9.57
CA VAL D 132 17.58 11.72 10.03
C VAL D 132 17.76 12.05 11.50
N THR D 133 18.32 13.23 11.75
CA THR D 133 18.48 13.75 13.09
C THR D 133 17.86 15.14 13.16
N HIS D 134 17.89 15.85 12.04
CA HIS D 134 17.26 17.16 11.93
C HIS D 134 16.07 17.15 10.98
N PHE D 135 15.66 15.98 10.55
CA PHE D 135 14.47 15.83 9.70
C PHE D 135 13.34 16.68 10.25
N PRO D 136 12.65 17.47 9.42
CA PRO D 136 12.79 17.63 7.97
C PRO D 136 13.80 18.70 7.57
N PHE D 137 14.54 19.22 8.54
CA PHE D 137 15.56 20.22 8.27
C PHE D 137 16.94 19.58 8.12
N ASP D 138 17.04 18.57 7.26
CA ASP D 138 18.20 17.70 7.19
C ASP D 138 18.99 17.96 5.92
N GLN D 139 20.31 17.96 6.07
CA GLN D 139 21.27 18.10 4.97
C GLN D 139 21.92 16.75 4.71
N GLN D 140 21.99 16.36 3.45
CA GLN D 140 22.60 15.11 3.06
C GLN D 140 23.82 15.36 2.16
N ASN D 141 24.65 14.34 2.06
CA ASN D 141 25.88 14.36 1.28
C ASN D 141 26.02 13.09 0.46
N CYS D 142 24.97 12.79 -0.29
CA CYS D 142 24.92 11.56 -1.06
C CYS D 142 26.00 11.53 -2.13
N THR D 143 26.60 10.36 -2.31
CA THR D 143 27.78 10.16 -3.15
C THR D 143 27.48 9.18 -4.27
N MET D 144 28.40 9.17 -5.24
CA MET D 144 28.38 8.17 -6.30
C MET D 144 29.82 7.84 -6.66
N LYS D 145 30.27 6.65 -6.25
CA LYS D 145 31.64 6.22 -6.47
C LYS D 145 31.72 5.40 -7.74
N LEU D 146 32.64 5.79 -8.62
CA LEU D 146 32.79 5.16 -9.93
C LEU D 146 34.23 4.75 -10.13
N GLY D 147 34.41 3.59 -10.74
CA GLY D 147 35.73 3.09 -11.05
C GLY D 147 35.66 1.97 -12.05
N ILE D 148 36.82 1.60 -12.55
CA ILE D 148 36.95 0.48 -13.45
C ILE D 148 37.07 -0.79 -12.64
N TRP D 149 36.24 -1.78 -12.97
CA TRP D 149 36.06 -2.95 -12.13
C TRP D 149 37.24 -3.91 -12.23
N THR D 150 37.71 -4.18 -13.45
CA THR D 150 38.62 -5.28 -13.69
C THR D 150 40.03 -4.86 -14.07
N TYR D 151 40.27 -3.58 -14.26
CA TYR D 151 41.60 -3.08 -14.57
C TYR D 151 42.05 -2.15 -13.46
N ASP D 152 43.35 -1.85 -13.48
CA ASP D 152 43.97 -0.94 -12.54
C ASP D 152 44.48 0.29 -13.28
N GLY D 153 45.02 1.23 -12.51
CA GLY D 153 45.47 2.48 -13.09
C GLY D 153 46.59 2.36 -14.09
N THR D 154 47.28 1.23 -14.11
CA THR D 154 48.35 0.99 -15.07
C THR D 154 47.84 0.40 -16.37
N LYS D 155 46.58 -0.03 -16.41
CA LYS D 155 45.94 -0.51 -17.62
C LYS D 155 44.89 0.46 -18.13
N VAL D 156 44.00 0.91 -17.24
CA VAL D 156 42.92 1.82 -17.59
C VAL D 156 42.87 2.89 -16.52
N SER D 157 43.28 4.10 -16.90
CA SER D 157 43.24 5.26 -16.03
C SER D 157 42.00 6.08 -16.33
N ILE D 158 41.36 6.58 -15.27
CA ILE D 158 40.20 7.46 -15.40
C ILE D 158 40.52 8.77 -14.72
N SER D 159 40.23 9.87 -15.41
CA SER D 159 40.42 11.20 -14.90
C SER D 159 39.11 11.96 -15.00
N PRO D 160 38.80 12.82 -14.03
CA PRO D 160 37.52 13.53 -14.06
C PRO D 160 37.58 14.68 -15.06
N GLU D 161 36.52 14.78 -15.87
CA GLU D 161 36.44 15.84 -16.87
C GLU D 161 36.56 17.21 -16.23
N SER D 162 35.94 17.40 -15.06
CA SER D 162 35.97 18.68 -14.39
C SER D 162 35.95 18.45 -12.89
N ASP D 163 36.38 19.47 -12.15
CA ASP D 163 36.42 19.39 -10.70
C ASP D 163 35.05 19.07 -10.13
N ARG D 164 33.98 19.45 -10.80
CA ARG D 164 32.63 19.26 -10.30
C ARG D 164 31.73 18.78 -11.42
N PRO D 165 30.66 18.06 -11.08
CA PRO D 165 29.72 17.60 -12.11
C PRO D 165 29.16 18.75 -12.93
N ASP D 166 28.45 18.36 -13.98
CA ASP D 166 27.74 19.28 -14.84
C ASP D 166 26.27 19.29 -14.42
N LEU D 167 25.81 20.41 -13.89
CA LEU D 167 24.41 20.61 -13.54
C LEU D 167 23.75 21.68 -14.40
N SER D 168 24.31 21.95 -15.58
CA SER D 168 23.76 22.97 -16.46
C SER D 168 22.37 22.62 -16.96
N THR D 169 21.99 21.35 -16.94
CA THR D 169 20.68 20.90 -17.37
C THR D 169 20.04 20.09 -16.26
N PHE D 170 20.14 20.60 -15.04
CA PHE D 170 19.58 19.96 -13.87
C PHE D 170 18.17 20.48 -13.59
N MET D 171 17.21 19.58 -13.52
CA MET D 171 15.86 19.95 -13.14
C MET D 171 15.75 20.13 -11.65
N GLU D 172 15.09 21.19 -11.23
CA GLU D 172 14.89 21.44 -9.82
C GLU D 172 13.92 20.42 -9.25
N SER D 173 14.27 19.90 -8.06
CA SER D 173 13.59 18.71 -7.55
C SER D 173 12.24 19.05 -6.94
N GLY D 174 12.13 20.15 -6.22
CA GLY D 174 10.95 20.46 -5.47
C GLY D 174 10.97 19.97 -4.04
N GLU D 175 11.85 19.03 -3.72
CA GLU D 175 12.04 18.57 -2.36
C GLU D 175 13.45 18.77 -1.83
N TRP D 176 14.43 18.98 -2.70
CA TRP D 176 15.82 19.12 -2.30
C TRP D 176 16.46 20.26 -3.07
N VAL D 177 17.33 20.99 -2.38
CA VAL D 177 18.14 22.04 -2.97
C VAL D 177 19.58 21.56 -3.01
N MET D 178 20.19 21.64 -4.18
CA MET D 178 21.59 21.26 -4.33
C MET D 178 22.48 22.44 -3.95
N LYS D 179 23.11 22.35 -2.79
CA LYS D 179 23.95 23.43 -2.29
C LYS D 179 25.35 23.37 -2.91
N ASP D 180 26.05 22.28 -2.64
CA ASP D 180 27.37 22.04 -3.20
C ASP D 180 27.38 20.72 -3.95
N TYR D 181 28.26 20.63 -4.93
CA TYR D 181 28.47 19.40 -5.67
C TYR D 181 29.89 19.41 -6.22
N ARG D 182 30.60 18.31 -6.02
CA ARG D 182 31.98 18.24 -6.43
C ARG D 182 32.36 16.79 -6.68
N GLY D 183 33.44 16.61 -7.43
CA GLY D 183 33.94 15.30 -7.75
C GLY D 183 35.42 15.16 -7.55
N TRP D 184 35.82 14.16 -6.77
CA TRP D 184 37.22 13.93 -6.43
C TRP D 184 37.69 12.61 -7.01
N LYS D 185 38.89 12.62 -7.57
CA LYS D 185 39.58 11.41 -7.96
C LYS D 185 40.47 10.94 -6.83
N HIS D 186 40.48 9.63 -6.60
CA HIS D 186 41.32 9.01 -5.60
C HIS D 186 42.08 7.86 -6.22
N TRP D 187 43.33 7.70 -5.79
CA TRP D 187 44.08 6.50 -6.04
C TRP D 187 44.37 5.81 -4.73
N VAL D 188 44.33 4.48 -4.76
CA VAL D 188 44.54 3.66 -3.59
C VAL D 188 45.62 2.64 -3.91
N TYR D 189 46.50 2.40 -2.95
CA TYR D 189 47.55 1.42 -3.08
C TYR D 189 47.28 0.26 -2.16
N TYR D 190 47.76 -0.91 -2.56
CA TYR D 190 47.53 -2.14 -1.82
C TYR D 190 48.86 -2.83 -1.58
N THR D 191 48.80 -3.95 -0.87
CA THR D 191 49.99 -4.73 -0.57
C THR D 191 50.42 -5.62 -1.72
N CYS D 192 49.51 -5.94 -2.65
CA CYS D 192 49.88 -6.62 -3.88
C CYS D 192 51.20 -6.11 -4.40
N CYS D 193 51.24 -4.83 -4.62
CA CYS D 193 52.10 -4.26 -5.63
C CYS D 193 52.22 -2.75 -5.48
N PRO D 194 53.43 -2.20 -5.44
CA PRO D 194 53.62 -0.78 -5.10
C PRO D 194 53.57 0.18 -6.27
N ASP D 195 53.24 -0.29 -7.47
CA ASP D 195 53.17 0.56 -8.65
C ASP D 195 51.83 0.50 -9.36
N THR D 196 50.90 -0.34 -8.89
CA THR D 196 49.58 -0.44 -9.49
C THR D 196 48.58 0.27 -8.60
N PRO D 197 48.27 1.54 -8.84
CA PRO D 197 47.19 2.19 -8.10
C PRO D 197 45.83 1.83 -8.66
N TYR D 198 44.87 1.75 -7.75
CA TYR D 198 43.49 1.43 -8.08
C TYR D 198 42.66 2.69 -7.90
N LEU D 199 42.15 3.22 -9.00
CA LEU D 199 41.55 4.54 -9.03
C LEU D 199 40.04 4.49 -8.88
N ASP D 200 39.49 5.64 -8.52
CA ASP D 200 38.06 5.84 -8.42
C ASP D 200 37.79 7.33 -8.48
N ILE D 201 36.62 7.68 -9.00
CA ILE D 201 36.11 9.04 -8.95
C ILE D 201 34.84 9.01 -8.13
N THR D 202 34.81 9.79 -7.08
CA THR D 202 33.67 9.85 -6.17
C THR D 202 33.05 11.24 -6.29
N TYR D 203 31.87 11.29 -6.90
CA TYR D 203 31.08 12.50 -6.98
C TYR D 203 30.15 12.55 -5.78
N HIS D 204 30.11 13.69 -5.11
CA HIS D 204 29.22 13.88 -3.98
C HIS D 204 28.38 15.13 -4.19
N PHE D 205 27.13 15.03 -3.79
CA PHE D 205 26.15 16.10 -3.94
C PHE D 205 25.56 16.42 -2.58
N ILE D 206 25.76 17.66 -2.14
CA ILE D 206 25.23 18.10 -0.86
C ILE D 206 23.90 18.77 -1.11
N MET D 207 22.86 18.24 -0.47
CA MET D 207 21.49 18.61 -0.75
C MET D 207 20.76 18.93 0.55
N GLN D 208 20.11 20.09 0.57
CA GLN D 208 19.33 20.53 1.71
C GLN D 208 17.87 20.31 1.40
N ARG D 209 17.15 19.69 2.33
CA ARG D 209 15.73 19.44 2.16
C ARG D 209 14.94 20.73 2.36
N ILE D 210 13.87 20.87 1.58
CA ILE D 210 12.97 22.01 1.69
C ILE D 210 11.90 21.64 2.72
N PRO D 211 11.91 22.23 3.91
CA PRO D 211 11.00 21.82 4.98
C PRO D 211 9.70 22.61 5.01
N LEU D 212 8.85 22.34 4.03
CA LEU D 212 7.53 22.94 3.97
C LEU D 212 6.42 21.91 3.98
N TYR D 213 6.55 20.85 3.19
CA TYR D 213 5.56 19.79 3.19
C TYR D 213 5.38 19.22 4.58
N PHE D 214 6.49 18.88 5.24
CA PHE D 214 6.41 18.23 6.54
C PHE D 214 6.04 19.21 7.64
N VAL D 215 6.45 20.47 7.51
CA VAL D 215 6.01 21.48 8.45
C VAL D 215 4.49 21.62 8.41
N VAL D 216 3.94 21.75 7.21
CA VAL D 216 2.51 21.99 7.08
C VAL D 216 1.70 20.75 7.43
N ASN D 217 2.21 19.56 7.13
CA ASN D 217 1.42 18.36 7.25
C ASN D 217 1.68 17.56 8.52
N VAL D 218 2.77 17.83 9.25
CA VAL D 218 3.11 17.00 10.40
C VAL D 218 3.33 17.84 11.66
N ILE D 219 3.73 19.09 11.52
CA ILE D 219 4.19 19.89 12.64
C ILE D 219 3.10 20.81 13.16
N ILE D 220 2.49 21.59 12.27
CA ILE D 220 1.45 22.52 12.70
C ILE D 220 0.33 21.81 13.44
N PRO D 221 -0.19 20.67 12.96
CA PRO D 221 -1.23 19.97 13.72
C PRO D 221 -0.78 19.55 15.11
N CYS D 222 0.46 19.08 15.25
CA CYS D 222 0.97 18.73 16.55
C CYS D 222 1.07 19.96 17.45
N LEU D 223 1.39 21.11 16.86
CA LEU D 223 1.39 22.35 17.61
C LEU D 223 -0.01 22.68 18.13
N LEU D 224 -1.02 22.52 17.27
CA LEU D 224 -2.39 22.75 17.72
C LEU D 224 -2.77 21.81 18.85
N PHE D 225 -2.40 20.55 18.73
CA PHE D 225 -2.73 19.60 19.78
C PHE D 225 -2.06 19.97 21.11
N SER D 226 -0.79 20.36 21.05
CA SER D 226 -0.11 20.83 22.26
C SER D 226 -0.83 22.03 22.86
N PHE D 227 -1.08 23.05 22.04
CA PHE D 227 -1.74 24.26 22.51
C PHE D 227 -3.09 23.95 23.13
N LEU D 228 -3.81 22.95 22.61
CA LEU D 228 -5.10 22.59 23.16
C LEU D 228 -4.96 21.76 24.44
N THR D 229 -3.87 21.02 24.58
CA THR D 229 -3.62 20.33 25.83
C THR D 229 -3.29 21.31 26.94
N GLY D 230 -2.68 22.43 26.60
CA GLY D 230 -2.43 23.46 27.58
C GLY D 230 -3.64 24.31 27.90
N LEU D 231 -4.83 23.79 27.62
CA LEU D 231 -6.06 24.57 27.70
C LEU D 231 -7.14 23.93 28.55
N VAL D 232 -7.11 22.62 28.76
CA VAL D 232 -8.08 21.97 29.62
C VAL D 232 -8.06 22.52 31.02
N PHE D 233 -7.04 23.32 31.36
CA PHE D 233 -6.93 23.95 32.66
C PHE D 233 -7.70 25.25 32.78
N TYR D 234 -8.25 25.77 31.68
CA TYR D 234 -9.23 26.85 31.75
C TYR D 234 -10.64 26.33 31.63
N LEU D 235 -10.81 25.01 31.63
CA LEU D 235 -12.11 24.40 31.53
C LEU D 235 -12.56 23.98 32.92
N PRO D 236 -13.60 24.58 33.48
CA PRO D 236 -13.97 24.26 34.86
C PRO D 236 -14.41 22.81 34.98
N THR D 237 -14.38 22.33 36.21
CA THR D 237 -14.73 20.96 36.52
C THR D 237 -16.22 20.76 36.68
N ASP D 238 -16.94 21.80 37.10
CA ASP D 238 -18.40 21.77 37.05
C ASP D 238 -18.88 21.41 35.66
N SER D 239 -18.08 21.73 34.64
CA SER D 239 -18.27 21.23 33.29
C SER D 239 -17.71 19.82 33.22
N GLY D 240 -18.58 18.83 33.05
CA GLY D 240 -18.13 17.46 32.94
C GLY D 240 -17.58 17.15 31.57
N GLU D 241 -16.54 17.86 31.18
CA GLU D 241 -16.01 17.77 29.83
C GLU D 241 -14.49 17.80 29.76
N LYS D 242 -13.78 17.82 30.88
CA LYS D 242 -12.33 17.89 30.84
C LYS D 242 -11.75 16.61 30.23
N MET D 243 -12.26 15.45 30.65
CA MET D 243 -11.80 14.20 30.06
C MET D 243 -12.15 14.13 28.59
N THR D 244 -13.37 14.53 28.25
CA THR D 244 -13.75 14.62 26.84
C THR D 244 -12.67 15.35 26.04
N LEU D 245 -12.34 16.56 26.47
CA LEU D 245 -11.43 17.40 25.70
C LEU D 245 -10.04 16.78 25.64
N SER D 246 -9.48 16.45 26.80
CA SER D 246 -8.12 15.93 26.84
C SER D 246 -7.99 14.64 26.03
N ILE D 247 -8.90 13.70 26.26
CA ILE D 247 -8.76 12.39 25.63
C ILE D 247 -9.11 12.47 24.15
N SER D 248 -9.93 13.44 23.74
CA SER D 248 -10.18 13.62 22.32
C SER D 248 -8.99 14.27 21.63
N VAL D 249 -8.29 15.17 22.30
CA VAL D 249 -7.01 15.64 21.78
C VAL D 249 -6.06 14.45 21.60
N LEU D 250 -6.07 13.55 22.57
CA LEU D 250 -5.21 12.38 22.48
C LEU D 250 -5.58 11.50 21.30
N LEU D 251 -6.87 11.36 21.03
CA LEU D 251 -7.32 10.58 19.87
C LEU D 251 -6.93 11.25 18.57
N SER D 252 -7.15 12.56 18.48
CA SER D 252 -6.71 13.30 17.30
C SER D 252 -5.22 13.12 17.06
N LEU D 253 -4.43 13.16 18.13
CA LEU D 253 -3.00 12.96 18.01
C LEU D 253 -2.66 11.53 17.62
N THR D 254 -3.48 10.56 18.00
CA THR D 254 -3.23 9.18 17.58
C THR D 254 -3.51 9.00 16.08
N VAL D 255 -4.63 9.53 15.62
CA VAL D 255 -4.92 9.51 14.18
C VAL D 255 -3.81 10.26 13.43
N PHE D 256 -3.32 11.34 14.01
CA PHE D 256 -2.22 12.04 13.39
C PHE D 256 -0.93 11.25 13.46
N LEU D 257 -0.79 10.38 14.44
CA LEU D 257 0.34 9.46 14.48
C LEU D 257 0.29 8.51 13.30
N LEU D 258 -0.91 8.05 12.97
CA LEU D 258 -1.13 7.33 11.72
C LEU D 258 -0.64 8.14 10.53
N VAL D 259 -1.11 9.39 10.44
CA VAL D 259 -0.67 10.27 9.35
C VAL D 259 0.85 10.32 9.28
N ILE D 260 1.48 10.54 10.42
CA ILE D 260 2.93 10.71 10.48
C ILE D 260 3.62 9.46 9.97
N VAL D 261 3.23 8.30 10.48
CA VAL D 261 3.85 7.06 10.04
C VAL D 261 3.65 6.86 8.55
N GLU D 262 2.52 7.32 8.02
CA GLU D 262 2.32 7.27 6.57
C GLU D 262 3.22 8.22 5.81
N LEU D 263 3.58 9.35 6.42
CA LEU D 263 4.33 10.39 5.72
C LEU D 263 5.83 10.27 5.94
N ILE D 264 6.26 10.36 7.20
CA ILE D 264 7.69 10.46 7.51
C ILE D 264 8.30 9.07 7.43
N PRO D 265 9.62 8.94 7.46
CA PRO D 265 10.24 7.66 7.21
C PRO D 265 10.24 6.77 8.44
N SER D 266 10.32 5.46 8.18
CA SER D 266 10.38 4.45 9.23
C SER D 266 11.81 4.13 9.64
N THR D 267 12.71 5.09 9.50
CA THR D 267 14.10 4.87 9.84
C THR D 267 14.26 4.64 11.34
N SER D 268 15.25 3.83 11.68
CA SER D 268 15.64 3.60 13.07
C SER D 268 17.10 3.96 13.31
N SER D 269 17.74 4.62 12.34
CA SER D 269 19.12 5.05 12.51
C SER D 269 19.28 5.98 13.70
N ALA D 270 18.28 6.80 13.96
CA ALA D 270 18.33 7.80 15.02
C ALA D 270 16.93 8.35 15.21
N VAL D 271 16.76 9.12 16.27
CA VAL D 271 15.49 9.76 16.59
C VAL D 271 15.46 11.11 15.89
N PRO D 272 14.57 11.34 14.92
CA PRO D 272 14.50 12.63 14.26
C PRO D 272 13.85 13.69 15.14
N LEU D 273 13.68 14.88 14.55
CA LEU D 273 13.00 15.96 15.26
C LEU D 273 11.50 15.75 15.29
N ILE D 274 10.93 15.26 14.19
CA ILE D 274 9.50 14.96 14.16
C ILE D 274 9.15 14.00 15.28
N GLY D 275 9.98 12.98 15.49
CA GLY D 275 9.70 12.00 16.52
C GLY D 275 9.85 12.56 17.92
N LYS D 276 10.92 13.32 18.16
CA LYS D 276 11.08 13.95 19.46
C LYS D 276 9.90 14.85 19.78
N TYR D 277 9.45 15.63 18.80
CA TYR D 277 8.33 16.54 19.03
C TYR D 277 7.03 15.78 19.25
N MET D 278 6.80 14.71 18.49
CA MET D 278 5.59 13.92 18.68
C MET D 278 5.58 13.30 20.06
N LEU D 279 6.70 12.76 20.51
CA LEU D 279 6.72 12.13 21.83
C LEU D 279 6.61 13.16 22.92
N PHE D 280 7.22 14.33 22.74
CA PHE D 280 7.03 15.42 23.69
C PHE D 280 5.57 15.79 23.79
N THR D 281 4.90 15.94 22.65
CA THR D 281 3.49 16.29 22.64
C THR D 281 2.64 15.23 23.31
N MET D 282 2.95 13.95 23.04
CA MET D 282 2.18 12.87 23.64
C MET D 282 2.36 12.84 25.16
N ILE D 283 3.60 12.97 25.63
CA ILE D 283 3.83 13.01 27.08
C ILE D 283 3.18 14.25 27.67
N PHE D 284 3.15 15.34 26.93
CA PHE D 284 2.47 16.55 27.36
C PHE D 284 0.98 16.27 27.59
N VAL D 285 0.34 15.60 26.63
CA VAL D 285 -1.08 15.29 26.75
C VAL D 285 -1.31 14.34 27.92
N ILE D 286 -0.42 13.37 28.11
CA ILE D 286 -0.59 12.41 29.18
C ILE D 286 -0.47 13.09 30.54
N SER D 287 0.53 13.96 30.70
CA SER D 287 0.66 14.71 31.94
C SER D 287 -0.53 15.62 32.16
N SER D 288 -1.01 16.24 31.08
CA SER D 288 -2.23 17.05 31.17
C SER D 288 -3.38 16.23 31.72
N ILE D 289 -3.58 15.02 31.20
CA ILE D 289 -4.69 14.19 31.63
C ILE D 289 -4.53 13.77 33.08
N ILE D 290 -3.29 13.46 33.48
CA ILE D 290 -3.05 13.00 34.84
C ILE D 290 -3.35 14.13 35.83
N ILE D 291 -2.80 15.32 35.57
CA ILE D 291 -3.05 16.43 36.47
C ILE D 291 -4.51 16.85 36.42
N THR D 292 -5.16 16.67 35.28
CA THR D 292 -6.59 16.93 35.18
C THR D 292 -7.37 16.00 36.10
N VAL D 293 -6.98 14.73 36.15
CA VAL D 293 -7.62 13.80 37.06
C VAL D 293 -7.38 14.22 38.50
N VAL D 294 -6.16 14.66 38.81
CA VAL D 294 -5.88 15.14 40.16
C VAL D 294 -6.77 16.32 40.50
N VAL D 295 -6.95 17.24 39.56
CA VAL D 295 -7.76 18.42 39.81
C VAL D 295 -9.21 18.03 40.02
N ILE D 296 -9.72 17.10 39.22
CA ILE D 296 -11.09 16.64 39.39
C ILE D 296 -11.27 15.94 40.73
N ASN D 297 -10.25 15.22 41.18
CA ASN D 297 -10.35 14.53 42.46
C ASN D 297 -10.34 15.52 43.61
N THR D 298 -9.56 16.59 43.50
CA THR D 298 -9.56 17.62 44.54
C THR D 298 -10.88 18.38 44.53
N HIS D 299 -11.38 18.73 43.36
CA HIS D 299 -12.64 19.44 43.23
C HIS D 299 -13.78 18.65 43.86
N HIS D 300 -13.89 17.37 43.52
CA HIS D 300 -14.89 16.49 44.12
C HIS D 300 -14.34 15.78 45.34
N ARG D 301 -13.81 16.56 46.27
CA ARG D 301 -13.25 16.07 47.51
C ARG D 301 -14.25 16.40 48.62
N SER D 302 -14.99 15.40 49.05
CA SER D 302 -16.05 15.64 50.02
C SER D 302 -15.45 16.01 51.37
N PRO D 303 -16.05 16.96 52.09
CA PRO D 303 -15.56 17.29 53.43
C PRO D 303 -15.86 16.20 54.47
N SER D 304 -16.87 15.36 54.22
CA SER D 304 -17.20 14.32 55.18
C SER D 304 -16.04 13.36 55.40
N THR D 305 -15.22 13.14 54.36
CA THR D 305 -14.12 12.19 54.43
C THR D 305 -12.76 12.84 54.29
N HIS D 306 -12.70 14.14 53.98
CA HIS D 306 -11.43 14.83 53.76
C HIS D 306 -11.53 16.23 54.34
N THR D 307 -10.74 16.50 55.38
CA THR D 307 -10.62 17.84 55.93
C THR D 307 -9.43 18.54 55.28
N MET D 308 -9.65 19.78 54.85
CA MET D 308 -8.62 20.51 54.13
C MET D 308 -7.43 20.78 55.06
N PRO D 309 -6.21 20.42 54.65
CA PRO D 309 -5.04 20.79 55.45
C PRO D 309 -4.91 22.29 55.60
N GLN D 310 -3.93 22.69 56.40
CA GLN D 310 -3.67 24.11 56.62
C GLN D 310 -2.66 24.69 55.65
N TRP D 311 -1.68 23.89 55.23
CA TRP D 311 -0.71 24.38 54.26
C TRP D 311 -1.37 24.62 52.91
N VAL D 312 -2.32 23.77 52.52
CA VAL D 312 -3.03 23.96 51.27
C VAL D 312 -3.83 25.25 51.30
N ARG D 313 -4.51 25.53 52.42
CA ARG D 313 -5.25 26.77 52.53
C ARG D 313 -4.33 27.98 52.56
N LYS D 314 -3.16 27.83 53.18
CA LYS D 314 -2.23 28.96 53.24
C LYS D 314 -1.62 29.26 51.88
N ILE D 315 -1.39 28.24 51.07
CA ILE D 315 -0.72 28.42 49.79
C ILE D 315 -1.70 28.78 48.69
N PHE D 316 -2.74 27.97 48.52
CA PHE D 316 -3.61 28.08 47.36
C PHE D 316 -4.75 29.05 47.54
N ILE D 317 -5.21 29.28 48.77
CA ILE D 317 -6.32 30.18 49.02
C ILE D 317 -5.80 31.55 49.46
N ASP D 318 -4.61 31.57 50.07
CA ASP D 318 -4.14 32.76 50.76
C ASP D 318 -2.92 33.43 50.14
N THR D 319 -2.10 32.69 49.40
CA THR D 319 -0.87 33.24 48.84
C THR D 319 -0.93 33.42 47.33
N ILE D 320 -1.21 32.36 46.59
CA ILE D 320 -1.09 32.38 45.14
C ILE D 320 -2.14 33.33 44.55
N PRO D 321 -3.38 33.29 45.01
CA PRO D 321 -4.36 34.26 44.51
C PRO D 321 -3.85 35.69 44.50
N ASN D 322 -3.17 36.11 45.57
CA ASN D 322 -2.60 37.45 45.60
C ASN D 322 -1.36 37.55 44.72
N VAL D 323 -0.58 36.47 44.64
CA VAL D 323 0.59 36.46 43.77
C VAL D 323 0.20 36.68 42.32
N MET D 324 -1.07 36.51 41.98
CA MET D 324 -1.55 36.82 40.65
C MET D 324 -2.08 38.25 40.60
N PHE D 325 -2.02 38.82 39.41
CA PHE D 325 -2.62 40.13 39.14
C PHE D 325 -3.50 40.05 37.91
N PHE D 326 -3.14 39.16 36.98
CA PHE D 326 -3.83 39.03 35.72
C PHE D 326 -5.19 38.35 35.84
N SER D 327 -5.47 37.72 36.98
CA SER D 327 -6.65 36.89 37.12
C SER D 327 -7.83 37.68 37.65
N THR D 328 -9.01 37.10 37.46
CA THR D 328 -10.25 37.66 37.96
C THR D 328 -10.75 36.90 39.19
N MET D 329 -9.91 36.08 39.79
CA MET D 329 -10.32 35.28 40.92
C MET D 329 -10.68 36.18 42.10
N LYS D 330 -11.15 35.53 43.17
CA LYS D 330 -11.57 36.21 44.37
C LYS D 330 -10.41 36.30 45.36
N ARG D 331 -10.42 37.37 46.15
CA ARG D 331 -9.44 37.57 47.20
C ARG D 331 -9.67 38.89 47.91
N PRO D 370 -48.32 19.25 71.97
CA PRO D 370 -49.03 18.20 71.21
C PRO D 370 -48.64 18.23 69.72
N ASP D 371 -49.12 19.23 68.98
CA ASP D 371 -48.82 19.37 67.53
C ASP D 371 -47.85 20.54 67.34
N VAL D 372 -48.18 21.69 67.93
CA VAL D 372 -47.35 22.89 67.84
C VAL D 372 -45.90 22.56 68.15
N LYS D 373 -45.69 21.67 69.13
CA LYS D 373 -44.33 21.23 69.44
C LYS D 373 -43.73 20.48 68.26
N SER D 374 -44.56 19.71 67.53
CA SER D 374 -44.06 19.04 66.34
C SER D 374 -43.62 20.05 65.29
N ALA D 375 -44.39 21.13 65.13
CA ALA D 375 -44.03 22.16 64.16
C ALA D 375 -42.71 22.83 64.54
N ILE D 376 -42.57 23.18 65.82
CA ILE D 376 -41.33 23.81 66.28
C ILE D 376 -40.15 22.86 66.07
N GLU D 377 -40.31 21.61 66.50
CA GLU D 377 -39.29 20.60 66.26
C GLU D 377 -38.89 20.56 64.79
N GLY D 378 -39.87 20.55 63.90
CA GLY D 378 -39.58 20.40 62.49
C GLY D 378 -38.86 21.61 61.91
N VAL D 379 -39.30 22.81 62.27
CA VAL D 379 -38.66 24.01 61.75
C VAL D 379 -37.23 24.12 62.27
N LYS D 380 -37.02 23.77 63.54
CA LYS D 380 -35.66 23.81 64.08
C LYS D 380 -34.78 22.77 63.40
N TYR D 381 -35.31 21.56 63.18
CA TYR D 381 -34.58 20.56 62.40
C TYR D 381 -34.20 21.11 61.04
N ILE D 382 -35.15 21.76 60.36
CA ILE D 382 -34.93 22.27 59.03
C ILE D 382 -33.77 23.28 59.04
N ALA D 383 -33.80 24.20 60.00
CA ALA D 383 -32.74 25.21 60.05
C ALA D 383 -31.39 24.59 60.38
N GLU D 384 -31.37 23.64 61.31
CA GLU D 384 -30.11 22.97 61.65
C GLU D 384 -29.53 22.27 60.42
N HIS D 385 -30.37 21.54 59.69
CA HIS D 385 -29.92 20.88 58.48
C HIS D 385 -29.45 21.89 57.45
N MET D 386 -30.12 23.04 57.38
CA MET D 386 -29.74 24.06 56.41
C MET D 386 -28.35 24.59 56.71
N LYS D 387 -28.04 24.83 57.98
CA LYS D 387 -26.72 25.34 58.31
C LYS D 387 -25.65 24.25 58.16
N SER D 388 -26.00 23.00 58.42
CA SER D 388 -25.07 21.91 58.14
C SER D 388 -24.76 21.83 56.64
N ASP D 389 -25.79 21.96 55.82
CA ASP D 389 -25.59 21.98 54.37
C ASP D 389 -24.73 23.17 53.96
N GLU D 390 -24.93 24.31 54.62
CA GLU D 390 -24.09 25.47 54.32
C GLU D 390 -22.64 25.22 54.67
N GLU D 391 -22.38 24.53 55.78
CA GLU D 391 -21.00 24.22 56.15
C GLU D 391 -20.36 23.29 55.14
N SER D 392 -21.08 22.22 54.79
CA SER D 392 -20.58 21.30 53.78
C SER D 392 -20.31 22.03 52.47
N SER D 393 -21.19 22.96 52.10
CA SER D 393 -21.01 23.69 50.85
C SER D 393 -19.80 24.62 50.92
N ASN D 394 -19.57 25.24 52.08
CA ASN D 394 -18.39 26.06 52.25
C ASN D 394 -17.13 25.24 52.04
N ALA D 395 -17.09 24.05 52.62
CA ALA D 395 -15.92 23.19 52.45
C ALA D 395 -15.74 22.79 50.99
N ALA D 396 -16.82 22.32 50.36
CA ALA D 396 -16.75 21.95 48.95
C ALA D 396 -16.31 23.11 48.09
N GLU D 397 -16.71 24.33 48.43
CA GLU D 397 -16.32 25.49 47.65
C GLU D 397 -14.87 25.84 47.87
N GLU D 398 -14.35 25.61 49.07
CA GLU D 398 -12.92 25.78 49.28
C GLU D 398 -12.14 24.81 48.41
N TRP D 399 -12.62 23.57 48.31
CA TRP D 399 -11.96 22.59 47.45
C TRP D 399 -12.04 23.02 45.99
N LYS D 400 -13.21 23.50 45.55
CA LYS D 400 -13.34 24.01 44.19
C LYS D 400 -12.38 25.16 43.93
N TYR D 401 -12.20 26.05 44.91
CA TYR D 401 -11.29 27.16 44.76
C TYR D 401 -9.85 26.68 44.62
N VAL D 402 -9.47 25.70 45.45
CA VAL D 402 -8.13 25.12 45.35
C VAL D 402 -7.92 24.55 43.95
N ALA D 403 -8.90 23.80 43.45
CA ALA D 403 -8.77 23.21 42.13
C ALA D 403 -8.66 24.27 41.05
N MET D 404 -9.40 25.36 41.18
CA MET D 404 -9.34 26.43 40.19
C MET D 404 -7.98 27.11 40.21
N VAL D 405 -7.42 27.33 41.39
CA VAL D 405 -6.09 27.93 41.49
C VAL D 405 -5.05 27.02 40.85
N ILE D 406 -5.11 25.73 41.17
CA ILE D 406 -4.21 24.76 40.56
C ILE D 406 -4.35 24.80 39.04
N ASP D 407 -5.58 24.92 38.56
CA ASP D 407 -5.83 24.94 37.12
C ASP D 407 -5.19 26.16 36.47
N HIS D 408 -5.31 27.34 37.10
CA HIS D 408 -4.67 28.52 36.54
C HIS D 408 -3.15 28.35 36.48
N ILE D 409 -2.58 27.88 37.59
CA ILE D 409 -1.14 27.64 37.63
C ILE D 409 -0.72 26.75 36.47
N LEU D 410 -1.38 25.60 36.34
CA LEU D 410 -0.98 24.62 35.33
C LEU D 410 -1.26 25.11 33.93
N LEU D 411 -2.28 25.94 33.74
CA LEU D 411 -2.49 26.58 32.45
C LEU D 411 -1.26 27.38 32.06
N CYS D 412 -0.82 28.27 32.95
CA CYS D 412 0.37 29.05 32.66
C CYS D 412 1.56 28.14 32.37
N VAL D 413 1.75 27.14 33.22
CA VAL D 413 2.91 26.25 33.11
C VAL D 413 2.91 25.53 31.78
N PHE D 414 1.75 25.04 31.34
CA PHE D 414 1.68 24.23 30.14
C PHE D 414 1.77 25.08 28.87
N MET D 415 1.17 26.27 28.88
CA MET D 415 1.40 27.18 27.75
C MET D 415 2.88 27.49 27.62
N LEU D 416 3.55 27.78 28.75
CA LEU D 416 4.98 28.05 28.73
C LEU D 416 5.75 26.84 28.20
N ILE D 417 5.39 25.64 28.64
CA ILE D 417 6.08 24.44 28.18
C ILE D 417 5.92 24.27 26.68
N CYS D 418 4.68 24.40 26.19
CA CYS D 418 4.44 24.30 24.75
C CYS D 418 5.33 25.27 24.00
N ILE D 419 5.40 26.52 24.45
CA ILE D 419 6.18 27.52 23.75
C ILE D 419 7.65 27.13 23.73
N ILE D 420 8.23 26.94 24.92
CA ILE D 420 9.65 26.64 24.99
C ILE D 420 9.97 25.32 24.32
N GLY D 421 9.01 24.42 24.18
CA GLY D 421 9.25 23.16 23.54
C GLY D 421 9.31 23.30 22.03
N THR D 422 8.30 23.97 21.47
CA THR D 422 8.35 24.22 20.03
C THR D 422 9.58 25.04 19.66
N VAL D 423 10.11 25.83 20.59
CA VAL D 423 11.32 26.58 20.28
C VAL D 423 12.57 25.71 20.42
N SER D 424 12.69 24.98 21.54
CA SER D 424 13.88 24.17 21.78
C SER D 424 14.03 23.07 20.74
N VAL D 425 12.99 22.26 20.53
CA VAL D 425 13.10 21.17 19.58
C VAL D 425 13.39 21.70 18.17
N PHE D 426 13.16 22.99 17.94
CA PHE D 426 13.32 23.59 16.62
C PHE D 426 14.12 24.89 16.67
N ALA D 427 15.19 24.92 17.47
CA ALA D 427 16.09 26.06 17.54
C ALA D 427 17.51 25.72 17.11
N GLY D 428 18.07 24.66 17.67
CA GLY D 428 19.45 24.30 17.34
C GLY D 428 19.70 24.29 15.85
N ARG D 429 18.87 23.56 15.10
CA ARG D 429 19.08 23.44 13.66
C ARG D 429 18.65 24.70 12.94
N LEU D 430 17.48 25.24 13.30
CA LEU D 430 16.92 26.37 12.55
C LEU D 430 17.88 27.56 12.51
N ILE D 431 18.53 27.87 13.62
CA ILE D 431 19.52 28.94 13.63
C ILE D 431 20.73 28.56 12.79
N GLU D 432 21.12 27.28 12.83
CA GLU D 432 22.23 26.82 12.00
C GLU D 432 21.94 26.99 10.52
N LEU D 433 20.67 26.94 10.13
CA LEU D 433 20.33 27.13 8.72
C LEU D 433 20.52 28.56 8.26
N GLU E 1 49.80 -2.34 -31.43
CA GLU E 1 49.55 -3.80 -31.65
C GLU E 1 49.58 -4.51 -30.30
N ASN E 2 48.54 -4.31 -29.48
CA ASN E 2 48.43 -4.94 -28.14
C ASN E 2 48.68 -6.45 -28.27
N GLU E 3 49.66 -6.96 -27.52
CA GLU E 3 50.03 -8.41 -27.55
C GLU E 3 48.91 -9.24 -26.94
N GLU E 4 47.99 -8.59 -26.23
CA GLU E 4 46.86 -9.25 -25.60
C GLU E 4 45.86 -9.78 -26.62
N GLY E 5 45.85 -9.23 -27.83
CA GLY E 5 44.97 -9.71 -28.87
C GLY E 5 45.43 -11.00 -29.48
N ARG E 6 46.70 -11.04 -29.89
CA ARG E 6 47.34 -12.29 -30.26
C ARG E 6 46.97 -13.39 -29.27
N LEU E 7 47.16 -13.08 -27.99
CA LEU E 7 46.97 -14.05 -26.93
C LEU E 7 45.52 -14.48 -26.82
N ILE E 8 44.60 -13.52 -26.71
CA ILE E 8 43.20 -13.85 -26.47
C ILE E 8 42.60 -14.57 -27.67
N GLU E 9 42.99 -14.16 -28.88
CA GLU E 9 42.51 -14.84 -30.07
C GLU E 9 43.13 -16.22 -30.23
N LYS E 10 44.29 -16.46 -29.62
CA LYS E 10 44.84 -17.80 -29.61
C LYS E 10 44.11 -18.68 -28.61
N LEU E 11 43.81 -18.14 -27.43
CA LEU E 11 43.13 -18.91 -26.40
C LEU E 11 41.72 -19.25 -26.82
N LEU E 12 40.92 -18.23 -27.13
CA LEU E 12 39.51 -18.43 -27.44
C LEU E 12 39.28 -19.08 -28.78
N GLY E 13 40.30 -19.17 -29.63
CA GLY E 13 40.26 -20.09 -30.76
C GLY E 13 40.48 -21.49 -30.24
N ASP E 14 39.59 -22.40 -30.62
CA ASP E 14 39.59 -23.77 -30.09
C ASP E 14 39.20 -23.76 -28.62
N TYR E 15 38.16 -23.00 -28.30
CA TYR E 15 37.65 -22.91 -26.94
C TYR E 15 36.14 -22.99 -26.97
N ASP E 16 35.58 -23.97 -26.29
CA ASP E 16 34.14 -24.15 -26.16
C ASP E 16 33.75 -23.87 -24.73
N LYS E 17 32.88 -22.88 -24.53
CA LYS E 17 32.45 -22.46 -23.21
C LYS E 17 31.37 -23.35 -22.64
N ARG E 18 30.82 -24.27 -23.42
CA ARG E 18 29.89 -25.25 -22.91
C ARG E 18 30.58 -26.40 -22.19
N ILE E 19 31.89 -26.49 -22.31
CA ILE E 19 32.65 -27.66 -21.91
C ILE E 19 33.35 -27.37 -20.60
N ILE E 20 33.07 -28.21 -19.60
CA ILE E 20 33.80 -28.09 -18.34
C ILE E 20 35.28 -28.34 -18.59
N PRO E 21 36.19 -27.60 -17.97
CA PRO E 21 37.60 -27.71 -18.31
C PRO E 21 38.31 -28.88 -17.68
N ALA E 22 37.56 -29.88 -17.25
CA ALA E 22 38.17 -31.12 -16.77
C ALA E 22 39.24 -31.61 -17.72
N LYS E 23 40.48 -31.65 -17.23
CA LYS E 23 41.57 -32.17 -18.03
C LYS E 23 41.31 -33.61 -18.44
N THR E 24 40.79 -34.40 -17.52
CA THR E 24 40.51 -35.80 -17.76
C THR E 24 39.26 -36.19 -16.97
N LEU E 25 38.83 -37.43 -17.17
CA LEU E 25 37.96 -38.04 -16.19
C LEU E 25 38.67 -38.05 -14.84
N ASP E 26 37.88 -38.20 -13.78
CA ASP E 26 38.36 -38.25 -12.40
C ASP E 26 38.70 -36.87 -11.87
N HIS E 27 38.57 -35.82 -12.69
CA HIS E 27 39.03 -34.49 -12.33
C HIS E 27 37.84 -33.63 -11.92
N ILE E 28 37.85 -33.16 -10.68
CA ILE E 28 36.83 -32.29 -10.15
C ILE E 28 37.37 -30.87 -10.17
N ILE E 29 36.58 -29.94 -10.71
CA ILE E 29 36.96 -28.53 -10.74
C ILE E 29 36.74 -27.95 -9.35
N ASP E 30 37.83 -27.59 -8.69
CA ASP E 30 37.76 -26.98 -7.36
C ASP E 30 37.34 -25.53 -7.53
N VAL E 31 36.08 -25.25 -7.21
CA VAL E 31 35.51 -23.92 -7.38
C VAL E 31 35.48 -23.26 -6.01
N THR E 32 36.23 -22.18 -5.87
CA THR E 32 36.41 -21.49 -4.62
C THR E 32 35.68 -20.15 -4.68
N LEU E 33 34.66 -19.99 -3.86
CA LEU E 33 33.92 -18.75 -3.80
C LEU E 33 34.04 -18.09 -2.43
N LYS E 34 33.86 -16.78 -2.43
CA LYS E 34 33.97 -15.96 -1.25
C LYS E 34 33.03 -14.78 -1.41
N LEU E 35 32.36 -14.43 -0.33
CA LEU E 35 31.32 -13.39 -0.36
C LEU E 35 31.80 -12.14 0.35
N THR E 36 31.37 -11.00 -0.17
CA THR E 36 31.69 -9.70 0.38
C THR E 36 30.41 -8.89 0.41
N LEU E 37 29.87 -8.67 1.59
CA LEU E 37 28.66 -7.89 1.74
C LEU E 37 28.98 -6.42 1.60
N THR E 38 28.27 -5.75 0.69
CA THR E 38 28.44 -4.34 0.42
C THR E 38 27.37 -3.49 1.09
N ASN E 39 26.13 -3.94 1.07
CA ASN E 39 25.02 -3.24 1.67
C ASN E 39 23.95 -4.24 2.04
N LEU E 40 23.35 -4.05 3.20
CA LEU E 40 22.13 -4.75 3.58
C LEU E 40 20.98 -3.78 3.33
N ILE E 41 20.16 -4.09 2.33
CA ILE E 41 19.23 -3.11 1.80
C ILE E 41 17.87 -3.20 2.48
N SER E 42 17.43 -4.38 2.87
CA SER E 42 16.09 -4.53 3.39
C SER E 42 15.90 -5.94 3.90
N LEU E 43 14.97 -6.08 4.84
CA LEU E 43 14.40 -7.38 5.21
C LEU E 43 12.90 -7.16 5.33
N ASN E 44 12.20 -7.33 4.21
CA ASN E 44 10.76 -7.21 4.19
C ASN E 44 10.14 -8.33 5.00
N GLU E 45 9.59 -8.00 6.16
CA GLU E 45 9.01 -9.02 7.03
C GLU E 45 7.76 -9.61 6.40
N LYS E 46 7.04 -8.83 5.60
CA LYS E 46 5.87 -9.34 4.91
C LYS E 46 6.26 -10.37 3.86
N GLU E 47 7.05 -9.96 2.87
CA GLU E 47 7.52 -10.89 1.86
C GLU E 47 8.50 -11.91 2.42
N GLU E 48 9.10 -11.64 3.57
CA GLU E 48 10.08 -12.53 4.19
C GLU E 48 11.29 -12.70 3.28
N ALA E 49 11.79 -11.59 2.76
CA ALA E 49 12.88 -11.59 1.82
C ALA E 49 13.97 -10.62 2.27
N LEU E 50 15.21 -11.09 2.23
CA LEU E 50 16.38 -10.28 2.52
C LEU E 50 17.00 -9.82 1.22
N THR E 51 17.26 -8.52 1.12
CA THR E 51 17.86 -7.92 -0.05
C THR E 51 19.28 -7.51 0.28
N THR E 52 20.23 -7.96 -0.53
CA THR E 52 21.64 -7.71 -0.30
C THR E 52 22.31 -7.29 -1.61
N ASN E 53 23.36 -6.51 -1.47
CA ASN E 53 24.28 -6.22 -2.56
C ASN E 53 25.62 -6.82 -2.17
N VAL E 54 26.02 -7.85 -2.87
CA VAL E 54 27.21 -8.61 -2.53
C VAL E 54 28.15 -8.66 -3.73
N TRP E 55 29.43 -8.69 -3.44
CA TRP E 55 30.46 -9.01 -4.41
C TRP E 55 30.96 -10.39 -4.08
N ILE E 56 30.55 -11.37 -4.88
CA ILE E 56 30.96 -12.75 -4.68
C ILE E 56 32.13 -13.03 -5.60
N GLU E 57 33.19 -13.58 -5.05
CA GLU E 57 34.44 -13.81 -5.76
C GLU E 57 34.56 -15.30 -6.06
N ILE E 58 34.34 -15.66 -7.31
CA ILE E 58 34.48 -17.03 -7.77
C ILE E 58 35.90 -17.21 -8.29
N GLN E 59 36.49 -18.35 -7.97
CA GLN E 59 37.85 -18.68 -8.37
C GLN E 59 37.90 -20.14 -8.81
N TRP E 60 38.55 -20.38 -9.94
CA TRP E 60 38.68 -21.72 -10.48
C TRP E 60 39.82 -21.73 -11.49
N ASN E 61 40.07 -22.90 -12.06
CA ASN E 61 41.17 -23.12 -12.98
C ASN E 61 40.67 -23.73 -14.28
N ASP E 62 41.05 -23.12 -15.39
CA ASP E 62 40.74 -23.62 -16.72
C ASP E 62 42.06 -23.90 -17.43
N TYR E 63 42.40 -25.19 -17.54
CA TYR E 63 43.65 -25.58 -18.17
C TYR E 63 43.77 -25.10 -19.60
N ARG E 64 42.66 -24.71 -20.23
CA ARG E 64 42.67 -24.31 -21.63
C ARG E 64 43.16 -22.89 -21.82
N LEU E 65 43.17 -22.09 -20.76
CA LEU E 65 43.53 -20.67 -20.84
C LEU E 65 44.87 -20.40 -20.19
N SER E 66 45.80 -21.34 -20.36
CA SER E 66 47.15 -21.20 -19.88
C SER E 66 48.08 -20.85 -21.03
N TRP E 67 49.16 -20.15 -20.71
CA TRP E 67 50.11 -19.74 -21.72
C TRP E 67 51.45 -19.45 -21.05
N ASN E 68 52.45 -19.28 -21.88
CA ASN E 68 53.83 -19.04 -21.45
C ASN E 68 54.16 -17.59 -21.74
N THR E 69 54.48 -16.84 -20.68
CA THR E 69 54.61 -15.40 -20.80
C THR E 69 55.69 -14.99 -21.78
N SER E 70 56.74 -15.80 -21.91
CA SER E 70 57.84 -15.45 -22.79
C SER E 70 57.39 -15.31 -24.23
N GLU E 71 56.37 -16.07 -24.63
CA GLU E 71 55.82 -15.99 -25.97
C GLU E 71 54.90 -14.79 -26.15
N TYR E 72 54.56 -14.08 -25.08
CA TYR E 72 53.64 -12.96 -25.12
C TYR E 72 54.16 -11.80 -24.31
N GLU E 73 55.45 -11.51 -24.45
CA GLU E 73 56.07 -10.30 -23.91
C GLU E 73 55.79 -10.11 -22.42
N GLY E 74 55.65 -11.21 -21.69
CA GLY E 74 55.54 -11.15 -20.26
C GLY E 74 54.13 -11.05 -19.72
N ILE E 75 53.13 -11.00 -20.59
CA ILE E 75 51.75 -10.90 -20.15
C ILE E 75 51.41 -12.11 -19.28
N ASP E 76 51.05 -11.85 -18.03
CA ASP E 76 50.65 -12.88 -17.09
C ASP E 76 49.20 -12.76 -16.66
N LEU E 77 48.47 -11.78 -17.18
CA LEU E 77 47.14 -11.48 -16.70
C LEU E 77 46.33 -10.87 -17.83
N VAL E 78 45.19 -11.48 -18.13
CA VAL E 78 44.30 -11.04 -19.19
C VAL E 78 42.89 -10.98 -18.66
N ARG E 79 42.14 -9.98 -19.11
CA ARG E 79 40.72 -9.88 -18.81
C ARG E 79 39.91 -10.35 -20.00
N ILE E 80 39.04 -11.31 -19.76
CA ILE E 80 38.17 -11.84 -20.80
C ILE E 80 36.73 -11.73 -20.31
N PRO E 81 35.81 -11.22 -21.11
CA PRO E 81 34.42 -11.17 -20.68
C PRO E 81 33.88 -12.55 -20.37
N SER E 82 33.05 -12.61 -19.33
CA SER E 82 32.52 -13.88 -18.86
C SER E 82 31.55 -14.52 -19.86
N GLU E 83 30.96 -13.72 -20.74
CA GLU E 83 30.10 -14.25 -21.77
C GLU E 83 30.83 -15.10 -22.78
N LEU E 84 32.16 -15.10 -22.75
CA LEU E 84 32.98 -15.86 -23.67
C LEU E 84 33.58 -17.11 -23.05
N LEU E 85 33.44 -17.30 -21.76
CA LEU E 85 34.14 -18.33 -21.04
C LEU E 85 33.17 -19.32 -20.40
N TRP E 86 33.72 -20.46 -20.01
CA TRP E 86 32.98 -21.38 -19.18
C TRP E 86 32.99 -20.87 -17.75
N LEU E 87 31.82 -20.84 -17.14
CA LEU E 87 31.67 -20.47 -15.75
C LEU E 87 30.92 -21.56 -15.02
N PRO E 88 31.19 -21.76 -13.74
CA PRO E 88 30.34 -22.63 -12.94
C PRO E 88 29.06 -21.89 -12.61
N ASP E 89 27.94 -22.57 -12.79
CA ASP E 89 26.64 -21.92 -12.67
C ASP E 89 26.28 -21.75 -11.19
N VAL E 90 27.14 -21.01 -10.50
CA VAL E 90 26.95 -20.73 -9.09
C VAL E 90 25.82 -19.73 -8.95
N VAL E 91 24.79 -20.12 -8.21
CA VAL E 91 23.56 -19.35 -8.12
C VAL E 91 23.08 -19.31 -6.69
N LEU E 92 22.18 -18.37 -6.43
CA LEU E 92 21.46 -18.31 -5.17
C LEU E 92 20.19 -19.14 -5.30
N GLU E 93 20.11 -20.22 -4.53
CA GLU E 93 18.95 -21.08 -4.59
C GLU E 93 17.81 -20.57 -3.72
N ASN E 94 18.13 -20.01 -2.57
CA ASN E 94 17.10 -19.55 -1.65
C ASN E 94 16.65 -18.14 -2.03
N ASN E 95 16.31 -17.97 -3.29
CA ASN E 95 15.78 -16.72 -3.81
C ASN E 95 14.26 -16.77 -3.88
N VAL E 96 13.64 -15.62 -3.65
CA VAL E 96 12.19 -15.51 -3.74
C VAL E 96 11.76 -15.20 -5.16
N ASP E 97 12.48 -14.29 -5.82
CA ASP E 97 12.27 -14.02 -7.23
C ASP E 97 12.96 -15.13 -8.03
N GLY E 98 13.11 -14.92 -9.32
CA GLY E 98 13.77 -15.92 -10.14
C GLY E 98 15.16 -15.50 -10.57
N GLN E 99 15.79 -14.60 -9.81
CA GLN E 99 17.14 -14.15 -10.12
C GLN E 99 18.11 -15.08 -9.40
N PHE E 100 18.47 -16.16 -10.08
CA PHE E 100 19.49 -17.06 -9.59
C PHE E 100 20.89 -16.52 -9.82
N GLU E 101 21.07 -15.77 -10.90
CA GLU E 101 22.39 -15.38 -11.38
C GLU E 101 22.79 -14.01 -10.83
N VAL E 102 23.98 -13.59 -11.22
CA VAL E 102 24.53 -12.31 -10.79
C VAL E 102 23.95 -11.19 -11.62
N ALA E 103 24.21 -9.95 -11.21
CA ALA E 103 23.66 -8.77 -11.86
C ALA E 103 24.57 -8.23 -12.95
N TYR E 104 25.83 -7.99 -12.62
CA TYR E 104 26.82 -7.54 -13.58
C TYR E 104 27.74 -8.70 -13.92
N TYR E 105 27.75 -9.09 -15.18
CA TYR E 105 28.66 -10.11 -15.65
C TYR E 105 29.98 -9.44 -15.98
N ALA E 106 30.80 -9.30 -14.95
CA ALA E 106 32.09 -8.66 -15.07
C ALA E 106 33.06 -9.55 -15.85
N ASN E 107 34.20 -8.97 -16.19
CA ASN E 107 35.23 -9.72 -16.86
C ASN E 107 35.91 -10.67 -15.88
N VAL E 108 36.55 -11.69 -16.44
CA VAL E 108 37.22 -12.72 -15.68
C VAL E 108 38.71 -12.52 -15.87
N LEU E 109 39.40 -12.20 -14.78
CA LEU E 109 40.85 -12.11 -14.81
C LEU E 109 41.45 -13.49 -14.99
N VAL E 110 42.17 -13.68 -16.09
CA VAL E 110 42.77 -14.94 -16.45
C VAL E 110 44.28 -14.83 -16.30
N TYR E 111 44.86 -15.74 -15.52
CA TYR E 111 46.29 -15.77 -15.29
C TYR E 111 46.94 -16.88 -16.10
N ASN E 112 48.26 -16.76 -16.26
CA ASN E 112 48.99 -17.65 -17.16
C ASN E 112 48.83 -19.11 -16.79
N ASP E 113 48.59 -19.41 -15.52
CA ASP E 113 48.46 -20.79 -15.06
C ASP E 113 47.05 -21.31 -15.21
N GLY E 114 46.14 -20.53 -15.78
CA GLY E 114 44.76 -20.92 -15.90
C GLY E 114 43.89 -20.50 -14.75
N SER E 115 44.44 -19.80 -13.77
CA SER E 115 43.65 -19.30 -12.66
C SER E 115 42.69 -18.23 -13.15
N MET E 116 41.48 -18.28 -12.62
CA MET E 116 40.43 -17.35 -12.99
C MET E 116 39.90 -16.67 -11.75
N TYR E 117 39.83 -15.35 -11.77
CA TYR E 117 39.30 -14.55 -10.69
C TYR E 117 38.13 -13.75 -11.23
N TRP E 118 36.92 -14.15 -10.84
CA TRP E 118 35.71 -13.49 -11.25
C TRP E 118 35.07 -12.85 -10.02
N LEU E 119 34.96 -11.53 -10.04
CA LEU E 119 34.38 -10.76 -8.95
C LEU E 119 33.12 -10.07 -9.44
N PRO E 120 32.06 -10.82 -9.67
CA PRO E 120 30.83 -10.22 -10.14
C PRO E 120 30.00 -9.71 -8.98
N PRO E 121 29.49 -8.49 -9.06
CA PRO E 121 28.56 -8.00 -8.06
C PRO E 121 27.16 -8.48 -8.32
N ALA E 122 26.40 -8.64 -7.24
CA ALA E 122 25.07 -9.19 -7.35
C ALA E 122 24.13 -8.48 -6.40
N ILE E 123 22.85 -8.55 -6.75
CA ILE E 123 21.76 -8.00 -5.96
C ILE E 123 20.76 -9.13 -5.79
N TYR E 124 20.67 -9.65 -4.59
CA TYR E 124 19.97 -10.89 -4.33
C TYR E 124 18.82 -10.65 -3.36
N ARG E 125 17.65 -11.14 -3.71
CA ARG E 125 16.46 -11.09 -2.87
C ARG E 125 16.28 -12.49 -2.30
N SER E 126 16.93 -12.75 -1.18
CA SER E 126 16.92 -14.07 -0.58
C SER E 126 15.62 -14.29 0.16
N THR E 127 15.41 -15.52 0.62
CA THR E 127 14.29 -15.84 1.48
C THR E 127 14.81 -16.24 2.85
N CYS E 128 14.35 -15.53 3.88
CA CYS E 128 14.62 -15.95 5.24
C CYS E 128 13.34 -15.77 6.06
N PRO E 129 12.79 -16.86 6.59
CA PRO E 129 11.59 -16.74 7.40
C PRO E 129 11.84 -15.95 8.68
N ILE E 130 10.82 -15.25 9.09
CA ILE E 130 10.91 -14.36 10.23
C ILE E 130 10.52 -15.10 11.49
N ALA E 131 11.05 -14.65 12.61
CA ALA E 131 10.75 -15.17 13.93
C ALA E 131 10.06 -14.04 14.69
N VAL E 132 8.73 -14.02 14.60
CA VAL E 132 7.94 -12.90 15.10
C VAL E 132 7.86 -12.87 16.61
N THR E 133 8.09 -14.01 17.26
CA THR E 133 7.83 -14.15 18.69
C THR E 133 8.17 -12.90 19.48
N TYR E 134 9.37 -12.36 19.32
CA TYR E 134 9.82 -11.21 20.08
C TYR E 134 9.85 -9.93 19.24
N PHE E 135 9.17 -9.93 18.11
CA PHE E 135 9.06 -8.73 17.30
C PHE E 135 8.45 -7.61 18.14
N PRO E 136 8.99 -6.38 18.06
CA PRO E 136 10.10 -5.89 17.25
C PRO E 136 11.47 -5.99 17.90
N PHE E 137 11.56 -6.70 19.03
CA PHE E 137 12.85 -6.94 19.67
C PHE E 137 13.45 -8.27 19.21
N ASP E 138 13.50 -8.45 17.91
CA ASP E 138 13.82 -9.73 17.30
C ASP E 138 15.17 -9.69 16.62
N TRP E 139 15.78 -10.86 16.50
CA TRP E 139 16.98 -11.06 15.72
C TRP E 139 16.70 -12.17 14.74
N GLN E 140 17.09 -11.97 13.49
CA GLN E 140 16.79 -12.89 12.42
C GLN E 140 18.06 -13.59 11.95
N ASN E 141 17.90 -14.84 11.54
CA ASN E 141 18.98 -15.69 11.07
C ASN E 141 18.70 -15.96 9.59
N CYS E 142 19.22 -15.09 8.74
CA CYS E 142 18.94 -15.12 7.32
C CYS E 142 20.13 -15.70 6.57
N SER E 143 19.86 -16.63 5.65
CA SER E 143 20.89 -17.40 4.99
C SER E 143 20.93 -17.11 3.50
N LEU E 144 22.13 -17.16 2.94
CA LEU E 144 22.35 -17.12 1.50
C LEU E 144 22.97 -18.44 1.08
N VAL E 145 22.24 -19.21 0.29
CA VAL E 145 22.63 -20.56 -0.09
C VAL E 145 23.11 -20.53 -1.52
N PHE E 146 24.39 -20.82 -1.72
CA PHE E 146 25.01 -20.83 -3.03
C PHE E 146 25.36 -22.25 -3.43
N ARG E 147 24.87 -22.66 -4.59
CA ARG E 147 25.23 -23.92 -5.17
C ARG E 147 25.18 -23.79 -6.69
N SER E 148 25.76 -24.77 -7.37
CA SER E 148 25.68 -24.85 -8.80
C SER E 148 24.41 -25.58 -9.20
N GLN E 149 23.59 -24.95 -10.05
CA GLN E 149 22.36 -25.56 -10.50
C GLN E 149 22.57 -26.39 -11.75
N THR E 150 23.81 -26.49 -12.21
CA THR E 150 24.16 -27.27 -13.38
C THR E 150 25.04 -28.46 -13.05
N TYR E 151 26.14 -28.23 -12.33
CA TYR E 151 27.16 -29.25 -12.14
C TYR E 151 27.07 -29.85 -10.74
N ASN E 152 27.48 -31.10 -10.65
CA ASN E 152 27.40 -31.88 -9.43
C ASN E 152 28.75 -31.95 -8.74
N ALA E 153 28.84 -32.77 -7.71
CA ALA E 153 30.05 -32.86 -6.91
C ALA E 153 31.12 -33.72 -7.57
N HIS E 154 30.71 -34.66 -8.43
CA HIS E 154 31.66 -35.39 -9.25
C HIS E 154 32.26 -34.53 -10.35
N GLU E 155 31.76 -33.31 -10.53
CA GLU E 155 32.21 -32.39 -11.55
C GLU E 155 32.91 -31.18 -10.96
N VAL E 156 32.28 -30.50 -10.02
CA VAL E 156 32.86 -29.37 -9.34
C VAL E 156 32.82 -29.62 -7.84
N ASN E 157 33.83 -29.12 -7.14
CA ASN E 157 33.89 -29.18 -5.69
C ASN E 157 33.83 -27.76 -5.17
N LEU E 158 32.64 -27.33 -4.73
CA LEU E 158 32.49 -26.04 -4.12
C LEU E 158 33.23 -26.01 -2.79
N GLN E 159 33.99 -24.96 -2.56
CA GLN E 159 34.72 -24.80 -1.32
C GLN E 159 34.86 -23.32 -1.04
N LEU E 160 35.31 -23.01 0.16
CA LEU E 160 35.53 -21.63 0.56
C LEU E 160 36.98 -21.22 0.30
N SER E 161 37.19 -19.92 0.28
CA SER E 161 38.52 -19.38 0.00
C SER E 161 39.48 -19.68 1.13
N ALA E 162 40.74 -19.87 0.78
CA ALA E 162 41.83 -20.06 1.72
C ALA E 162 42.78 -18.87 1.56
N GLU E 163 42.67 -17.90 2.45
CA GLU E 163 43.59 -16.78 2.50
C GLU E 163 44.60 -17.01 3.61
N GLU E 164 45.88 -16.98 3.25
CA GLU E 164 46.96 -17.28 4.20
C GLU E 164 46.80 -18.68 4.78
N GLY E 165 46.34 -19.63 3.96
CA GLY E 165 46.18 -20.99 4.41
C GLY E 165 45.06 -21.22 5.38
N GLU E 166 44.37 -20.18 5.84
CA GLU E 166 43.20 -20.33 6.69
C GLU E 166 41.94 -20.10 5.86
N ALA E 167 40.92 -20.90 6.14
CA ALA E 167 39.67 -20.80 5.40
C ALA E 167 38.91 -19.55 5.80
N VAL E 168 38.30 -18.91 4.81
CA VAL E 168 37.50 -17.71 5.04
C VAL E 168 36.08 -18.19 5.28
N GLU E 169 35.82 -18.55 6.52
CA GLU E 169 34.50 -19.04 6.93
C GLU E 169 33.63 -17.92 7.46
N TRP E 170 33.55 -16.82 6.72
CA TRP E 170 32.73 -15.69 7.11
C TRP E 170 32.50 -14.79 5.91
N ILE E 171 31.40 -14.04 5.98
CA ILE E 171 31.17 -12.96 5.04
C ILE E 171 32.13 -11.82 5.33
N HIS E 172 32.80 -11.34 4.29
CA HIS E 172 33.71 -10.22 4.45
C HIS E 172 32.96 -8.91 4.40
N ILE E 173 33.31 -8.00 5.31
CA ILE E 173 32.65 -6.72 5.44
C ILE E 173 33.70 -5.65 5.70
N ASP E 174 33.82 -4.71 4.78
CA ASP E 174 34.74 -3.60 4.94
C ASP E 174 34.35 -2.79 6.17
N PRO E 175 35.15 -2.79 7.23
CA PRO E 175 34.75 -2.06 8.44
C PRO E 175 34.71 -0.55 8.26
N GLU E 176 35.39 -0.02 7.24
CA GLU E 176 35.43 1.42 7.01
C GLU E 176 34.37 1.86 6.01
N ASP E 177 34.29 1.19 4.87
CA ASP E 177 33.36 1.56 3.80
C ASP E 177 32.12 0.68 3.80
N PHE E 178 31.63 0.30 4.98
CA PHE E 178 30.36 -0.39 5.12
C PHE E 178 29.41 0.49 5.92
N THR E 179 28.26 0.79 5.33
CA THR E 179 27.22 1.58 5.97
C THR E 179 26.23 0.63 6.61
N GLU E 180 26.07 0.73 7.93
CA GLU E 180 25.05 -0.04 8.61
C GLU E 180 23.66 0.37 8.12
N ASN E 181 22.75 -0.59 8.10
CA ASN E 181 21.51 -0.44 7.35
C ASN E 181 20.68 0.72 7.87
N GLY E 182 20.26 0.65 9.13
CA GLY E 182 19.34 1.63 9.66
C GLY E 182 18.31 1.01 10.58
N GLU E 183 17.94 -0.23 10.28
CA GLU E 183 17.01 -1.00 11.10
C GLU E 183 17.58 -2.32 11.56
N TRP E 184 18.64 -2.81 10.93
CA TRP E 184 19.18 -4.13 11.19
C TRP E 184 20.68 -4.01 11.42
N THR E 185 21.15 -4.62 12.50
CA THR E 185 22.56 -4.65 12.87
C THR E 185 23.09 -6.05 12.74
N ILE E 186 24.26 -6.18 12.13
CA ILE E 186 24.86 -7.49 11.86
C ILE E 186 25.74 -7.86 13.04
N ARG E 187 25.46 -9.01 13.64
CA ARG E 187 26.22 -9.52 14.77
C ARG E 187 27.14 -10.66 14.35
N HIS E 188 26.61 -11.67 13.68
CA HIS E 188 27.38 -12.79 13.18
C HIS E 188 27.25 -12.86 11.67
N ARG E 189 28.25 -13.48 11.05
CA ARG E 189 28.29 -13.59 9.60
C ARG E 189 29.12 -14.81 9.20
N PRO E 190 28.73 -16.01 9.62
CA PRO E 190 29.53 -17.19 9.31
C PRO E 190 29.24 -17.73 7.91
N ALA E 191 30.05 -18.71 7.54
CA ALA E 191 29.92 -19.38 6.26
C ALA E 191 30.47 -20.79 6.39
N LYS E 192 29.67 -21.77 5.99
CA LYS E 192 30.09 -23.16 6.08
C LYS E 192 29.65 -23.91 4.83
N LYS E 193 30.43 -24.93 4.50
CA LYS E 193 30.04 -25.88 3.48
C LYS E 193 29.11 -26.91 4.07
N ASN E 194 27.94 -27.07 3.45
CA ASN E 194 26.93 -27.99 3.91
C ASN E 194 26.65 -29.02 2.82
N TYR E 195 26.21 -30.20 3.24
CA TYR E 195 25.84 -31.26 2.34
C TYR E 195 24.46 -31.78 2.71
N ASN E 196 23.62 -31.98 1.71
CA ASN E 196 22.34 -32.65 1.89
C ASN E 196 22.58 -34.14 1.72
N TRP E 197 22.52 -34.87 2.82
CA TRP E 197 22.82 -36.29 2.81
C TRP E 197 21.65 -37.14 2.33
N GLN E 198 20.47 -36.55 2.18
CA GLN E 198 19.37 -37.24 1.54
C GLN E 198 19.63 -37.47 0.06
N LEU E 199 20.69 -36.88 -0.48
CA LEU E 199 21.07 -37.01 -1.87
C LEU E 199 22.47 -37.61 -1.95
N THR E 200 22.92 -37.84 -3.17
CA THR E 200 24.17 -38.49 -3.45
C THR E 200 25.20 -37.48 -3.93
N LYS E 201 26.44 -37.96 -4.09
CA LYS E 201 27.49 -37.14 -4.66
C LYS E 201 27.09 -36.56 -6.02
N ASP E 202 26.04 -37.11 -6.62
CA ASP E 202 25.41 -36.53 -7.80
C ASP E 202 24.25 -35.63 -7.34
N ASP E 203 23.37 -35.28 -8.26
CA ASP E 203 22.08 -34.62 -8.04
C ASP E 203 22.19 -33.11 -7.88
N THR E 204 23.39 -32.54 -7.87
CA THR E 204 23.55 -31.12 -8.12
C THR E 204 23.09 -30.25 -6.96
N ASP E 205 22.46 -30.86 -5.97
CA ASP E 205 22.04 -30.17 -4.77
C ASP E 205 22.69 -30.78 -3.53
N PHE E 206 23.64 -31.69 -3.73
CA PHE E 206 24.34 -32.31 -2.63
C PHE E 206 25.10 -31.27 -1.82
N GLN E 207 25.98 -30.52 -2.48
CA GLN E 207 26.82 -29.54 -1.81
C GLN E 207 26.29 -28.14 -2.03
N GLU E 208 26.57 -27.28 -1.06
CA GLU E 208 26.13 -25.90 -1.10
C GLU E 208 26.96 -25.12 -0.09
N ILE E 209 27.40 -23.95 -0.50
CA ILE E 209 28.03 -23.00 0.40
C ILE E 209 26.96 -22.07 0.94
N ILE E 210 26.84 -22.00 2.26
CA ILE E 210 25.88 -21.13 2.91
C ILE E 210 26.63 -20.02 3.63
N PHE E 211 26.16 -18.80 3.43
CA PHE E 211 26.58 -17.64 4.19
C PHE E 211 25.42 -17.18 5.03
N PHE E 212 25.65 -16.99 6.32
CA PHE E 212 24.61 -16.60 7.25
C PHE E 212 24.76 -15.13 7.64
N LEU E 213 23.62 -14.51 7.93
CA LEU E 213 23.57 -13.15 8.45
C LEU E 213 22.61 -13.16 9.63
N ILE E 214 23.16 -13.23 10.83
CA ILE E 214 22.37 -13.10 12.06
C ILE E 214 22.33 -11.62 12.40
N ILE E 215 21.14 -11.04 12.33
CA ILE E 215 20.95 -9.60 12.40
C ILE E 215 19.99 -9.27 13.52
N GLN E 216 20.37 -8.32 14.37
CA GLN E 216 19.55 -7.84 15.46
C GLN E 216 18.88 -6.55 15.03
N ARG E 217 17.58 -6.47 15.26
CA ARG E 217 16.81 -5.30 14.87
C ARG E 217 17.06 -4.13 15.82
N LYS E 218 16.97 -2.93 15.26
CA LYS E 218 16.99 -1.70 16.02
C LYS E 218 15.57 -1.28 16.30
N PRO E 219 15.01 -1.57 17.47
CA PRO E 219 13.59 -1.34 17.70
C PRO E 219 13.31 0.06 18.26
N LEU E 220 13.66 1.08 17.49
CA LEU E 220 13.56 2.46 17.94
C LEU E 220 12.39 3.18 17.30
N PHE E 221 12.23 3.09 15.98
CA PHE E 221 11.03 3.61 15.35
C PHE E 221 9.79 3.09 16.07
N TYR E 222 9.77 1.79 16.36
CA TYR E 222 8.63 1.19 17.04
C TYR E 222 8.50 1.72 18.46
N ILE E 223 9.61 1.88 19.16
CA ILE E 223 9.58 2.36 20.54
C ILE E 223 8.97 3.76 20.60
N ILE E 224 9.51 4.68 19.83
CA ILE E 224 9.12 6.08 19.94
C ILE E 224 8.00 6.42 18.96
N ASN E 225 7.39 5.40 18.38
CA ASN E 225 6.21 5.60 17.54
C ASN E 225 5.06 4.65 17.85
N ILE E 226 5.31 3.50 18.46
CA ILE E 226 4.26 2.53 18.72
C ILE E 226 4.26 2.13 20.20
N ILE E 227 5.41 1.72 20.70
CA ILE E 227 5.47 1.13 22.03
C ILE E 227 5.17 2.18 23.09
N ALA E 228 6.00 3.22 23.17
CA ALA E 228 5.84 4.22 24.22
C ALA E 228 4.49 4.91 24.15
N PRO E 229 3.98 5.30 22.98
CA PRO E 229 2.63 5.89 22.94
C PRO E 229 1.56 4.96 23.48
N CYS E 230 1.50 3.72 23.00
CA CYS E 230 0.50 2.79 23.49
C CYS E 230 0.63 2.56 24.99
N VAL E 231 1.86 2.54 25.51
CA VAL E 231 2.05 2.31 26.92
C VAL E 231 1.53 3.48 27.73
N LEU E 232 1.94 4.69 27.37
CA LEU E 232 1.46 5.87 28.05
C LEU E 232 -0.04 6.01 27.97
N ILE E 233 -0.63 5.62 26.84
CA ILE E 233 -2.06 5.77 26.63
C ILE E 233 -2.84 4.74 27.41
N SER E 234 -2.32 3.52 27.49
CA SER E 234 -3.00 2.46 28.25
C SER E 234 -2.76 2.59 29.74
N SER E 235 -1.75 3.35 30.15
CA SER E 235 -1.57 3.65 31.57
C SER E 235 -2.59 4.63 32.10
N LEU E 236 -3.46 5.16 31.24
CA LEU E 236 -4.44 6.14 31.67
C LEU E 236 -5.68 5.49 32.26
N VAL E 237 -5.91 4.22 31.98
CA VAL E 237 -7.10 3.54 32.46
C VAL E 237 -7.08 3.32 33.96
N VAL E 238 -5.94 3.56 34.61
CA VAL E 238 -5.89 3.52 36.08
C VAL E 238 -6.20 4.87 36.69
N LEU E 239 -6.37 5.91 35.88
CA LEU E 239 -6.82 7.21 36.35
C LEU E 239 -8.32 7.29 36.50
N VAL E 240 -9.07 6.33 35.95
CA VAL E 240 -10.51 6.29 36.14
C VAL E 240 -10.88 5.99 37.57
N TYR E 241 -9.91 5.54 38.36
CA TYR E 241 -10.15 5.17 39.74
C TYR E 241 -10.12 6.36 40.68
N PHE E 242 -9.68 7.51 40.21
CA PHE E 242 -9.67 8.74 41.00
C PHE E 242 -10.71 9.73 40.49
N LEU E 243 -11.54 9.34 39.56
CA LEU E 243 -12.63 10.15 39.09
C LEU E 243 -13.90 9.82 39.85
N PRO E 244 -14.83 10.77 39.96
CA PRO E 244 -16.05 10.51 40.74
C PRO E 244 -17.03 9.63 39.98
N ALA E 245 -17.68 8.74 40.74
CA ALA E 245 -18.67 7.83 40.18
C ALA E 245 -20.02 8.53 40.12
N GLN E 246 -20.10 9.52 39.24
CA GLN E 246 -21.31 10.29 39.07
C GLN E 246 -21.23 11.06 37.76
N ALA E 247 -22.38 11.51 37.30
CA ALA E 247 -22.47 12.35 36.11
C ALA E 247 -21.44 13.46 36.16
N GLY E 248 -20.55 13.48 35.16
CA GLY E 248 -19.49 14.44 35.09
C GLY E 248 -18.12 13.88 35.42
N GLY E 249 -18.06 12.76 36.15
CA GLY E 249 -16.77 12.16 36.45
C GLY E 249 -16.07 11.65 35.20
N GLN E 250 -16.84 11.08 34.28
CA GLN E 250 -16.31 10.64 32.98
C GLN E 250 -15.33 9.48 33.11
N LYS E 251 -15.71 8.48 33.91
CA LYS E 251 -14.91 7.27 33.99
C LYS E 251 -14.95 6.51 32.67
N CYS E 252 -16.15 6.10 32.26
CA CYS E 252 -16.30 5.31 31.05
C CYS E 252 -15.82 6.07 29.83
N THR E 253 -16.01 7.38 29.80
CA THR E 253 -15.44 8.19 28.73
C THR E 253 -13.96 7.89 28.56
N LEU E 254 -13.18 8.11 29.62
CA LEU E 254 -11.75 7.90 29.56
C LEU E 254 -11.40 6.46 29.18
N SER E 255 -12.02 5.49 29.87
CA SER E 255 -11.70 4.10 29.62
C SER E 255 -11.95 3.70 28.17
N ILE E 256 -13.16 3.96 27.68
CA ILE E 256 -13.53 3.53 26.34
C ILE E 256 -12.77 4.32 25.29
N SER E 257 -12.37 5.55 25.59
CA SER E 257 -11.56 6.30 24.64
C SER E 257 -10.15 5.74 24.57
N VAL E 258 -9.62 5.27 25.70
CA VAL E 258 -8.33 4.59 25.65
C VAL E 258 -8.44 3.28 24.87
N LEU E 259 -9.57 2.59 25.00
CA LEU E 259 -9.81 1.41 24.16
C LEU E 259 -9.81 1.78 22.68
N LEU E 260 -10.47 2.89 22.34
CA LEU E 260 -10.47 3.36 20.96
C LEU E 260 -9.06 3.64 20.46
N ALA E 261 -8.25 4.31 21.29
CA ALA E 261 -6.86 4.57 20.91
C ALA E 261 -6.09 3.27 20.72
N GLN E 262 -6.34 2.28 21.58
CA GLN E 262 -5.69 0.99 21.43
C GLN E 262 -6.10 0.31 20.13
N THR E 263 -7.36 0.50 19.73
CA THR E 263 -7.81 -0.05 18.45
C THR E 263 -7.09 0.62 17.29
N ILE E 264 -6.91 1.94 17.36
CA ILE E 264 -6.17 2.62 16.31
C ILE E 264 -4.73 2.13 16.26
N PHE E 265 -4.13 1.92 17.43
CA PHE E 265 -2.77 1.39 17.47
C PHE E 265 -2.69 -0.01 16.91
N LEU E 266 -3.75 -0.81 17.12
CA LEU E 266 -3.79 -2.14 16.52
C LEU E 266 -3.81 -2.03 15.01
N PHE E 267 -4.60 -1.10 14.47
CA PHE E 267 -4.62 -0.91 13.03
C PHE E 267 -3.26 -0.46 12.52
N LEU E 268 -2.57 0.36 13.29
CA LEU E 268 -1.24 0.83 12.88
C LEU E 268 -0.23 -0.31 12.91
N ILE E 269 -0.28 -1.17 13.93
CA ILE E 269 0.64 -2.29 14.02
C ILE E 269 0.38 -3.29 12.90
N ALA E 270 -0.89 -3.60 12.63
CA ALA E 270 -1.23 -4.53 11.57
C ALA E 270 -0.64 -4.13 10.23
N GLN E 271 -0.25 -2.86 10.07
CA GLN E 271 0.42 -2.41 8.86
C GLN E 271 1.93 -2.67 8.90
N LYS E 272 2.43 -3.27 9.97
CA LYS E 272 3.87 -3.41 10.20
C LYS E 272 4.32 -4.82 10.51
N VAL E 273 3.43 -5.70 10.93
CA VAL E 273 3.83 -7.05 11.36
C VAL E 273 3.69 -8.00 10.19
N PRO E 274 4.48 -9.07 10.14
CA PRO E 274 4.33 -10.05 9.07
C PRO E 274 3.06 -10.87 9.25
N GLU E 275 2.63 -11.50 8.15
CA GLU E 275 1.35 -12.20 8.12
C GLU E 275 1.48 -13.68 8.43
N THR E 276 2.47 -14.06 9.22
CA THR E 276 2.66 -15.45 9.57
C THR E 276 1.85 -15.82 10.80
N SER E 277 1.56 -17.11 10.92
CA SER E 277 0.63 -17.61 11.92
C SER E 277 1.26 -18.73 12.74
N LEU E 278 2.57 -18.68 12.92
CA LEU E 278 3.27 -19.69 13.73
C LEU E 278 3.43 -19.23 15.17
N ASN E 279 3.74 -17.95 15.37
CA ASN E 279 3.82 -17.37 16.70
C ASN E 279 3.15 -16.01 16.68
N VAL E 280 2.72 -15.59 17.86
CA VAL E 280 2.17 -14.25 18.05
C VAL E 280 3.31 -13.32 18.40
N PRO E 281 3.49 -12.21 17.69
CA PRO E 281 4.55 -11.28 18.06
C PRO E 281 4.31 -10.67 19.42
N LEU E 282 5.25 -9.86 19.88
CA LEU E 282 5.21 -9.33 21.21
C LEU E 282 4.38 -8.05 21.30
N ILE E 283 4.43 -7.22 20.27
CA ILE E 283 3.69 -5.97 20.30
C ILE E 283 2.19 -6.23 20.13
N GLY E 284 1.84 -7.19 19.29
CA GLY E 284 0.43 -7.57 19.18
C GLY E 284 -0.07 -8.24 20.44
N LYS E 285 0.77 -9.07 21.05
CA LYS E 285 0.45 -9.67 22.34
C LYS E 285 0.19 -8.60 23.39
N TYR E 286 1.04 -7.58 23.43
CA TYR E 286 0.85 -6.50 24.40
C TYR E 286 -0.39 -5.67 24.10
N LEU E 287 -0.68 -5.45 22.82
CA LEU E 287 -1.92 -4.75 22.46
C LEU E 287 -3.14 -5.53 22.94
N ILE E 288 -3.14 -6.84 22.73
CA ILE E 288 -4.25 -7.66 23.23
C ILE E 288 -4.33 -7.57 24.75
N PHE E 289 -3.18 -7.60 25.42
CA PHE E 289 -3.17 -7.52 26.87
C PHE E 289 -3.78 -6.20 27.36
N VAL E 290 -3.36 -5.08 26.78
CA VAL E 290 -3.86 -3.80 27.24
C VAL E 290 -5.32 -3.61 26.84
N MET E 291 -5.76 -4.22 25.75
CA MET E 291 -7.17 -4.14 25.40
C MET E 291 -8.02 -4.95 26.36
N PHE E 292 -7.54 -6.12 26.76
CA PHE E 292 -8.23 -6.90 27.78
C PHE E 292 -8.26 -6.15 29.11
N VAL E 293 -7.16 -5.46 29.44
CA VAL E 293 -7.12 -4.70 30.68
C VAL E 293 -8.09 -3.54 30.64
N SER E 294 -8.16 -2.84 29.51
CA SER E 294 -9.12 -1.75 29.38
C SER E 294 -10.55 -2.26 29.38
N MET E 295 -10.80 -3.44 28.83
CA MET E 295 -12.13 -4.04 28.90
C MET E 295 -12.51 -4.32 30.36
N LEU E 296 -11.58 -4.92 31.11
CA LEU E 296 -11.86 -5.22 32.51
C LEU E 296 -12.07 -3.95 33.31
N ILE E 297 -11.33 -2.89 32.98
CA ILE E 297 -11.47 -1.65 33.72
C ILE E 297 -12.73 -0.90 33.32
N VAL E 298 -13.17 -1.04 32.08
CA VAL E 298 -14.50 -0.57 31.71
C VAL E 298 -15.56 -1.30 32.53
N MET E 299 -15.42 -2.61 32.64
CA MET E 299 -16.34 -3.39 33.46
C MET E 299 -16.34 -2.89 34.91
N ASN E 300 -15.16 -2.66 35.46
CA ASN E 300 -15.07 -2.19 36.84
C ASN E 300 -15.66 -0.81 37.01
N CYS E 301 -15.39 0.10 36.08
CA CYS E 301 -15.98 1.43 36.14
C CYS E 301 -17.50 1.35 36.07
N VAL E 302 -18.02 0.48 35.21
CA VAL E 302 -19.47 0.32 35.10
C VAL E 302 -20.04 -0.21 36.40
N ILE E 303 -19.35 -1.16 37.04
CA ILE E 303 -19.84 -1.71 38.30
C ILE E 303 -19.80 -0.66 39.40
N VAL E 304 -18.72 0.12 39.45
CA VAL E 304 -18.59 1.16 40.47
C VAL E 304 -19.64 2.24 40.26
N LEU E 305 -19.95 2.56 39.02
CA LEU E 305 -21.01 3.53 38.74
C LEU E 305 -22.37 2.98 39.11
N ASN E 306 -22.58 1.68 38.91
CA ASN E 306 -23.83 1.05 39.32
C ASN E 306 -23.99 1.11 40.83
N VAL E 307 -22.92 0.76 41.56
CA VAL E 307 -23.01 0.68 43.01
C VAL E 307 -23.09 2.07 43.64
N SER E 308 -22.30 3.02 43.12
CA SER E 308 -22.28 4.35 43.70
C SER E 308 -23.56 5.12 43.42
N LEU E 309 -24.33 4.70 42.42
CA LEU E 309 -25.56 5.38 42.04
C LEU E 309 -26.80 4.64 42.50
N ARG E 310 -26.65 3.66 43.39
CA ARG E 310 -27.78 2.89 43.87
C ARG E 310 -28.63 3.72 44.83
N THR E 311 -29.93 3.46 44.80
CA THR E 311 -30.92 4.15 45.61
C THR E 311 -31.84 3.14 46.25
N PRO E 312 -32.58 3.54 47.29
CA PRO E 312 -33.55 2.62 47.90
C PRO E 312 -34.65 2.19 46.96
N ASN E 313 -34.94 2.99 45.92
CA ASN E 313 -35.98 2.63 44.98
C ASN E 313 -35.58 1.43 44.13
N THR E 314 -34.30 1.27 43.85
CA THR E 314 -33.80 0.19 43.02
C THR E 314 -33.25 -0.97 43.84
N HIS E 315 -32.39 -0.69 44.81
CA HIS E 315 -31.67 -1.72 45.53
C HIS E 315 -31.71 -1.45 47.02
N SER E 316 -31.69 -2.54 47.79
CA SER E 316 -31.66 -2.48 49.24
C SER E 316 -30.23 -2.70 49.73
N LEU E 317 -29.75 -1.80 50.56
CA LEU E 317 -28.44 -1.95 51.19
C LEU E 317 -28.57 -2.77 52.46
N SER E 318 -27.77 -3.81 52.57
CA SER E 318 -27.85 -4.73 53.70
C SER E 318 -26.75 -4.45 54.70
N GLU E 319 -26.97 -4.90 55.94
CA GLU E 319 -25.94 -4.74 56.97
C GLU E 319 -24.67 -5.48 56.57
N LYS E 320 -24.81 -6.65 55.96
CA LYS E 320 -23.64 -7.48 55.65
C LYS E 320 -22.77 -6.84 54.58
N ILE E 321 -23.37 -6.15 53.62
CA ILE E 321 -22.57 -5.50 52.58
C ILE E 321 -21.75 -4.37 53.18
N LYS E 322 -22.40 -3.52 53.98
CA LYS E 322 -21.68 -2.43 54.64
C LYS E 322 -20.58 -2.98 55.54
N HIS E 323 -20.85 -4.10 56.22
CA HIS E 323 -19.83 -4.66 57.10
C HIS E 323 -18.71 -5.31 56.31
N LEU E 324 -18.98 -5.71 55.07
CA LEU E 324 -17.96 -6.33 54.23
C LEU E 324 -17.11 -5.29 53.52
N PHE E 325 -17.63 -4.07 53.35
CA PHE E 325 -16.88 -3.01 52.68
C PHE E 325 -16.52 -1.85 53.60
N LEU E 326 -17.50 -1.26 54.29
CA LEU E 326 -17.21 -0.10 55.13
C LEU E 326 -16.53 -0.47 56.44
N GLY E 327 -16.42 -1.76 56.77
CA GLY E 327 -15.84 -2.16 58.03
C GLY E 327 -14.70 -3.14 57.93
N PHE E 328 -14.62 -3.90 56.84
CA PHE E 328 -13.69 -5.02 56.72
C PHE E 328 -12.58 -4.75 55.73
N LEU E 329 -12.91 -4.43 54.48
CA LEU E 329 -11.89 -4.31 53.44
C LEU E 329 -10.79 -3.33 53.81
N PRO E 330 -11.08 -2.13 54.36
CA PRO E 330 -9.99 -1.23 54.75
C PRO E 330 -9.33 -1.62 56.07
N ALA E 410 -58.07 25.88 66.93
CA ALA E 410 -58.76 26.53 65.82
C ALA E 410 -58.29 25.97 64.47
N PRO E 411 -59.16 26.01 63.46
CA PRO E 411 -58.83 25.35 62.20
C PRO E 411 -57.65 25.96 61.48
N GLU E 412 -57.48 27.28 61.55
CA GLU E 412 -56.36 27.91 60.85
C GLU E 412 -55.04 27.46 61.44
N ILE E 413 -54.91 27.52 62.77
CA ILE E 413 -53.68 27.07 63.40
C ILE E 413 -53.49 25.57 63.19
N LYS E 414 -54.59 24.81 63.10
CA LYS E 414 -54.46 23.38 62.84
C LYS E 414 -53.86 23.14 61.45
N SER E 415 -54.36 23.87 60.46
CA SER E 415 -53.79 23.77 59.12
C SER E 415 -52.31 24.15 59.14
N CYS E 416 -51.98 25.25 59.81
CA CYS E 416 -50.58 25.66 59.92
C CYS E 416 -49.71 24.55 60.47
N VAL E 417 -50.13 23.97 61.61
CA VAL E 417 -49.31 22.95 62.26
C VAL E 417 -49.20 21.70 61.39
N GLU E 418 -50.32 21.28 60.79
CA GLU E 418 -50.29 20.13 59.91
C GLU E 418 -49.29 20.33 58.78
N ALA E 419 -49.38 21.48 58.11
CA ALA E 419 -48.47 21.77 57.01
C ALA E 419 -47.02 21.78 57.47
N CYS E 420 -46.76 22.39 58.63
CA CYS E 420 -45.38 22.49 59.12
C CYS E 420 -44.80 21.11 59.40
N ASN E 421 -45.55 20.26 60.11
CA ASN E 421 -45.01 18.94 60.46
C ASN E 421 -44.90 18.06 59.22
N PHE E 422 -45.81 18.20 58.26
CA PHE E 422 -45.66 17.47 57.00
C PHE E 422 -44.40 17.90 56.27
N ILE E 423 -44.13 19.21 56.24
CA ILE E 423 -42.92 19.71 55.61
C ILE E 423 -41.69 19.10 56.27
N ALA E 424 -41.66 19.13 57.60
CA ALA E 424 -40.51 18.59 58.33
C ALA E 424 -40.33 17.10 58.04
N LYS E 425 -41.44 16.35 58.00
CA LYS E 425 -41.36 14.93 57.73
C LYS E 425 -40.80 14.66 56.33
N SER E 426 -41.31 15.38 55.33
CA SER E 426 -40.80 15.23 53.97
C SER E 426 -39.31 15.54 53.91
N THR E 427 -38.89 16.64 54.54
CA THR E 427 -37.48 16.99 54.55
C THR E 427 -36.64 15.87 55.16
N LYS E 428 -37.08 15.35 56.30
CA LYS E 428 -36.34 14.27 56.96
C LYS E 428 -36.22 13.05 56.06
N GLU E 429 -37.31 12.70 55.38
CA GLU E 429 -37.29 11.53 54.49
C GLU E 429 -36.30 11.74 53.35
N GLN E 430 -36.38 12.89 52.68
CA GLN E 430 -35.41 13.22 51.64
C GLN E 430 -33.99 13.05 52.14
N ASN E 431 -33.68 13.62 53.31
CA ASN E 431 -32.32 13.62 53.80
C ASN E 431 -31.84 12.23 54.17
N ASP E 432 -32.74 11.38 54.67
CA ASP E 432 -32.35 10.00 54.96
C ASP E 432 -32.05 9.22 53.70
N SER E 433 -32.88 9.40 52.66
CA SER E 433 -32.54 8.83 51.36
C SER E 433 -31.16 9.30 50.89
N GLY E 434 -30.88 10.59 51.07
CA GLY E 434 -29.57 11.09 50.73
C GLY E 434 -28.45 10.37 51.45
N SER E 435 -28.63 10.13 52.76
CA SER E 435 -27.62 9.41 53.52
C SER E 435 -27.40 8.01 52.97
N GLU E 436 -28.48 7.36 52.53
CA GLU E 436 -28.35 6.01 51.98
C GLU E 436 -27.51 6.03 50.71
N ASN E 437 -27.81 6.99 49.82
CA ASN E 437 -27.00 7.14 48.61
C ASN E 437 -25.55 7.43 48.96
N GLU E 438 -25.31 8.15 50.06
CA GLU E 438 -23.94 8.45 50.46
C GLU E 438 -23.21 7.19 50.88
N ASN E 439 -23.87 6.33 51.66
CA ASN E 439 -23.26 5.04 52.00
C ASN E 439 -22.89 4.26 50.75
N TRP E 440 -23.80 4.22 49.77
CA TRP E 440 -23.49 3.53 48.52
C TRP E 440 -22.26 4.15 47.85
N VAL E 441 -22.17 5.48 47.85
CA VAL E 441 -21.04 6.16 47.24
C VAL E 441 -19.74 5.74 47.89
N LEU E 442 -19.73 5.64 49.22
CA LEU E 442 -18.50 5.27 49.90
C LEU E 442 -18.12 3.82 49.60
N ILE E 443 -19.11 2.93 49.55
CA ILE E 443 -18.84 1.56 49.12
C ILE E 443 -18.15 1.57 47.76
N GLY E 444 -18.68 2.38 46.84
CA GLY E 444 -18.08 2.47 45.52
C GLY E 444 -16.64 2.95 45.56
N LYS E 445 -16.37 3.97 46.38
CA LYS E 445 -15.00 4.49 46.47
C LYS E 445 -14.04 3.44 47.01
N VAL E 446 -14.52 2.61 47.93
CA VAL E 446 -13.67 1.56 48.49
C VAL E 446 -13.34 0.52 47.42
N ILE E 447 -14.38 -0.01 46.76
CA ILE E 447 -14.16 -0.90 45.63
C ILE E 447 -13.17 -0.27 44.66
N ASP E 448 -13.28 1.04 44.48
CA ASP E 448 -12.48 1.74 43.49
C ASP E 448 -11.01 1.73 43.87
N LYS E 449 -10.69 2.08 45.12
CA LYS E 449 -9.30 2.08 45.55
C LYS E 449 -8.69 0.69 45.44
N ALA E 450 -9.43 -0.33 45.87
CA ALA E 450 -8.88 -1.68 45.79
C ALA E 450 -8.62 -2.09 44.35
N PHE E 452 -8.05 -0.21 41.95
CA PHE E 452 -6.92 0.56 41.44
C PHE E 452 -5.60 -0.10 41.80
N TRP E 453 -5.42 -0.44 43.07
CA TRP E 453 -4.18 -1.07 43.46
C TRP E 453 -4.00 -2.42 42.77
N ILE E 454 -5.08 -3.00 42.27
CA ILE E 454 -4.95 -4.23 41.49
C ILE E 454 -4.60 -3.92 40.04
N ALA E 455 -5.25 -2.93 39.45
CA ALA E 455 -5.04 -2.62 38.03
C ALA E 455 -3.65 -2.07 37.78
N LEU E 456 -3.18 -1.16 38.63
CA LEU E 456 -1.83 -0.64 38.48
C LEU E 456 -0.83 -1.79 38.42
N LEU E 457 -0.92 -2.69 39.40
CA LEU E 457 0.00 -3.83 39.45
C LEU E 457 -0.12 -4.68 38.20
N LEU E 458 -1.35 -5.01 37.80
CA LEU E 458 -1.55 -5.89 36.66
C LEU E 458 -0.93 -5.28 35.40
N PHE E 459 -1.29 -4.03 35.10
CA PHE E 459 -0.81 -3.40 33.88
C PHE E 459 0.70 -3.23 33.90
N SER E 460 1.23 -2.73 35.02
CA SER E 460 2.68 -2.55 35.11
C SER E 460 3.42 -3.87 34.93
N ILE E 461 2.94 -4.93 35.60
CA ILE E 461 3.63 -6.21 35.54
C ILE E 461 3.56 -6.80 34.14
N GLY E 462 2.39 -6.74 33.50
CA GLY E 462 2.30 -7.23 32.14
C GLY E 462 3.24 -6.49 31.20
N THR E 463 3.13 -5.17 31.19
CA THR E 463 4.02 -4.34 30.38
C THR E 463 5.48 -4.71 30.61
N LEU E 464 5.89 -4.72 31.88
CA LEU E 464 7.29 -4.89 32.22
C LEU E 464 7.78 -6.28 31.86
N ALA E 465 7.01 -7.32 32.19
CA ALA E 465 7.38 -8.67 31.81
C ALA E 465 7.56 -8.78 30.30
N ILE E 466 6.55 -8.38 29.54
CA ILE E 466 6.61 -8.51 28.10
C ILE E 466 7.84 -7.81 27.55
N PHE E 467 8.07 -6.56 27.97
CA PHE E 467 9.11 -5.79 27.33
C PHE E 467 10.52 -6.12 27.83
N LEU E 468 10.68 -6.58 29.08
CA LEU E 468 12.00 -7.06 29.47
C LEU E 468 12.28 -8.43 28.88
N THR E 469 11.24 -9.23 28.61
CA THR E 469 11.43 -10.44 27.82
C THR E 469 11.98 -10.08 26.43
N GLY E 470 11.38 -9.09 25.80
CA GLY E 470 11.91 -8.57 24.55
C GLY E 470 13.37 -8.14 24.69
N HIS E 471 13.66 -7.34 25.73
CA HIS E 471 15.02 -6.85 25.95
C HIS E 471 16.00 -8.00 26.11
N PHE E 472 15.56 -9.08 26.76
CA PHE E 472 16.42 -10.22 27.01
C PHE E 472 16.55 -11.14 25.82
N ASN E 473 15.68 -11.01 24.82
CA ASN E 473 15.84 -11.78 23.59
C ASN E 473 17.03 -11.20 22.82
N GLN E 474 18.21 -11.68 23.17
CA GLN E 474 19.46 -11.24 22.57
C GLN E 474 20.06 -12.37 21.75
N VAL E 475 20.78 -12.00 20.71
CA VAL E 475 21.41 -12.96 19.80
C VAL E 475 22.31 -13.87 20.64
N PRO E 476 22.45 -15.14 20.28
CA PRO E 476 23.40 -15.99 20.99
C PRO E 476 24.81 -15.41 20.94
N GLU E 477 25.69 -16.02 21.73
CA GLU E 477 27.07 -15.59 21.76
C GLU E 477 27.87 -16.20 20.63
N PHE E 478 27.53 -17.41 20.24
CA PHE E 478 28.16 -18.12 19.15
C PHE E 478 27.20 -18.27 17.98
N PRO E 479 27.68 -18.18 16.74
CA PRO E 479 26.75 -18.30 15.61
C PRO E 479 26.07 -19.66 15.57
N PHE E 480 26.83 -20.71 15.80
CA PHE E 480 26.28 -22.05 15.95
C PHE E 480 26.43 -22.47 17.41
N PRO E 481 25.35 -22.81 18.12
CA PRO E 481 25.46 -23.04 19.58
C PRO E 481 26.59 -23.97 19.98
N GLY E 482 26.59 -25.18 19.44
CA GLY E 482 27.59 -26.16 19.84
C GLY E 482 28.98 -25.80 19.35
N ASP E 483 29.08 -25.31 18.12
CA ASP E 483 30.37 -24.95 17.55
C ASP E 483 31.04 -23.89 18.42
N PRO E 484 32.20 -24.18 19.01
CA PRO E 484 32.86 -23.17 19.86
C PRO E 484 33.41 -21.99 19.10
N ARG E 485 33.53 -22.05 17.78
CA ARG E 485 34.21 -21.01 17.03
C ARG E 485 33.30 -19.81 16.82
N LYS E 486 33.94 -18.64 16.68
CA LYS E 486 33.23 -17.40 16.44
C LYS E 486 32.92 -17.16 14.97
N TYR E 487 33.73 -17.79 14.10
CA TYR E 487 33.61 -17.66 12.62
C TYR E 487 33.71 -16.18 12.24
N VAL E 488 34.74 -15.50 12.75
CA VAL E 488 34.98 -14.05 12.47
C VAL E 488 36.43 -13.89 12.03
N PRO E 489 36.79 -12.87 11.23
CA PRO E 489 38.18 -12.68 10.78
C PRO E 489 39.09 -12.26 11.94
N ILE F 1 -22.80 -55.92 -21.07
CA ILE F 1 -22.87 -54.92 -22.16
C ILE F 1 -21.47 -54.56 -22.62
N VAL F 2 -21.35 -54.12 -23.87
CA VAL F 2 -20.08 -53.67 -24.42
C VAL F 2 -20.26 -52.24 -24.89
N CYS F 3 -19.42 -51.34 -24.37
CA CYS F 3 -19.44 -49.94 -24.72
C CYS F 3 -18.07 -49.52 -25.25
N HIS F 4 -18.03 -48.38 -25.91
CA HIS F 4 -16.78 -47.70 -26.19
C HIS F 4 -16.47 -46.75 -25.04
N THR F 5 -15.19 -46.66 -24.68
CA THR F 5 -14.79 -45.80 -23.59
C THR F 5 -13.53 -45.03 -23.96
N THR F 6 -13.50 -43.77 -23.54
CA THR F 6 -12.30 -42.96 -23.61
C THR F 6 -11.44 -43.09 -22.37
N ALA F 7 -11.84 -43.94 -21.43
CA ALA F 7 -11.03 -44.24 -20.27
C ALA F 7 -9.84 -45.11 -20.61
N THR F 8 -9.64 -45.39 -21.89
CA THR F 8 -8.49 -46.14 -22.37
C THR F 8 -7.89 -45.39 -23.54
N SER F 9 -6.58 -45.52 -23.69
CA SER F 9 -5.84 -44.88 -24.78
C SER F 9 -5.11 -45.95 -25.57
N PRO F 10 -5.54 -46.26 -26.80
CA PRO F 10 -6.61 -45.63 -27.56
C PRO F 10 -8.01 -45.99 -27.09
N ILE F 11 -9.01 -45.44 -27.78
CA ILE F 11 -10.39 -45.79 -27.50
C ILE F 11 -10.61 -47.26 -27.77
N SER F 12 -11.22 -47.94 -26.81
CA SER F 12 -11.37 -49.39 -26.84
C SER F 12 -12.81 -49.77 -26.56
N ALA F 13 -13.18 -50.95 -27.04
CA ALA F 13 -14.48 -51.55 -26.73
C ALA F 13 -14.31 -52.50 -25.56
N VAL F 14 -14.98 -52.19 -24.45
CA VAL F 14 -14.79 -52.91 -23.20
C VAL F 14 -16.15 -53.45 -22.73
N THR F 15 -16.10 -54.31 -21.73
CA THR F 15 -17.30 -54.87 -21.11
C THR F 15 -17.53 -54.17 -19.77
N CYS F 16 -18.67 -53.50 -19.66
CA CYS F 16 -18.96 -52.74 -18.46
C CYS F 16 -19.15 -53.68 -17.27
N PRO F 17 -18.93 -53.21 -16.05
CA PRO F 17 -19.11 -54.06 -14.89
C PRO F 17 -20.59 -54.26 -14.59
N PRO F 18 -20.91 -54.92 -13.48
CA PRO F 18 -22.32 -55.05 -13.10
C PRO F 18 -22.89 -53.73 -12.63
N GLY F 19 -24.13 -53.47 -13.03
CA GLY F 19 -24.84 -52.25 -12.71
C GLY F 19 -24.77 -51.20 -13.79
N GLU F 20 -23.73 -51.23 -14.61
CA GLU F 20 -23.56 -50.26 -15.69
C GLU F 20 -23.90 -50.97 -16.99
N ASN F 21 -25.19 -50.93 -17.34
CA ASN F 21 -25.70 -51.54 -18.56
C ASN F 21 -26.05 -50.50 -19.62
N LEU F 22 -25.45 -49.31 -19.53
CA LEU F 22 -25.73 -48.22 -20.45
C LEU F 22 -24.44 -47.70 -21.06
N CYS F 23 -24.50 -47.37 -22.33
CA CYS F 23 -23.41 -46.74 -23.06
C CYS F 23 -23.76 -45.27 -23.28
N TYR F 24 -22.82 -44.38 -22.96
CA TYR F 24 -23.10 -42.95 -23.04
C TYR F 24 -22.03 -42.25 -23.85
N ARG F 25 -22.33 -41.00 -24.19
CA ARG F 25 -21.46 -40.19 -25.05
C ARG F 25 -21.74 -38.72 -24.75
N LYS F 26 -20.87 -38.10 -23.96
CA LYS F 26 -20.93 -36.67 -23.72
C LYS F 26 -20.09 -35.92 -24.75
N MET F 27 -20.60 -34.78 -25.19
CA MET F 27 -19.89 -33.97 -26.16
C MET F 27 -20.19 -32.51 -25.86
N TRP F 28 -19.13 -31.71 -25.70
CA TRP F 28 -19.27 -30.29 -25.46
C TRP F 28 -18.12 -29.54 -26.10
N CYS F 29 -18.39 -28.29 -26.46
CA CYS F 29 -17.40 -27.44 -27.10
C CYS F 29 -16.59 -26.73 -26.01
N ASP F 30 -15.29 -26.96 -26.01
CA ASP F 30 -14.35 -26.27 -25.15
C ASP F 30 -13.61 -25.20 -25.95
N ALA F 31 -12.56 -24.64 -25.35
CA ALA F 31 -11.77 -23.59 -25.99
C ALA F 31 -11.30 -23.97 -27.39
N PHE F 32 -11.24 -25.26 -27.71
CA PHE F 32 -10.72 -25.73 -28.99
C PHE F 32 -11.81 -26.29 -29.90
N CYS F 33 -13.07 -25.98 -29.62
CA CYS F 33 -14.16 -26.52 -30.43
C CYS F 33 -14.06 -26.10 -31.89
N SER F 34 -13.30 -25.05 -32.19
CA SER F 34 -13.20 -24.57 -33.56
C SER F 34 -12.25 -25.41 -34.38
N SER F 35 -11.07 -25.71 -33.84
CA SER F 35 -10.06 -26.49 -34.54
C SER F 35 -10.29 -27.99 -34.36
N ARG F 36 -10.51 -28.42 -33.13
CA ARG F 36 -10.58 -29.83 -32.81
C ARG F 36 -12.00 -30.37 -32.75
N GLY F 37 -12.98 -29.52 -32.68
CA GLY F 37 -14.35 -29.96 -32.53
C GLY F 37 -14.72 -30.16 -31.09
N LYS F 38 -15.85 -30.83 -30.91
CA LYS F 38 -16.38 -31.06 -29.59
C LYS F 38 -15.57 -32.11 -28.85
N VAL F 39 -15.48 -31.95 -27.54
CA VAL F 39 -14.92 -32.99 -26.71
C VAL F 39 -15.80 -34.23 -26.82
N VAL F 40 -15.23 -35.37 -26.50
CA VAL F 40 -15.93 -36.64 -26.56
C VAL F 40 -15.52 -37.50 -25.38
N GLU F 41 -16.43 -37.68 -24.43
CA GLU F 41 -16.29 -38.66 -23.37
C GLU F 41 -17.20 -39.83 -23.64
N LEU F 42 -16.68 -41.02 -23.46
CA LEU F 42 -17.40 -42.25 -23.71
C LEU F 42 -17.24 -43.17 -22.50
N GLY F 43 -18.18 -44.07 -22.31
CA GLY F 43 -18.05 -45.05 -21.26
C GLY F 43 -19.37 -45.64 -20.87
N CYS F 44 -19.36 -46.30 -19.72
CA CYS F 44 -20.52 -47.00 -19.17
C CYS F 44 -21.00 -46.25 -17.93
N ALA F 45 -22.31 -46.25 -17.74
CA ALA F 45 -22.93 -45.60 -16.61
C ALA F 45 -24.09 -46.46 -16.10
N ALA F 46 -24.26 -46.49 -14.78
CA ALA F 46 -25.40 -47.22 -14.22
C ALA F 46 -26.69 -46.46 -14.45
N THR F 47 -26.79 -45.24 -13.93
CA THR F 47 -27.84 -44.31 -14.30
C THR F 47 -27.32 -43.38 -15.39
N CYS F 48 -28.22 -42.98 -16.28
CA CYS F 48 -27.80 -42.14 -17.38
C CYS F 48 -27.24 -40.84 -16.82
N PRO F 49 -26.09 -40.37 -17.30
CA PRO F 49 -25.45 -39.20 -16.69
C PRO F 49 -26.28 -37.94 -16.91
N SER F 50 -26.01 -36.97 -16.05
CA SER F 50 -26.74 -35.70 -16.10
C SER F 50 -26.22 -34.81 -17.22
N LYS F 51 -27.13 -34.00 -17.77
CA LYS F 51 -26.85 -33.11 -18.87
C LYS F 51 -26.86 -31.67 -18.38
N LYS F 52 -26.01 -30.85 -18.97
CA LYS F 52 -25.87 -29.45 -18.65
C LYS F 52 -26.16 -28.59 -19.88
N PRO F 53 -26.33 -27.28 -19.69
CA PRO F 53 -26.66 -26.42 -20.84
C PRO F 53 -25.74 -26.59 -22.02
N TYR F 54 -24.47 -26.95 -21.80
CA TYR F 54 -23.52 -27.07 -22.90
C TYR F 54 -23.23 -28.51 -23.30
N GLU F 55 -23.55 -29.47 -22.44
CA GLU F 55 -23.30 -30.87 -22.76
C GLU F 55 -24.37 -31.40 -23.70
N GLU F 56 -24.02 -32.46 -24.41
CA GLU F 56 -24.93 -33.13 -25.33
C GLU F 56 -24.73 -34.63 -25.13
N VAL F 57 -25.69 -35.27 -24.46
CA VAL F 57 -25.55 -36.64 -24.02
C VAL F 57 -26.40 -37.57 -24.88
N THR F 58 -25.76 -38.59 -25.41
CA THR F 58 -26.40 -39.75 -26.01
C THR F 58 -26.35 -40.90 -25.02
N CYS F 59 -27.46 -41.62 -24.90
CA CYS F 59 -27.60 -42.63 -23.85
C CYS F 59 -28.31 -43.84 -24.43
N CYS F 60 -27.69 -45.01 -24.31
CA CYS F 60 -28.27 -46.28 -24.76
C CYS F 60 -28.26 -47.32 -23.66
N SER F 61 -28.88 -48.46 -24.00
CA SER F 61 -28.81 -49.69 -23.23
C SER F 61 -28.29 -50.84 -24.09
N THR F 62 -28.01 -50.58 -25.36
CA THR F 62 -27.53 -51.55 -26.33
C THR F 62 -26.01 -51.58 -26.38
N ASP F 63 -25.48 -52.55 -27.12
CA ASP F 63 -24.04 -52.75 -27.23
C ASP F 63 -23.45 -51.83 -28.29
N LYS F 64 -22.47 -51.02 -27.89
CA LYS F 64 -21.71 -50.17 -28.80
C LYS F 64 -22.62 -49.18 -29.54
N CYS F 65 -23.48 -48.51 -28.78
CA CYS F 65 -24.17 -47.33 -29.29
C CYS F 65 -23.28 -46.12 -29.40
N ASN F 66 -22.15 -46.11 -28.71
CA ASN F 66 -21.43 -44.89 -28.38
C ASN F 66 -20.06 -44.83 -29.05
N PRO F 67 -20.02 -44.83 -30.37
CA PRO F 67 -18.75 -44.64 -31.07
C PRO F 67 -18.42 -43.17 -31.21
N HIS F 68 -17.13 -42.91 -31.34
CA HIS F 68 -16.69 -41.57 -31.68
C HIS F 68 -17.35 -41.17 -33.00
N PRO F 69 -17.88 -39.96 -33.10
CA PRO F 69 -18.68 -39.60 -34.28
C PRO F 69 -18.02 -39.92 -35.61
N LYS F 70 -16.72 -40.16 -35.61
CA LYS F 70 -16.00 -40.61 -36.80
C LYS F 70 -15.97 -42.12 -36.92
N GLN F 71 -16.91 -42.83 -36.30
CA GLN F 71 -16.96 -44.28 -36.36
C GLN F 71 -18.42 -44.73 -36.38
N ARG F 72 -18.61 -46.03 -36.66
CA ARG F 72 -19.94 -46.60 -36.78
C ARG F 72 -20.21 -47.59 -35.65
N PRO F 73 -21.41 -47.57 -35.06
CA PRO F 73 -21.76 -48.55 -34.02
C PRO F 73 -22.22 -49.89 -34.59
N ILE G 1 63.07 15.95 6.74
CA ILE G 1 62.76 14.49 6.81
C ILE G 1 62.42 13.98 5.43
N VAL G 2 62.65 12.69 5.18
CA VAL G 2 62.36 12.05 3.91
C VAL G 2 61.39 10.91 4.18
N CYS G 3 60.12 11.11 3.87
CA CYS G 3 59.09 10.11 4.05
C CYS G 3 58.63 9.56 2.72
N HIS G 4 58.07 8.36 2.76
CA HIS G 4 57.37 7.77 1.63
C HIS G 4 55.89 8.11 1.74
N THR G 5 55.31 8.61 0.65
CA THR G 5 53.94 9.10 0.65
C THR G 5 53.14 8.48 -0.49
N THR G 6 51.92 8.08 -0.18
CA THR G 6 50.97 7.61 -1.18
C THR G 6 50.13 8.73 -1.75
N ALA G 7 50.43 9.98 -1.41
CA ALA G 7 49.74 11.13 -1.96
C ALA G 7 50.23 11.49 -3.34
N THR G 8 50.99 10.61 -3.97
CA THR G 8 51.49 10.79 -5.32
C THR G 8 51.26 9.50 -6.10
N SER G 9 51.26 9.63 -7.42
CA SER G 9 51.12 8.49 -8.32
C SER G 9 52.18 8.61 -9.40
N PRO G 10 53.22 7.76 -9.39
CA PRO G 10 53.52 6.67 -8.45
C PRO G 10 53.99 7.15 -7.09
N ILE G 11 54.17 6.21 -6.17
CA ILE G 11 54.67 6.56 -4.85
C ILE G 11 56.02 7.25 -4.99
N SER G 12 56.25 8.23 -4.12
CA SER G 12 57.45 9.03 -4.17
C SER G 12 58.04 9.16 -2.78
N ALA G 13 59.33 9.46 -2.73
CA ALA G 13 60.02 9.79 -1.49
C ALA G 13 60.21 11.30 -1.48
N VAL G 14 59.28 12.00 -0.85
CA VAL G 14 59.29 13.45 -0.80
C VAL G 14 59.48 13.89 0.64
N THR G 15 60.12 15.03 0.81
CA THR G 15 60.40 15.58 2.12
C THR G 15 59.20 16.35 2.64
N CYS G 16 58.99 16.28 3.94
CA CYS G 16 57.82 16.86 4.57
C CYS G 16 58.04 18.35 4.82
N PRO G 17 57.02 19.19 4.65
CA PRO G 17 57.17 20.61 4.99
C PRO G 17 57.46 20.78 6.47
N PRO G 18 57.73 21.99 6.93
CA PRO G 18 58.04 22.20 8.35
C PRO G 18 56.82 21.95 9.22
N GLY G 19 57.01 21.14 10.26
CA GLY G 19 55.97 20.82 11.22
C GLY G 19 55.66 19.34 11.31
N GLU G 20 56.00 18.57 10.28
CA GLU G 20 55.74 17.13 10.24
C GLU G 20 57.03 16.40 9.94
N ASN G 21 57.51 15.62 10.90
CA ASN G 21 58.71 14.79 10.71
C ASN G 21 58.48 13.41 11.30
N LEU G 22 57.28 12.88 11.16
CA LEU G 22 56.94 11.51 11.56
C LEU G 22 56.39 10.77 10.36
N CYS G 23 57.15 9.83 9.83
CA CYS G 23 56.75 9.04 8.67
C CYS G 23 55.86 7.90 9.16
N TYR G 24 54.60 7.92 8.77
CA TYR G 24 53.61 6.94 9.22
C TYR G 24 53.29 5.95 8.10
N ARG G 25 52.57 4.90 8.48
CA ARG G 25 52.15 3.88 7.53
C ARG G 25 50.91 3.18 8.08
N LYS G 26 49.75 3.52 7.54
CA LYS G 26 48.52 2.83 7.90
C LYS G 26 48.29 1.65 6.97
N MET G 27 47.60 0.65 7.49
CA MET G 27 47.30 -0.54 6.71
C MET G 27 46.04 -1.18 7.25
N TRP G 28 45.20 -1.65 6.33
CA TRP G 28 43.97 -2.34 6.65
C TRP G 28 43.41 -2.90 5.36
N CYS G 29 42.79 -4.07 5.45
CA CYS G 29 42.32 -4.74 4.26
C CYS G 29 40.82 -4.49 4.09
N ASP G 30 40.45 -3.98 2.93
CA ASP G 30 39.08 -3.68 2.55
C ASP G 30 38.50 -4.81 1.70
N ALA G 31 37.36 -4.54 1.06
CA ALA G 31 36.64 -5.55 0.30
C ALA G 31 37.54 -6.35 -0.63
N PHE G 32 38.72 -5.82 -0.97
CA PHE G 32 39.71 -6.54 -1.75
C PHE G 32 40.84 -7.08 -0.89
N CYS G 33 40.53 -7.49 0.33
CA CYS G 33 41.49 -8.03 1.28
C CYS G 33 42.29 -9.19 0.70
N SER G 34 41.71 -9.93 -0.25
CA SER G 34 42.34 -11.15 -0.76
C SER G 34 43.17 -10.91 -2.01
N SER G 35 42.54 -10.45 -3.09
CA SER G 35 43.22 -10.39 -4.38
C SER G 35 44.39 -9.42 -4.36
N ARG G 36 44.36 -8.45 -3.48
CA ARG G 36 45.34 -7.37 -3.45
C ARG G 36 46.11 -7.28 -2.16
N GLY G 37 45.44 -7.44 -1.03
CA GLY G 37 46.08 -7.31 0.26
C GLY G 37 45.59 -6.09 1.01
N LYS G 38 46.28 -5.81 2.10
CA LYS G 38 45.92 -4.66 2.92
C LYS G 38 46.17 -3.36 2.17
N VAL G 39 45.34 -2.37 2.45
CA VAL G 39 45.58 -1.05 1.92
C VAL G 39 46.91 -0.53 2.46
N VAL G 40 47.47 0.44 1.76
CA VAL G 40 48.74 1.04 2.13
C VAL G 40 48.61 2.55 2.02
N GLU G 41 48.56 3.22 3.16
CA GLU G 41 48.63 4.67 3.23
C GLU G 41 49.96 5.08 3.84
N LEU G 42 50.61 6.06 3.22
CA LEU G 42 51.92 6.52 3.65
C LEU G 42 51.97 8.03 3.51
N GLY G 43 52.89 8.65 4.24
CA GLY G 43 53.11 10.07 4.06
C GLY G 43 53.74 10.71 5.29
N CYS G 44 53.32 11.94 5.54
CA CYS G 44 53.87 12.78 6.59
C CYS G 44 52.83 12.99 7.68
N ALA G 45 53.32 13.29 8.88
CA ALA G 45 52.46 13.55 10.01
C ALA G 45 53.25 14.26 11.09
N ALA G 46 52.59 15.19 11.79
CA ALA G 46 53.21 15.82 12.95
C ALA G 46 53.08 14.93 14.18
N THR G 47 52.00 14.17 14.27
CA THR G 47 51.79 13.18 15.31
C THR G 47 51.19 11.93 14.69
N CYS G 48 51.52 10.78 15.28
CA CYS G 48 51.08 9.50 14.74
C CYS G 48 49.55 9.42 14.80
N PRO G 49 48.87 9.33 13.65
CA PRO G 49 47.40 9.27 13.68
C PRO G 49 46.91 8.13 14.57
N SER G 50 45.62 8.20 14.89
CA SER G 50 45.04 7.23 15.80
C SER G 50 44.94 5.86 15.12
N LYS G 51 44.66 4.85 15.95
CA LYS G 51 44.55 3.47 15.50
C LYS G 51 43.20 2.91 15.89
N LYS G 52 42.62 2.16 14.98
CA LYS G 52 41.36 1.47 15.19
C LYS G 52 41.62 -0.03 15.30
N PRO G 53 40.59 -0.82 15.61
CA PRO G 53 40.82 -2.26 15.81
C PRO G 53 41.35 -2.96 14.57
N TYR G 54 40.94 -2.53 13.38
CA TYR G 54 41.31 -3.20 12.15
C TYR G 54 42.57 -2.64 11.50
N GLU G 55 43.05 -1.49 11.94
CA GLU G 55 44.20 -0.87 11.31
C GLU G 55 45.51 -1.46 11.84
N GLU G 56 46.60 -1.03 11.22
CA GLU G 56 47.95 -1.50 11.56
C GLU G 56 48.90 -0.35 11.22
N VAL G 57 49.21 0.46 12.21
CA VAL G 57 49.97 1.69 12.03
C VAL G 57 51.38 1.52 12.56
N THR G 58 52.30 2.31 12.01
CA THR G 58 53.70 2.31 12.41
C THR G 58 54.29 3.66 12.05
N CYS G 59 54.54 4.49 13.05
CA CYS G 59 55.11 5.82 12.85
C CYS G 59 56.54 5.84 13.36
N CYS G 60 57.38 6.64 12.71
CA CYS G 60 58.79 6.72 13.01
C CYS G 60 59.22 8.18 13.18
N SER G 61 60.53 8.36 13.40
CA SER G 61 61.14 9.67 13.51
C SER G 61 62.31 9.83 12.56
N THR G 62 62.60 8.83 11.74
CA THR G 62 63.75 8.82 10.85
C THR G 62 63.30 9.04 9.41
N ASP G 63 64.24 8.95 8.49
CA ASP G 63 63.98 9.20 7.07
C ASP G 63 63.60 7.88 6.39
N LYS G 64 62.43 7.87 5.75
CA LYS G 64 62.00 6.76 4.93
C LYS G 64 61.80 5.49 5.76
N CYS G 65 61.13 5.63 6.90
CA CYS G 65 60.77 4.47 7.71
C CYS G 65 59.59 3.70 7.14
N ASN G 66 58.80 4.31 6.26
CA ASN G 66 57.50 3.79 5.87
C ASN G 66 57.47 3.43 4.39
N PRO G 67 58.28 2.48 3.96
CA PRO G 67 58.20 2.02 2.57
C PRO G 67 57.07 1.01 2.40
N HIS G 68 56.65 0.86 1.15
CA HIS G 68 55.69 -0.17 0.84
C HIS G 68 56.22 -1.52 1.31
N PRO G 69 55.39 -2.36 1.90
CA PRO G 69 55.88 -3.64 2.44
C PRO G 69 56.68 -4.47 1.43
N LYS G 70 56.48 -4.21 0.14
CA LYS G 70 57.27 -4.86 -0.91
C LYS G 70 58.49 -4.03 -1.31
N GLN G 71 59.01 -3.23 -0.39
CA GLN G 71 60.25 -2.49 -0.61
C GLN G 71 60.99 -2.41 0.71
N ARG G 72 62.12 -1.72 0.69
CA ARG G 72 62.93 -1.53 1.90
C ARG G 72 63.26 -0.06 2.08
N PRO G 73 63.50 0.39 3.32
CA PRO G 73 63.87 1.78 3.58
C PRO G 73 65.28 2.11 3.13
#